data_3E4B
#
_entry.id   3E4B
#
_cell.length_a   79.090
_cell.length_b   107.820
_cell.length_c   119.030
_cell.angle_alpha   90.00
_cell.angle_beta   96.97
_cell.angle_gamma   90.00
#
_symmetry.space_group_name_H-M   'P 1 21 1'
#
loop_
_entity.id
_entity.type
_entity.pdbx_description
1 polymer AlgK
2 non-polymer 'CHLORIDE ION'
3 non-polymer GLYCEROL
4 water water
#
_entity_poly.entity_id   1
_entity_poly.type   'polypeptide(L)'
_entity_poly.pdbx_seq_one_letter_code
;MAGLPDQRLANEALKRGDTVTAQQNYQQLAELGYSEAQVGLADIQVGTRDPAQIKQAEATYRAAADTSPRAQARLGRLLA
AKPGATEAEHHEAESLLKKAFANGEGNTLIPLAMLYLQYPHSFPNVNAQQQISQWQAAGYPEAGLAQVLLYRTQGTYDQH
LDDVERICKAALNTTDICYVELATVYQKKQQPEQQAELLKQMEAGVSRGTVTAQRVDSVARVLGDATLGTPDEKTAQALL
EKIAPGYPASWVSLAQLLYDFPELGDVEQMMKYLDNGRAADQPRAELLLGKLYYEGKWVPADAKAAEAHFEKAVGREVAA
DYYLGQIYRRGYLGKVYPQKALDHLLTAARNGQNSADFAIAQLFSQGKGTKPDPLNAYVFSQLAKAQDTPEANDLATQLE
APLTPAQRAEGQRLVQQELAARGTLAQSTLQLHALQEEDGEESLLEHHHHHH
;
_entity_poly.pdbx_strand_id   A,B,C,D
#
loop_
_chem_comp.id
_chem_comp.type
_chem_comp.name
_chem_comp.formula
CL non-polymer 'CHLORIDE ION' 'Cl -1'
GOL non-polymer GLYCEROL 'C3 H8 O3'
#
# COMPACT_ATOMS: atom_id res chain seq x y z
N ASP A 6 -52.26 18.74 19.90
CA ASP A 6 -52.36 18.88 18.39
C ASP A 6 -52.23 17.49 17.82
N GLN A 7 -53.37 16.89 17.49
CA GLN A 7 -53.34 15.52 16.95
C GLN A 7 -52.89 15.56 15.48
N ARG A 8 -52.60 16.76 14.98
CA ARG A 8 -52.19 16.89 13.59
C ARG A 8 -50.80 16.29 13.35
N LEU A 9 -49.81 16.80 14.09
CA LEU A 9 -48.44 16.33 13.97
C LEU A 9 -48.25 15.01 14.72
N ALA A 10 -48.85 14.89 15.91
CA ALA A 10 -48.72 13.65 16.69
C ALA A 10 -49.04 12.43 15.83
N ASN A 11 -49.97 12.59 14.90
CA ASN A 11 -50.37 11.52 14.00
C ASN A 11 -49.46 11.48 12.78
N GLU A 12 -48.46 12.36 12.78
CA GLU A 12 -47.49 12.41 11.69
C GLU A 12 -46.24 11.75 12.29
N ALA A 13 -45.99 12.09 13.56
CA ALA A 13 -44.86 11.54 14.29
C ALA A 13 -45.05 10.04 14.41
N LEU A 14 -46.30 9.60 14.55
CA LEU A 14 -46.57 8.17 14.65
C LEU A 14 -46.21 7.42 13.37
N LYS A 15 -46.57 7.96 12.21
CA LYS A 15 -46.26 7.27 10.95
C LYS A 15 -44.75 7.17 10.68
N ARG A 16 -43.99 8.12 11.22
CA ARG A 16 -42.55 8.14 11.05
C ARG A 16 -41.89 7.22 12.07
N GLY A 17 -42.65 6.88 13.10
CA GLY A 17 -42.20 6.01 14.16
C GLY A 17 -42.38 4.57 13.71
N ASP A 18 -43.36 4.35 12.84
CA ASP A 18 -43.58 3.01 12.31
C ASP A 18 -42.36 2.71 11.47
N THR A 19 -41.94 3.70 10.68
CA THR A 19 -40.78 3.58 9.80
C THR A 19 -39.49 3.17 10.50
N VAL A 20 -39.14 3.78 11.63
CA VAL A 20 -37.90 3.36 12.26
C VAL A 20 -38.12 2.00 12.90
N THR A 21 -39.29 1.78 13.46
CA THR A 21 -39.60 0.51 14.09
C THR A 21 -39.64 -0.67 13.10
N ALA A 22 -40.02 -0.41 11.86
CA ALA A 22 -40.09 -1.47 10.88
C ALA A 22 -38.68 -1.90 10.53
N GLN A 23 -37.78 -0.93 10.36
CA GLN A 23 -36.40 -1.24 10.03
C GLN A 23 -35.81 -2.13 11.15
N GLN A 24 -36.04 -1.74 12.40
CA GLN A 24 -35.52 -2.51 13.53
C GLN A 24 -36.08 -3.96 13.55
N ASN A 25 -37.36 -4.12 13.20
CA ASN A 25 -37.99 -5.41 13.17
C ASN A 25 -37.36 -6.28 12.12
N TYR A 26 -37.00 -5.69 10.98
CA TYR A 26 -36.37 -6.45 9.91
C TYR A 26 -35.03 -6.96 10.40
N GLN A 27 -34.19 -6.04 10.87
CA GLN A 27 -32.88 -6.40 11.41
C GLN A 27 -32.98 -7.50 12.47
N GLN A 28 -33.97 -7.42 13.35
CA GLN A 28 -34.09 -8.44 14.38
C GLN A 28 -34.57 -9.79 13.85
N LEU A 29 -35.34 -9.77 12.76
CA LEU A 29 -35.85 -11.02 12.18
C LEU A 29 -34.70 -11.65 11.40
N ALA A 30 -33.91 -10.82 10.72
CA ALA A 30 -32.75 -11.31 9.99
C ALA A 30 -31.74 -11.89 10.98
N GLU A 31 -31.46 -11.18 12.08
CA GLU A 31 -30.51 -11.71 13.04
C GLU A 31 -30.96 -13.08 13.50
N LEU A 32 -32.25 -13.19 13.76
CA LEU A 32 -32.86 -14.42 14.23
C LEU A 32 -32.82 -15.61 13.24
N GLY A 33 -32.74 -15.33 11.95
CA GLY A 33 -32.66 -16.43 11.01
C GLY A 33 -33.68 -16.42 9.90
N TYR A 34 -34.68 -15.57 10.04
CA TYR A 34 -35.71 -15.46 9.02
C TYR A 34 -35.09 -15.07 7.70
N SER A 35 -35.49 -15.71 6.61
CA SER A 35 -34.99 -15.34 5.30
C SER A 35 -35.83 -14.16 4.79
N GLU A 36 -35.48 -13.59 3.63
CA GLU A 36 -36.25 -12.48 3.10
C GLU A 36 -37.61 -12.98 2.62
N ALA A 37 -37.64 -14.19 2.08
CA ALA A 37 -38.90 -14.77 1.63
C ALA A 37 -39.85 -14.81 2.83
N GLN A 38 -39.36 -15.31 3.95
CA GLN A 38 -40.16 -15.44 5.17
C GLN A 38 -40.65 -14.14 5.81
N VAL A 39 -40.04 -13.00 5.49
CA VAL A 39 -40.51 -11.76 6.06
C VAL A 39 -41.20 -10.92 5.01
N GLY A 40 -41.51 -11.54 3.87
CA GLY A 40 -42.19 -10.86 2.78
C GLY A 40 -41.37 -9.87 2.00
N LEU A 41 -40.11 -10.22 1.74
CA LEU A 41 -39.21 -9.34 0.96
C LEU A 41 -38.58 -10.12 -0.18
N ALA A 42 -39.39 -10.87 -0.92
CA ALA A 42 -38.85 -11.64 -2.04
C ALA A 42 -39.89 -11.87 -3.14
N ALA A 71 -47.04 -9.21 -11.90
CA ALA A 71 -47.42 -7.88 -12.39
C ALA A 71 -47.74 -6.95 -11.23
N GLN A 72 -49.01 -6.91 -10.83
CA GLN A 72 -49.38 -6.09 -9.70
C GLN A 72 -48.70 -6.77 -8.49
N ALA A 73 -48.44 -8.08 -8.60
CA ALA A 73 -47.80 -8.84 -7.52
C ALA A 73 -46.39 -8.31 -7.25
N ARG A 74 -45.53 -8.41 -8.27
CA ARG A 74 -44.17 -7.93 -8.15
C ARG A 74 -44.17 -6.49 -7.69
N LEU A 75 -44.99 -5.67 -8.33
CA LEU A 75 -45.06 -4.26 -7.99
C LEU A 75 -45.56 -3.98 -6.58
N GLY A 76 -46.71 -4.51 -6.26
CA GLY A 76 -47.29 -4.28 -4.94
C GLY A 76 -46.41 -4.74 -3.79
N ARG A 77 -45.53 -5.68 -4.09
CA ARG A 77 -44.63 -6.21 -3.08
C ARG A 77 -43.39 -5.33 -3.02
N LEU A 78 -42.89 -4.94 -4.19
CA LEU A 78 -41.74 -4.05 -4.25
C LEU A 78 -42.10 -2.81 -3.42
N LEU A 79 -43.30 -2.27 -3.60
CA LEU A 79 -43.69 -1.07 -2.87
C LEU A 79 -43.80 -1.22 -1.36
N ALA A 80 -44.43 -2.31 -0.93
CA ALA A 80 -44.63 -2.56 0.49
C ALA A 80 -43.32 -2.65 1.29
N ALA A 81 -42.23 -3.08 0.66
CA ALA A 81 -40.96 -3.18 1.36
C ALA A 81 -39.95 -2.13 0.89
N LYS A 82 -40.41 -1.19 0.09
CA LYS A 82 -39.55 -0.13 -0.42
C LYS A 82 -39.00 0.71 0.72
N ALA A 85 -40.89 4.38 2.29
CA ALA A 85 -41.84 4.71 1.24
C ALA A 85 -42.90 5.67 1.77
N THR A 86 -43.54 6.39 0.86
CA THR A 86 -44.56 7.37 1.24
C THR A 86 -45.88 6.69 1.56
N GLU A 87 -46.73 7.38 2.32
CA GLU A 87 -48.02 6.83 2.68
C GLU A 87 -48.89 6.60 1.45
N ALA A 88 -48.46 7.07 0.30
CA ALA A 88 -49.22 6.86 -0.93
C ALA A 88 -48.81 5.49 -1.46
N GLU A 89 -47.53 5.16 -1.28
CA GLU A 89 -47.01 3.88 -1.74
C GLU A 89 -47.49 2.74 -0.83
N HIS A 90 -47.67 3.04 0.45
CA HIS A 90 -48.15 2.05 1.40
C HIS A 90 -49.58 1.66 1.04
N HIS A 91 -50.37 2.64 0.60
CA HIS A 91 -51.75 2.38 0.22
C HIS A 91 -51.88 1.82 -1.18
N GLU A 92 -50.96 2.19 -2.06
CA GLU A 92 -50.98 1.68 -3.42
C GLU A 92 -50.55 0.22 -3.31
N ALA A 93 -49.63 -0.02 -2.38
CA ALA A 93 -49.12 -1.37 -2.14
C ALA A 93 -50.22 -2.27 -1.60
N GLU A 94 -50.96 -1.79 -0.61
CA GLU A 94 -52.01 -2.60 -0.05
C GLU A 94 -52.95 -3.11 -1.13
N SER A 95 -53.56 -2.17 -1.86
CA SER A 95 -54.50 -2.49 -2.92
C SER A 95 -53.93 -3.40 -3.99
N LEU A 96 -52.70 -3.15 -4.40
CA LEU A 96 -52.05 -3.98 -5.42
C LEU A 96 -51.95 -5.43 -4.93
N LEU A 97 -51.70 -5.58 -3.64
CA LEU A 97 -51.56 -6.89 -3.00
C LEU A 97 -52.91 -7.54 -2.74
N LYS A 98 -53.84 -6.77 -2.18
CA LYS A 98 -55.17 -7.25 -1.87
C LYS A 98 -55.84 -7.82 -3.12
N LYS A 99 -55.49 -7.28 -4.28
CA LYS A 99 -56.06 -7.75 -5.53
C LYS A 99 -55.39 -9.05 -5.98
N ALA A 100 -54.08 -9.01 -6.16
CA ALA A 100 -53.35 -10.20 -6.59
C ALA A 100 -53.72 -11.36 -5.67
N PHE A 101 -54.14 -11.05 -4.45
CA PHE A 101 -54.52 -12.09 -3.50
C PHE A 101 -55.74 -12.86 -3.96
N ALA A 102 -56.82 -12.14 -4.20
CA ALA A 102 -58.07 -12.75 -4.66
C ALA A 102 -57.85 -13.59 -5.91
N ASN A 103 -56.84 -13.22 -6.69
CA ASN A 103 -56.54 -13.93 -7.93
C ASN A 103 -55.43 -14.96 -7.89
N GLY A 104 -55.44 -15.76 -6.83
CA GLY A 104 -54.49 -16.85 -6.65
C GLY A 104 -53.00 -16.63 -6.89
N GLU A 105 -52.48 -15.48 -6.44
CA GLU A 105 -51.06 -15.22 -6.59
C GLU A 105 -50.35 -15.53 -5.28
N GLY A 106 -49.69 -16.67 -5.20
CA GLY A 106 -48.98 -16.99 -3.99
C GLY A 106 -47.94 -15.91 -3.73
N ASN A 107 -47.38 -15.93 -2.53
CA ASN A 107 -46.37 -14.98 -2.09
C ASN A 107 -46.98 -13.58 -1.98
N THR A 108 -48.22 -13.50 -1.50
CA THR A 108 -48.85 -12.21 -1.34
C THR A 108 -49.36 -12.01 0.08
N LEU A 109 -49.65 -13.10 0.77
CA LEU A 109 -50.16 -13.00 2.14
C LEU A 109 -49.12 -12.48 3.15
N ILE A 110 -47.91 -13.04 3.13
CA ILE A 110 -46.88 -12.59 4.06
C ILE A 110 -46.54 -11.14 3.74
N PRO A 111 -46.42 -10.80 2.44
CA PRO A 111 -46.11 -9.41 2.09
C PRO A 111 -47.17 -8.42 2.60
N LEU A 112 -48.44 -8.83 2.52
CA LEU A 112 -49.53 -7.97 2.97
C LEU A 112 -49.55 -7.87 4.50
N ALA A 113 -49.36 -9.00 5.17
CA ALA A 113 -49.36 -9.01 6.63
C ALA A 113 -48.23 -8.12 7.16
N MET A 114 -47.06 -8.18 6.52
CA MET A 114 -45.98 -7.35 6.99
C MET A 114 -46.33 -5.86 6.83
N LEU A 115 -46.94 -5.51 5.70
CA LEU A 115 -47.33 -4.12 5.48
C LEU A 115 -48.17 -3.60 6.65
N TYR A 116 -49.18 -4.37 7.05
CA TYR A 116 -50.07 -3.96 8.14
C TYR A 116 -49.36 -3.97 9.47
N LEU A 117 -48.51 -4.96 9.68
CA LEU A 117 -47.78 -5.09 10.93
C LEU A 117 -46.67 -4.04 11.11
N GLN A 118 -46.05 -3.64 10.01
CA GLN A 118 -44.97 -2.68 10.09
C GLN A 118 -45.40 -1.22 10.06
N TYR A 119 -46.55 -0.94 9.47
CA TYR A 119 -47.02 0.44 9.41
C TYR A 119 -48.48 0.55 9.82
N PRO A 120 -48.83 0.04 11.00
CA PRO A 120 -50.22 0.12 11.41
C PRO A 120 -50.85 1.52 11.36
N HIS A 121 -50.09 2.54 11.76
CA HIS A 121 -50.62 3.89 11.78
C HIS A 121 -50.96 4.43 10.38
N SER A 122 -50.76 3.61 9.37
CA SER A 122 -51.08 4.01 8.00
C SER A 122 -52.37 3.30 7.61
N PHE A 123 -52.82 2.39 8.47
CA PHE A 123 -54.01 1.62 8.18
C PHE A 123 -54.99 1.57 9.35
N PRO A 124 -55.76 2.65 9.53
CA PRO A 124 -56.74 2.71 10.62
C PRO A 124 -57.90 1.75 10.36
N ASN A 125 -58.17 1.47 9.07
CA ASN A 125 -59.24 0.58 8.67
C ASN A 125 -58.96 -0.87 9.07
N VAL A 126 -57.67 -1.22 9.22
CA VAL A 126 -57.31 -2.58 9.56
C VAL A 126 -56.85 -2.89 10.97
N ASN A 127 -57.17 -4.10 11.40
CA ASN A 127 -56.77 -4.66 12.68
C ASN A 127 -56.08 -5.98 12.33
N ALA A 128 -54.82 -5.89 11.96
CA ALA A 128 -54.04 -7.05 11.58
C ALA A 128 -54.40 -8.39 12.24
N GLN A 129 -54.54 -8.44 13.57
CA GLN A 129 -54.85 -9.72 14.23
C GLN A 129 -56.13 -10.38 13.72
N GLN A 130 -57.17 -9.58 13.57
CA GLN A 130 -58.44 -10.10 13.07
C GLN A 130 -58.23 -10.58 11.63
N GLN A 131 -57.54 -9.76 10.85
CA GLN A 131 -57.24 -10.06 9.47
C GLN A 131 -56.50 -11.40 9.36
N ILE A 132 -55.51 -11.60 10.23
CA ILE A 132 -54.75 -12.83 10.24
C ILE A 132 -55.63 -13.98 10.77
N SER A 133 -56.50 -13.69 11.73
CA SER A 133 -57.42 -14.72 12.25
C SER A 133 -58.35 -15.23 11.13
N GLN A 134 -58.72 -14.33 10.22
CA GLN A 134 -59.59 -14.67 9.11
C GLN A 134 -58.87 -15.65 8.20
N TRP A 135 -57.64 -15.30 7.80
CA TRP A 135 -56.84 -16.14 6.92
C TRP A 135 -56.55 -17.51 7.48
N GLN A 136 -56.42 -17.62 8.81
CA GLN A 136 -56.17 -18.91 9.42
C GLN A 136 -57.42 -19.76 9.25
N ALA A 137 -58.57 -19.16 9.53
CA ALA A 137 -59.85 -19.83 9.41
C ALA A 137 -60.10 -20.27 7.97
N ALA A 138 -59.66 -19.43 7.03
CA ALA A 138 -59.85 -19.73 5.63
C ALA A 138 -59.00 -20.93 5.23
N GLY A 139 -57.93 -21.17 5.97
CA GLY A 139 -57.05 -22.30 5.67
C GLY A 139 -55.76 -21.98 4.94
N TYR A 140 -55.50 -20.69 4.67
CA TYR A 140 -54.27 -20.29 3.97
C TYR A 140 -53.01 -20.80 4.68
N PRO A 141 -52.20 -21.59 3.96
CA PRO A 141 -50.95 -22.18 4.48
C PRO A 141 -50.00 -21.23 5.22
N GLU A 142 -49.82 -20.02 4.71
CA GLU A 142 -48.91 -19.08 5.35
C GLU A 142 -49.51 -18.27 6.54
N ALA A 143 -50.75 -18.56 6.91
CA ALA A 143 -51.41 -17.82 8.00
C ALA A 143 -50.73 -17.90 9.34
N GLY A 144 -50.31 -19.10 9.71
CA GLY A 144 -49.64 -19.29 10.99
C GLY A 144 -48.35 -18.50 11.06
N LEU A 145 -47.59 -18.48 9.97
CA LEU A 145 -46.35 -17.74 9.94
C LEU A 145 -46.71 -16.28 10.17
N ALA A 146 -47.70 -15.78 9.42
CA ALA A 146 -48.15 -14.39 9.58
C ALA A 146 -48.53 -14.15 11.04
N GLN A 147 -49.22 -15.12 11.62
CA GLN A 147 -49.62 -15.02 13.02
C GLN A 147 -48.37 -14.94 13.95
N VAL A 148 -47.30 -15.63 13.57
CA VAL A 148 -46.10 -15.62 14.39
C VAL A 148 -45.37 -14.32 14.20
N LEU A 149 -45.34 -13.81 12.96
CA LEU A 149 -44.71 -12.51 12.75
C LEU A 149 -45.51 -11.50 13.56
N LEU A 150 -46.79 -11.77 13.76
CA LEU A 150 -47.60 -10.85 14.54
C LEU A 150 -47.10 -10.75 15.99
N TYR A 151 -46.95 -11.89 16.65
CA TYR A 151 -46.49 -11.89 18.04
C TYR A 151 -45.11 -11.29 18.18
N ARG A 152 -44.29 -11.42 17.13
CA ARG A 152 -42.94 -10.90 17.19
C ARG A 152 -42.86 -9.40 16.97
N THR A 153 -43.75 -8.86 16.14
CA THR A 153 -43.78 -7.45 15.85
C THR A 153 -44.43 -6.65 16.99
N GLN A 154 -45.54 -7.15 17.50
CA GLN A 154 -46.29 -6.49 18.56
C GLN A 154 -45.70 -6.74 19.95
N GLY A 155 -44.83 -7.72 20.06
CA GLY A 155 -44.19 -8.01 21.34
C GLY A 155 -44.92 -8.92 22.30
N THR A 156 -45.88 -9.70 21.83
CA THR A 156 -46.64 -10.57 22.71
C THR A 156 -46.22 -12.03 22.67
N TYR A 157 -45.09 -12.32 22.04
CA TYR A 157 -44.60 -13.68 21.91
C TYR A 157 -44.68 -14.50 23.19
N ASP A 158 -44.13 -13.97 24.27
CA ASP A 158 -44.13 -14.70 25.53
C ASP A 158 -45.52 -15.10 26.01
N GLN A 159 -46.56 -14.36 25.63
CA GLN A 159 -47.90 -14.71 26.05
C GLN A 159 -48.55 -15.82 25.21
N HIS A 160 -47.96 -16.13 24.06
CA HIS A 160 -48.52 -17.14 23.16
C HIS A 160 -47.61 -18.32 22.83
N LEU A 161 -46.65 -18.62 23.69
CA LEU A 161 -45.74 -19.74 23.40
C LEU A 161 -46.51 -20.99 22.98
N ASP A 162 -47.73 -21.16 23.48
CA ASP A 162 -48.50 -22.32 23.12
C ASP A 162 -49.01 -22.25 21.70
N ASP A 163 -49.44 -21.07 21.29
CA ASP A 163 -49.94 -20.90 19.94
C ASP A 163 -48.76 -21.02 18.97
N VAL A 164 -47.58 -20.58 19.39
CA VAL A 164 -46.45 -20.68 18.49
C VAL A 164 -46.15 -22.16 18.26
N GLU A 165 -46.02 -22.88 19.36
CA GLU A 165 -45.73 -24.31 19.32
C GLU A 165 -46.65 -25.03 18.40
N ARG A 166 -47.93 -24.70 18.50
CA ARG A 166 -48.93 -25.35 17.69
C ARG A 166 -48.82 -25.01 16.21
N ILE A 167 -48.70 -23.72 15.91
CA ILE A 167 -48.61 -23.25 14.54
C ILE A 167 -47.38 -23.85 13.88
N CYS A 168 -46.27 -23.79 14.57
CA CYS A 168 -45.02 -24.29 14.02
C CYS A 168 -44.80 -25.81 13.92
N LYS A 169 -45.49 -26.61 14.73
CA LYS A 169 -45.32 -28.06 14.61
C LYS A 169 -45.95 -28.48 13.28
N ALA A 170 -47.02 -27.78 12.92
CA ALA A 170 -47.78 -28.07 11.72
C ALA A 170 -47.16 -27.57 10.41
N ALA A 171 -46.40 -26.49 10.51
CA ALA A 171 -45.79 -25.93 9.32
C ALA A 171 -44.31 -26.28 9.21
N LEU A 172 -43.80 -26.99 10.21
CA LEU A 172 -42.38 -27.35 10.29
C LEU A 172 -41.72 -27.95 9.06
N ASN A 173 -42.42 -28.82 8.36
CA ASN A 173 -41.84 -29.43 7.19
C ASN A 173 -42.04 -28.59 5.95
N THR A 174 -42.66 -27.42 6.10
CA THR A 174 -42.88 -26.54 4.93
C THR A 174 -42.21 -25.17 5.12
N THR A 175 -41.92 -24.83 6.37
CA THR A 175 -41.33 -23.54 6.72
C THR A 175 -40.15 -23.82 7.65
N ASP A 176 -38.94 -23.80 7.10
CA ASP A 176 -37.75 -24.12 7.91
C ASP A 176 -37.47 -23.19 9.07
N ILE A 177 -38.04 -21.97 9.04
CA ILE A 177 -37.83 -21.03 10.14
C ILE A 177 -38.47 -21.57 11.43
N CYS A 178 -39.45 -22.46 11.29
CA CYS A 178 -40.09 -23.05 12.44
C CYS A 178 -39.18 -23.89 13.34
N TYR A 179 -38.02 -24.29 12.83
CA TYR A 179 -37.12 -25.05 13.66
C TYR A 179 -36.62 -24.08 14.72
N VAL A 180 -36.45 -22.82 14.31
CA VAL A 180 -35.96 -21.76 15.19
C VAL A 180 -37.01 -21.38 16.22
N GLU A 181 -38.26 -21.34 15.79
CA GLU A 181 -39.35 -20.97 16.70
C GLU A 181 -39.62 -22.05 17.74
N LEU A 182 -39.57 -23.33 17.34
CA LEU A 182 -39.81 -24.41 18.30
C LEU A 182 -38.65 -24.49 19.32
N ALA A 183 -37.44 -24.26 18.84
CA ALA A 183 -36.26 -24.28 19.71
C ALA A 183 -36.39 -23.11 20.68
N THR A 184 -37.06 -22.06 20.24
CA THR A 184 -37.24 -20.91 21.10
C THR A 184 -38.25 -21.30 22.15
N VAL A 185 -39.34 -21.90 21.70
CA VAL A 185 -40.38 -22.31 22.64
C VAL A 185 -39.86 -23.34 23.63
N TYR A 186 -39.20 -24.39 23.14
CA TYR A 186 -38.70 -25.39 24.06
C TYR A 186 -37.59 -24.86 24.97
N GLN A 187 -37.10 -23.66 24.69
CA GLN A 187 -36.09 -23.08 25.56
C GLN A 187 -36.84 -22.29 26.65
N LYS A 188 -37.85 -21.53 26.26
CA LYS A 188 -38.58 -20.76 27.24
C LYS A 188 -39.41 -21.64 28.15
N LYS A 189 -40.08 -22.65 27.60
CA LYS A 189 -40.87 -23.59 28.40
C LYS A 189 -39.96 -24.52 29.20
N GLN A 190 -38.65 -24.28 29.08
CA GLN A 190 -37.64 -25.09 29.75
C GLN A 190 -37.93 -26.57 29.56
N GLN A 191 -38.04 -26.98 28.30
CA GLN A 191 -38.36 -28.37 28.00
C GLN A 191 -37.27 -29.06 27.24
N PRO A 192 -36.27 -29.55 27.97
CA PRO A 192 -35.10 -30.27 27.49
C PRO A 192 -35.42 -31.46 26.60
N GLU A 193 -36.34 -32.31 27.04
CA GLU A 193 -36.72 -33.48 26.25
C GLU A 193 -37.20 -33.14 24.84
N GLN A 194 -38.25 -32.32 24.74
CA GLN A 194 -38.80 -31.90 23.44
C GLN A 194 -37.71 -31.31 22.51
N GLN A 195 -36.73 -30.62 23.08
CA GLN A 195 -35.64 -30.02 22.32
C GLN A 195 -34.77 -31.08 21.68
N ALA A 196 -34.53 -32.18 22.41
CA ALA A 196 -33.69 -33.24 21.86
C ALA A 196 -34.44 -33.90 20.70
N GLU A 197 -35.76 -34.02 20.83
CA GLU A 197 -36.51 -34.60 19.73
C GLU A 197 -36.39 -33.65 18.55
N LEU A 198 -36.65 -32.36 18.78
CA LEU A 198 -36.56 -31.35 17.71
C LEU A 198 -35.20 -31.44 17.03
N LEU A 199 -34.13 -31.34 17.81
CA LEU A 199 -32.79 -31.43 17.26
C LEU A 199 -32.58 -32.63 16.35
N LYS A 200 -33.09 -33.79 16.77
CA LYS A 200 -32.98 -34.99 15.95
C LYS A 200 -33.79 -34.85 14.66
N GLN A 201 -34.94 -34.19 14.76
CA GLN A 201 -35.72 -33.98 13.55
C GLN A 201 -34.88 -33.10 12.62
N MET A 202 -34.25 -32.08 13.20
CA MET A 202 -33.43 -31.16 12.42
C MET A 202 -32.23 -31.84 11.78
N GLU A 203 -31.58 -32.73 12.54
CA GLU A 203 -30.43 -33.47 12.03
C GLU A 203 -30.89 -34.39 10.91
N ALA A 204 -31.98 -35.10 11.18
CA ALA A 204 -32.57 -36.02 10.21
C ALA A 204 -32.87 -35.29 8.89
N GLY A 205 -33.25 -34.02 8.97
CA GLY A 205 -33.55 -33.21 7.79
C GLY A 205 -32.30 -32.77 7.05
N VAL A 206 -31.25 -32.54 7.81
CA VAL A 206 -29.94 -32.20 7.25
C VAL A 206 -29.52 -33.42 6.38
N SER A 207 -29.64 -34.61 6.97
CA SER A 207 -29.31 -35.88 6.32
C SER A 207 -30.08 -36.08 5.04
N ARG A 208 -31.37 -35.74 5.10
CA ARG A 208 -32.28 -35.88 3.96
C ARG A 208 -32.21 -34.68 3.02
N GLY A 209 -31.37 -33.70 3.38
CA GLY A 209 -31.23 -32.50 2.56
C GLY A 209 -32.35 -31.45 2.62
N THR A 210 -33.11 -31.40 3.72
CA THR A 210 -34.19 -30.42 3.81
C THR A 210 -33.92 -29.30 4.81
N VAL A 211 -32.72 -29.30 5.38
CA VAL A 211 -32.32 -28.28 6.35
C VAL A 211 -30.94 -27.75 5.96
N THR A 212 -30.77 -26.43 5.92
CA THR A 212 -29.48 -25.87 5.53
C THR A 212 -28.58 -25.61 6.71
N ALA A 213 -27.34 -25.23 6.43
CA ALA A 213 -26.41 -24.94 7.52
C ALA A 213 -26.83 -23.63 8.19
N GLN A 214 -27.39 -22.70 7.44
CA GLN A 214 -27.82 -21.49 8.11
C GLN A 214 -28.94 -21.71 9.14
N ARG A 215 -29.81 -22.69 8.90
CA ARG A 215 -30.86 -22.98 9.87
C ARG A 215 -30.16 -23.44 11.11
N VAL A 216 -29.43 -24.55 10.98
CA VAL A 216 -28.68 -25.14 12.11
C VAL A 216 -27.90 -24.09 12.88
N ASP A 217 -27.30 -23.14 12.17
CA ASP A 217 -26.55 -22.09 12.85
C ASP A 217 -27.52 -21.29 13.72
N SER A 218 -28.65 -20.93 13.12
CA SER A 218 -29.66 -20.15 13.80
C SER A 218 -30.24 -20.90 14.99
N VAL A 219 -30.49 -22.20 14.84
CA VAL A 219 -31.03 -22.97 15.94
C VAL A 219 -30.00 -22.99 17.06
N ALA A 220 -28.74 -23.19 16.69
CA ALA A 220 -27.64 -23.22 17.65
C ALA A 220 -27.52 -21.91 18.43
N ARG A 221 -27.73 -20.79 17.75
CA ARG A 221 -27.66 -19.50 18.43
C ARG A 221 -28.83 -19.34 19.39
N VAL A 222 -29.89 -20.09 19.15
CA VAL A 222 -31.05 -20.06 20.03
C VAL A 222 -30.70 -20.82 21.31
N LEU A 223 -29.92 -21.89 21.13
CA LEU A 223 -29.48 -22.73 22.22
C LEU A 223 -28.43 -22.01 23.03
N GLY A 224 -27.82 -21.01 22.40
CA GLY A 224 -26.78 -20.27 23.09
C GLY A 224 -27.23 -18.89 23.48
N ASP A 225 -28.52 -18.75 23.81
CA ASP A 225 -29.09 -17.47 24.22
C ASP A 225 -29.46 -17.49 25.69
N ALA A 226 -28.57 -17.02 26.56
CA ALA A 226 -28.83 -16.99 28.00
C ALA A 226 -30.17 -16.35 28.34
N THR A 227 -30.65 -15.51 27.44
CA THR A 227 -31.93 -14.82 27.62
C THR A 227 -33.15 -15.72 27.56
N LEU A 228 -33.09 -16.75 26.71
CA LEU A 228 -34.24 -17.63 26.55
C LEU A 228 -34.55 -18.57 27.73
N GLY A 229 -33.68 -18.58 28.73
CA GLY A 229 -33.90 -19.44 29.88
C GLY A 229 -32.63 -20.18 30.26
N THR A 230 -32.65 -21.50 30.11
CA THR A 230 -31.48 -22.35 30.42
C THR A 230 -30.77 -22.79 29.14
N PRO A 231 -29.70 -22.09 28.73
CA PRO A 231 -28.92 -22.40 27.53
C PRO A 231 -28.12 -23.70 27.48
N ASP A 232 -28.11 -24.32 26.31
CA ASP A 232 -27.38 -25.55 26.07
C ASP A 232 -26.16 -25.14 25.23
N GLU A 233 -25.29 -24.33 25.83
CA GLU A 233 -24.08 -23.83 25.19
C GLU A 233 -23.19 -24.87 24.48
N LYS A 234 -22.94 -25.98 25.15
CA LYS A 234 -22.08 -27.01 24.57
C LYS A 234 -22.68 -27.65 23.33
N THR A 235 -23.99 -27.89 23.36
CA THR A 235 -24.67 -28.45 22.19
C THR A 235 -24.54 -27.40 21.07
N ALA A 236 -24.71 -26.13 21.43
CA ALA A 236 -24.58 -25.06 20.46
C ALA A 236 -23.21 -25.15 19.83
N GLN A 237 -22.20 -25.45 20.64
CA GLN A 237 -20.82 -25.58 20.16
C GLN A 237 -20.65 -26.78 19.24
N ALA A 238 -21.17 -27.93 19.65
CA ALA A 238 -21.04 -29.13 18.81
C ALA A 238 -21.63 -28.80 17.42
N LEU A 239 -22.86 -28.24 17.41
CA LEU A 239 -23.52 -27.90 16.16
C LEU A 239 -22.70 -26.96 15.31
N LEU A 240 -22.27 -25.86 15.91
CA LEU A 240 -21.47 -24.87 15.19
C LEU A 240 -20.16 -25.40 14.60
N GLU A 241 -19.42 -26.17 15.37
CA GLU A 241 -18.15 -26.66 14.84
C GLU A 241 -18.32 -27.53 13.61
N LYS A 242 -19.39 -28.32 13.54
CA LYS A 242 -19.60 -29.17 12.37
C LYS A 242 -19.91 -28.40 11.09
N ILE A 243 -20.58 -27.27 11.25
CA ILE A 243 -21.01 -26.47 10.13
C ILE A 243 -20.09 -25.31 9.75
N ALA A 244 -19.25 -24.88 10.67
CA ALA A 244 -18.37 -23.73 10.37
C ALA A 244 -17.48 -23.91 9.14
N PRO A 245 -16.85 -25.08 9.00
CA PRO A 245 -15.98 -25.26 7.82
C PRO A 245 -16.63 -24.86 6.50
N GLY A 246 -17.94 -25.06 6.40
CA GLY A 246 -18.67 -24.73 5.17
C GLY A 246 -19.74 -23.62 5.25
N TYR A 247 -19.90 -23.03 6.44
CA TYR A 247 -20.82 -21.93 6.68
C TYR A 247 -19.97 -21.13 7.66
N PRO A 248 -18.98 -20.41 7.12
CA PRO A 248 -18.03 -19.60 7.91
C PRO A 248 -18.55 -18.53 8.85
N ALA A 249 -19.79 -18.13 8.65
CA ALA A 249 -20.36 -17.15 9.56
C ALA A 249 -20.39 -17.86 10.92
N SER A 250 -20.40 -19.20 10.95
CA SER A 250 -20.41 -19.92 12.23
C SER A 250 -19.15 -19.70 13.08
N TRP A 251 -18.02 -19.33 12.46
CA TRP A 251 -16.82 -19.07 13.27
C TRP A 251 -17.15 -17.91 14.19
N VAL A 252 -17.79 -16.88 13.63
CA VAL A 252 -18.21 -15.73 14.41
C VAL A 252 -19.18 -16.19 15.49
N SER A 253 -20.14 -17.04 15.13
CA SER A 253 -21.11 -17.49 16.12
C SER A 253 -20.38 -18.17 17.24
N LEU A 254 -19.35 -18.97 16.90
CA LEU A 254 -18.57 -19.67 17.91
C LEU A 254 -17.82 -18.69 18.82
N ALA A 255 -17.12 -17.74 18.21
CA ALA A 255 -16.42 -16.74 19.01
C ALA A 255 -17.45 -16.09 19.94
N GLN A 256 -18.53 -15.57 19.36
CA GLN A 256 -19.58 -14.92 20.15
C GLN A 256 -20.16 -15.88 21.19
N LEU A 257 -20.16 -17.18 20.89
CA LEU A 257 -20.68 -18.11 21.87
C LEU A 257 -19.76 -18.22 23.11
N LEU A 258 -18.45 -18.06 22.92
CA LEU A 258 -17.51 -18.12 24.04
C LEU A 258 -17.64 -16.84 24.84
N TYR A 259 -17.77 -15.73 24.14
CA TYR A 259 -17.92 -14.46 24.81
C TYR A 259 -19.11 -14.53 25.78
N ASP A 260 -20.19 -15.18 25.37
CA ASP A 260 -21.39 -15.27 26.22
C ASP A 260 -21.37 -16.38 27.27
N PHE A 261 -20.45 -17.31 27.12
CA PHE A 261 -20.30 -18.41 28.05
C PHE A 261 -18.80 -18.53 28.18
N PRO A 262 -18.17 -17.47 28.72
CA PRO A 262 -16.71 -17.43 28.88
C PRO A 262 -16.01 -18.66 29.47
N GLU A 263 -16.76 -19.47 30.21
CA GLU A 263 -16.22 -20.63 30.93
C GLU A 263 -16.00 -21.98 30.25
N LEU A 264 -16.04 -21.99 28.91
CA LEU A 264 -15.81 -23.25 28.11
C LEU A 264 -14.92 -23.07 26.87
N GLY A 265 -13.92 -22.20 27.00
CA GLY A 265 -12.98 -21.97 25.89
C GLY A 265 -12.01 -20.93 26.39
N ASP A 266 -10.78 -21.05 25.92
CA ASP A 266 -9.74 -20.09 26.28
C ASP A 266 -9.63 -18.99 25.23
N VAL A 267 -8.74 -18.05 25.48
CA VAL A 267 -8.50 -16.96 24.55
C VAL A 267 -7.86 -17.63 23.34
N GLU A 268 -7.31 -18.82 23.59
CA GLU A 268 -6.68 -19.62 22.54
C GLU A 268 -7.74 -19.91 21.48
N GLN A 269 -8.83 -20.53 21.92
CA GLN A 269 -9.94 -20.84 21.02
C GLN A 269 -10.47 -19.57 20.37
N MET A 270 -11.02 -18.69 21.21
CA MET A 270 -11.56 -17.40 20.79
C MET A 270 -10.81 -16.88 19.59
N MET A 271 -9.52 -16.65 19.79
CA MET A 271 -8.64 -16.15 18.75
C MET A 271 -8.56 -17.07 17.52
N LYS A 272 -8.85 -18.35 17.72
CA LYS A 272 -8.82 -19.35 16.62
C LYS A 272 -10.09 -19.23 15.76
N TYR A 273 -11.23 -19.24 16.44
CA TYR A 273 -12.53 -19.06 15.80
C TYR A 273 -12.48 -17.73 15.02
N LEU A 274 -11.91 -16.69 15.63
CA LEU A 274 -11.80 -15.37 15.02
C LEU A 274 -10.88 -15.35 13.82
N ASP A 275 -9.79 -16.11 13.90
CA ASP A 275 -8.84 -16.20 12.79
C ASP A 275 -9.57 -16.86 11.64
N ASN A 276 -10.30 -17.92 11.95
CA ASN A 276 -11.07 -18.66 10.94
C ASN A 276 -12.02 -17.68 10.30
N GLY A 277 -12.60 -16.83 11.15
CA GLY A 277 -13.52 -15.80 10.71
C GLY A 277 -12.86 -14.77 9.82
N ARG A 278 -11.69 -14.28 10.21
CA ARG A 278 -11.00 -13.28 9.41
C ARG A 278 -10.65 -13.87 8.05
N ALA A 279 -10.18 -15.13 8.07
CA ALA A 279 -9.79 -15.84 6.85
C ALA A 279 -10.95 -16.00 5.89
N ALA A 280 -12.14 -16.23 6.44
CA ALA A 280 -13.32 -16.40 5.58
C ALA A 280 -13.86 -15.06 5.07
N ASP A 281 -13.23 -13.96 5.46
CA ASP A 281 -13.68 -12.64 5.02
C ASP A 281 -15.01 -12.23 5.69
N GLN A 282 -15.20 -12.62 6.95
CA GLN A 282 -16.40 -12.28 7.69
C GLN A 282 -16.22 -10.97 8.46
N PRO A 283 -16.65 -9.84 7.87
CA PRO A 283 -16.49 -8.58 8.58
C PRO A 283 -16.82 -8.60 10.09
N ARG A 284 -17.79 -9.41 10.50
CA ARG A 284 -18.14 -9.45 11.92
C ARG A 284 -17.02 -10.02 12.80
N ALA A 285 -16.05 -10.69 12.17
CA ALA A 285 -14.95 -11.26 12.92
C ALA A 285 -14.09 -10.08 13.37
N GLU A 286 -13.85 -9.15 12.46
CA GLU A 286 -13.08 -7.94 12.79
C GLU A 286 -13.83 -7.20 13.90
N LEU A 287 -15.14 -7.10 13.73
CA LEU A 287 -15.99 -6.43 14.69
C LEU A 287 -15.83 -6.94 16.11
N LEU A 288 -16.01 -8.25 16.30
CA LEU A 288 -15.89 -8.81 17.64
C LEU A 288 -14.47 -8.74 18.16
N LEU A 289 -13.51 -8.92 17.28
CA LEU A 289 -12.11 -8.86 17.68
C LEU A 289 -11.78 -7.49 18.27
N GLY A 290 -12.20 -6.44 17.57
CA GLY A 290 -11.95 -5.09 18.03
C GLY A 290 -12.70 -4.78 19.31
N LYS A 291 -13.78 -5.52 19.54
CA LYS A 291 -14.58 -5.33 20.74
C LYS A 291 -13.82 -5.94 21.90
N LEU A 292 -13.04 -6.98 21.59
CA LEU A 292 -12.27 -7.62 22.63
C LEU A 292 -11.22 -6.65 23.16
N TYR A 293 -10.46 -6.04 22.26
CA TYR A 293 -9.44 -5.09 22.65
C TYR A 293 -10.06 -3.79 23.16
N TYR A 294 -11.38 -3.69 23.08
CA TYR A 294 -12.04 -2.49 23.52
C TYR A 294 -12.53 -2.57 24.96
N GLU A 295 -12.91 -3.76 25.40
CA GLU A 295 -13.38 -3.94 26.76
C GLU A 295 -12.34 -4.64 27.62
N GLY A 296 -11.29 -5.14 26.97
CA GLY A 296 -10.22 -5.81 27.68
C GLY A 296 -10.61 -6.66 28.87
N LYS A 297 -11.42 -7.68 28.63
CA LYS A 297 -11.87 -8.60 29.68
C LYS A 297 -11.39 -10.00 29.32
N TRP A 298 -10.91 -10.14 28.09
CA TRP A 298 -10.37 -11.38 27.54
C TRP A 298 -8.87 -11.18 27.30
N VAL A 299 -8.52 -9.95 26.97
CA VAL A 299 -7.14 -9.60 26.70
C VAL A 299 -6.85 -8.19 27.22
N PRO A 300 -5.56 -7.84 27.34
CA PRO A 300 -5.19 -6.51 27.83
C PRO A 300 -5.80 -5.39 27.00
N ALA A 301 -6.60 -4.54 27.65
CA ALA A 301 -7.25 -3.44 26.93
C ALA A 301 -6.18 -2.73 26.08
N ASP A 302 -6.49 -2.58 24.80
CA ASP A 302 -5.60 -1.90 23.86
C ASP A 302 -6.47 -0.98 23.01
N ALA A 303 -6.14 0.30 23.05
CA ALA A 303 -6.90 1.30 22.33
C ALA A 303 -6.77 1.37 20.81
N LYS A 304 -5.54 1.45 20.29
CA LYS A 304 -5.38 1.58 18.85
C LYS A 304 -5.62 0.32 18.02
N ALA A 305 -5.52 -0.84 18.66
CA ALA A 305 -5.75 -2.11 17.98
C ALA A 305 -7.23 -2.19 17.61
N ALA A 306 -8.09 -1.95 18.60
CA ALA A 306 -9.53 -1.99 18.37
C ALA A 306 -9.90 -1.02 17.25
N GLU A 307 -9.44 0.22 17.33
CA GLU A 307 -9.76 1.15 16.26
C GLU A 307 -9.34 0.49 14.93
N ALA A 308 -8.13 -0.08 14.92
CA ALA A 308 -7.62 -0.75 13.73
C ALA A 308 -8.61 -1.80 13.24
N HIS A 309 -9.03 -2.67 14.13
CA HIS A 309 -9.97 -3.72 13.76
C HIS A 309 -11.35 -3.24 13.34
N PHE A 310 -11.94 -2.33 14.12
CA PHE A 310 -13.26 -1.82 13.76
C PHE A 310 -13.15 -1.13 12.40
N GLU A 311 -12.01 -0.48 12.16
CA GLU A 311 -11.83 0.24 10.91
C GLU A 311 -12.02 -0.64 9.68
N LYS A 312 -11.56 -1.89 9.79
CA LYS A 312 -11.67 -2.86 8.69
C LYS A 312 -13.08 -3.38 8.42
N ALA A 313 -14.01 -3.09 9.32
CA ALA A 313 -15.38 -3.55 9.13
C ALA A 313 -16.21 -2.39 8.61
N VAL A 314 -15.64 -1.19 8.70
CA VAL A 314 -16.31 0.03 8.24
C VAL A 314 -16.79 -0.12 6.80
N GLY A 315 -18.09 0.11 6.59
CA GLY A 315 -18.65 0.00 5.27
C GLY A 315 -19.21 -1.39 5.01
N ARG A 316 -19.07 -2.29 5.98
CA ARG A 316 -19.56 -3.67 5.83
C ARG A 316 -20.45 -4.06 7.01
N GLU A 317 -20.27 -3.36 8.12
CA GLU A 317 -21.05 -3.58 9.33
C GLU A 317 -21.24 -2.22 10.00
N VAL A 318 -22.49 -1.80 10.09
CA VAL A 318 -22.88 -0.53 10.66
C VAL A 318 -22.37 -0.32 12.08
N ALA A 319 -22.24 -1.39 12.85
CA ALA A 319 -21.76 -1.25 14.23
C ALA A 319 -20.32 -0.72 14.32
N ALA A 320 -19.51 -1.01 13.31
CA ALA A 320 -18.13 -0.54 13.29
C ALA A 320 -18.13 0.95 13.59
N ASP A 321 -18.87 1.70 12.78
CA ASP A 321 -18.98 3.16 12.96
C ASP A 321 -19.41 3.51 14.37
N TYR A 322 -20.23 2.66 14.97
CA TYR A 322 -20.71 2.89 16.33
C TYR A 322 -19.64 2.62 17.37
N TYR A 323 -18.87 1.54 17.21
CA TYR A 323 -17.82 1.25 18.19
C TYR A 323 -16.65 2.21 18.02
N LEU A 324 -16.45 2.71 16.81
CA LEU A 324 -15.38 3.67 16.59
C LEU A 324 -15.84 4.99 17.21
N GLY A 325 -17.15 5.21 17.24
CA GLY A 325 -17.69 6.44 17.81
C GLY A 325 -17.50 6.47 19.31
N GLN A 326 -17.74 5.35 19.97
CA GLN A 326 -17.56 5.28 21.41
C GLN A 326 -16.13 5.60 21.82
N ILE A 327 -15.18 4.90 21.20
CA ILE A 327 -13.77 5.10 21.48
C ILE A 327 -13.40 6.57 21.44
N TYR A 328 -13.87 7.28 20.40
CA TYR A 328 -13.59 8.69 20.28
C TYR A 328 -14.39 9.52 21.28
N ARG A 329 -15.49 8.98 21.78
CA ARG A 329 -16.28 9.71 22.76
C ARG A 329 -15.66 9.56 24.15
N ARG A 330 -15.36 8.33 24.55
CA ARG A 330 -14.77 8.10 25.86
C ARG A 330 -13.30 8.53 25.95
N GLY A 331 -12.76 9.04 24.84
CA GLY A 331 -11.38 9.48 24.76
C GLY A 331 -10.36 8.38 24.97
N TYR A 332 -10.85 7.15 24.82
CA TYR A 332 -9.99 5.99 25.01
C TYR A 332 -8.59 6.01 24.43
N LEU A 333 -8.34 6.76 23.38
CA LEU A 333 -7.01 6.71 22.83
C LEU A 333 -6.12 7.68 23.58
N GLY A 334 -6.45 7.84 24.86
CA GLY A 334 -5.76 8.70 25.77
C GLY A 334 -6.39 10.07 25.71
N LYS A 335 -6.85 10.47 24.51
CA LYS A 335 -7.51 11.75 24.37
C LYS A 335 -8.91 11.62 23.76
N VAL A 336 -9.65 12.72 23.72
CA VAL A 336 -11.03 12.76 23.23
C VAL A 336 -11.18 13.57 21.96
N TYR A 337 -11.85 12.97 20.96
CA TYR A 337 -12.09 13.61 19.67
C TYR A 337 -13.57 13.84 19.44
N PRO A 338 -14.08 15.03 19.75
CA PRO A 338 -15.51 15.31 19.56
C PRO A 338 -16.11 15.10 18.17
N GLN A 339 -15.66 15.88 17.18
CA GLN A 339 -16.18 15.79 15.83
C GLN A 339 -16.08 14.40 15.20
N LYS A 340 -15.06 13.62 15.54
CA LYS A 340 -14.99 12.28 14.97
C LYS A 340 -16.07 11.43 15.60
N ALA A 341 -16.20 11.51 16.92
CA ALA A 341 -17.21 10.74 17.63
C ALA A 341 -18.61 11.00 17.08
N LEU A 342 -18.93 12.26 16.80
CA LEU A 342 -20.25 12.56 16.27
C LEU A 342 -20.34 11.98 14.88
N ASP A 343 -19.39 12.34 14.05
CA ASP A 343 -19.32 11.87 12.67
C ASP A 343 -19.61 10.37 12.53
N HIS A 344 -18.86 9.54 13.24
CA HIS A 344 -19.06 8.10 13.15
C HIS A 344 -20.34 7.61 13.85
N LEU A 345 -20.77 8.31 14.88
CA LEU A 345 -21.96 7.92 15.63
C LEU A 345 -23.19 8.26 14.87
N LEU A 346 -23.12 9.32 14.10
CA LEU A 346 -24.26 9.74 13.34
C LEU A 346 -24.43 8.79 12.17
N THR A 347 -23.33 8.47 11.50
CA THR A 347 -23.37 7.55 10.37
C THR A 347 -24.08 6.25 10.77
N ALA A 348 -23.68 5.71 11.91
CA ALA A 348 -24.31 4.49 12.39
C ALA A 348 -25.80 4.69 12.67
N ALA A 349 -26.16 5.83 13.28
CA ALA A 349 -27.56 6.05 13.61
C ALA A 349 -28.35 6.15 12.32
N ARG A 350 -27.75 6.77 11.32
CA ARG A 350 -28.38 6.93 10.03
C ARG A 350 -28.39 5.64 9.20
N ASN A 351 -27.72 4.61 9.70
CA ASN A 351 -27.70 3.32 9.00
C ASN A 351 -28.45 2.24 9.77
N GLY A 352 -29.23 2.65 10.78
CA GLY A 352 -30.02 1.68 11.52
C GLY A 352 -29.52 1.21 12.87
N GLN A 353 -28.32 1.64 13.25
CA GLN A 353 -27.75 1.25 14.54
C GLN A 353 -28.69 1.70 15.65
N ASN A 354 -29.25 0.75 16.40
CA ASN A 354 -30.19 1.11 17.47
C ASN A 354 -29.61 1.80 18.69
N SER A 355 -28.29 1.96 18.78
CA SER A 355 -27.70 2.59 19.96
C SER A 355 -26.91 3.88 19.79
N ALA A 356 -26.67 4.27 18.55
CA ALA A 356 -25.88 5.48 18.27
C ALA A 356 -26.51 6.80 18.74
N ASP A 357 -27.82 6.95 18.56
CA ASP A 357 -28.51 8.17 18.96
C ASP A 357 -28.39 8.35 20.48
N PHE A 358 -28.58 7.27 21.21
CA PHE A 358 -28.43 7.34 22.65
C PHE A 358 -27.03 7.89 22.96
N ALA A 359 -26.02 7.36 22.26
CA ALA A 359 -24.65 7.79 22.51
C ALA A 359 -24.42 9.24 22.16
N ILE A 360 -24.98 9.68 21.04
CA ILE A 360 -24.80 11.05 20.61
C ILE A 360 -25.45 11.97 21.63
N ALA A 361 -26.41 11.45 22.38
CA ALA A 361 -27.09 12.25 23.41
C ALA A 361 -26.08 12.42 24.58
N GLN A 362 -25.48 11.31 24.98
CA GLN A 362 -24.48 11.31 26.05
C GLN A 362 -23.27 12.17 25.72
N LEU A 363 -22.90 12.20 24.45
CA LEU A 363 -21.75 12.99 24.01
C LEU A 363 -22.03 14.45 24.21
N PHE A 364 -23.25 14.88 23.96
CA PHE A 364 -23.59 16.29 24.08
C PHE A 364 -24.03 16.72 25.47
N SER A 365 -24.15 15.76 26.38
CA SER A 365 -24.57 16.13 27.74
C SER A 365 -23.52 15.91 28.82
N GLN A 366 -22.79 14.81 28.74
CA GLN A 366 -21.79 14.52 29.77
C GLN A 366 -20.50 15.34 29.77
N GLY A 367 -20.32 16.20 28.78
CA GLY A 367 -19.09 16.99 28.73
C GLY A 367 -17.87 16.11 28.49
N LYS A 368 -17.12 15.86 29.56
CA LYS A 368 -15.92 15.04 29.51
C LYS A 368 -15.09 15.20 28.23
N GLY A 369 -14.88 16.45 27.81
CA GLY A 369 -14.10 16.69 26.60
C GLY A 369 -14.91 17.44 25.55
N THR A 370 -16.18 17.09 25.45
CA THR A 370 -17.08 17.69 24.47
C THR A 370 -17.90 18.76 25.14
N LYS A 371 -17.84 20.00 24.64
CA LYS A 371 -18.63 21.06 25.24
C LYS A 371 -20.10 20.64 25.19
N PRO A 372 -20.84 20.84 26.28
CA PRO A 372 -22.25 20.44 26.24
C PRO A 372 -23.12 21.31 25.35
N ASP A 373 -24.17 20.69 24.81
CA ASP A 373 -25.13 21.37 23.94
C ASP A 373 -26.52 20.78 24.21
N PRO A 374 -27.28 21.42 25.12
CA PRO A 374 -28.63 21.02 25.53
C PRO A 374 -29.63 20.70 24.42
N LEU A 375 -29.64 21.48 23.36
CA LEU A 375 -30.59 21.20 22.31
C LEU A 375 -30.26 19.88 21.62
N ASN A 376 -29.04 19.75 21.11
CA ASN A 376 -28.70 18.51 20.45
C ASN A 376 -28.90 17.32 21.38
N ALA A 377 -28.57 17.49 22.66
CA ALA A 377 -28.73 16.39 23.61
C ALA A 377 -30.17 15.91 23.59
N TYR A 378 -31.10 16.86 23.59
CA TYR A 378 -32.52 16.56 23.57
C TYR A 378 -32.91 15.82 22.30
N VAL A 379 -32.63 16.45 21.16
CA VAL A 379 -32.96 15.89 19.86
C VAL A 379 -32.47 14.46 19.71
N PHE A 380 -31.27 14.17 20.20
CA PHE A 380 -30.76 12.84 20.06
C PHE A 380 -31.25 11.87 21.09
N SER A 381 -31.64 12.38 22.26
CA SER A 381 -32.19 11.48 23.27
C SER A 381 -33.64 11.15 22.83
N GLN A 382 -34.28 12.06 22.09
CA GLN A 382 -35.63 11.82 21.58
C GLN A 382 -35.53 10.79 20.44
N LEU A 383 -34.52 10.94 19.56
CA LEU A 383 -34.34 9.96 18.48
C LEU A 383 -34.06 8.59 19.08
N ALA A 384 -33.35 8.55 20.21
CA ALA A 384 -33.02 7.28 20.83
C ALA A 384 -34.24 6.68 21.51
N LYS A 385 -35.24 7.51 21.79
CA LYS A 385 -36.48 7.08 22.46
C LYS A 385 -37.22 6.16 21.50
N ALA A 386 -37.19 6.54 20.22
CA ALA A 386 -37.82 5.77 19.15
C ALA A 386 -37.37 4.31 19.12
N GLN A 387 -36.17 4.03 19.66
CA GLN A 387 -35.65 2.67 19.70
C GLN A 387 -36.45 1.86 20.75
N ASP A 388 -37.22 2.58 21.57
CA ASP A 388 -38.08 1.99 22.62
C ASP A 388 -37.42 1.15 23.70
N THR A 389 -36.66 1.82 24.57
CA THR A 389 -35.97 1.16 25.66
C THR A 389 -36.16 1.98 26.95
N PRO A 390 -36.19 1.31 28.10
CA PRO A 390 -36.35 2.04 29.36
C PRO A 390 -35.19 3.01 29.52
N GLU A 391 -34.00 2.55 29.13
CA GLU A 391 -32.77 3.33 29.18
C GLU A 391 -32.98 4.61 28.37
N ALA A 392 -33.49 4.46 27.16
CA ALA A 392 -33.74 5.59 26.29
C ALA A 392 -34.81 6.51 26.87
N ASN A 393 -35.79 5.94 27.57
CA ASN A 393 -36.84 6.75 28.17
C ASN A 393 -36.28 7.48 29.34
N ASP A 394 -35.53 6.76 30.14
CA ASP A 394 -34.91 7.33 31.32
C ASP A 394 -33.98 8.50 30.95
N LEU A 395 -33.30 8.39 29.82
CA LEU A 395 -32.40 9.47 29.42
C LEU A 395 -33.14 10.65 28.77
N ALA A 396 -34.19 10.35 28.02
CA ALA A 396 -34.94 11.38 27.34
C ALA A 396 -35.70 12.27 28.34
N THR A 397 -36.08 11.74 29.50
CA THR A 397 -36.78 12.62 30.43
C THR A 397 -35.78 13.53 31.15
N GLN A 398 -34.56 13.06 31.37
CA GLN A 398 -33.57 13.89 32.05
C GLN A 398 -33.07 15.03 31.17
N LEU A 399 -32.98 14.79 29.87
CA LEU A 399 -32.48 15.80 28.95
C LEU A 399 -33.53 16.78 28.44
N GLU A 400 -34.79 16.56 28.76
CA GLU A 400 -35.81 17.50 28.30
C GLU A 400 -36.11 18.43 29.48
N ALA A 401 -35.67 18.01 30.65
CA ALA A 401 -35.90 18.79 31.86
C ALA A 401 -35.33 20.21 31.78
N PRO A 402 -34.14 20.37 31.18
CA PRO A 402 -33.55 21.72 31.08
C PRO A 402 -34.18 22.68 30.07
N LEU A 403 -34.99 22.15 29.16
CA LEU A 403 -35.58 23.01 28.12
C LEU A 403 -36.88 23.74 28.45
N THR A 404 -37.04 24.92 27.84
CA THR A 404 -38.24 25.74 27.98
C THR A 404 -39.21 25.09 27.02
N PRO A 405 -40.50 25.42 27.09
CA PRO A 405 -41.46 24.80 26.17
C PRO A 405 -41.19 25.09 24.69
N ALA A 406 -40.57 26.24 24.41
CA ALA A 406 -40.24 26.62 23.03
C ALA A 406 -39.09 25.79 22.47
N GLN A 407 -38.04 25.60 23.28
CA GLN A 407 -36.90 24.81 22.84
C GLN A 407 -37.33 23.37 22.52
N ARG A 408 -38.21 22.82 23.35
CA ARG A 408 -38.73 21.48 23.15
C ARG A 408 -39.48 21.33 21.84
N ALA A 409 -40.22 22.37 21.47
CA ALA A 409 -40.99 22.32 20.23
C ALA A 409 -40.04 22.47 19.05
N GLU A 410 -38.96 23.23 19.27
CA GLU A 410 -37.93 23.44 18.25
C GLU A 410 -37.22 22.10 18.04
N GLY A 411 -36.73 21.51 19.13
CA GLY A 411 -36.06 20.22 19.07
C GLY A 411 -36.90 19.13 18.43
N GLN A 412 -38.20 19.12 18.77
CA GLN A 412 -39.11 18.14 18.20
C GLN A 412 -39.20 18.39 16.70
N ARG A 413 -39.00 19.63 16.29
CA ARG A 413 -39.03 19.98 14.88
C ARG A 413 -37.81 19.35 14.21
N LEU A 414 -36.69 19.38 14.92
CA LEU A 414 -35.46 18.80 14.43
C LEU A 414 -35.56 17.28 14.38
N VAL A 415 -36.13 16.68 15.41
CA VAL A 415 -36.30 15.22 15.46
C VAL A 415 -36.90 14.66 14.17
N GLN A 416 -38.02 15.23 13.73
CA GLN A 416 -38.72 14.78 12.52
C GLN A 416 -37.95 15.12 11.25
N GLN A 417 -37.37 16.30 11.22
CA GLN A 417 -36.60 16.71 10.06
C GLN A 417 -35.56 15.63 9.81
N GLU A 418 -34.90 15.21 10.89
CA GLU A 418 -33.85 14.19 10.87
C GLU A 418 -34.37 12.82 10.50
N LEU A 419 -35.55 12.46 11.00
CA LEU A 419 -36.13 11.16 10.67
C LEU A 419 -36.50 11.15 9.19
N ALA A 420 -37.00 12.28 8.69
CA ALA A 420 -37.33 12.37 7.29
C ALA A 420 -36.07 12.07 6.46
N ALA A 421 -34.97 12.76 6.75
CA ALA A 421 -33.73 12.54 6.00
C ALA A 421 -33.29 11.08 6.00
N ARG A 422 -33.34 10.43 7.14
CA ARG A 422 -32.95 9.03 7.18
C ARG A 422 -33.76 8.22 6.16
N GLY A 423 -35.09 8.36 6.22
CA GLY A 423 -35.97 7.66 5.29
C GLY A 423 -35.58 7.92 3.84
N THR A 424 -35.36 9.17 3.50
CA THR A 424 -34.99 9.59 2.14
C THR A 424 -33.71 8.89 1.68
N LEU A 425 -33.01 8.25 2.62
CA LEU A 425 -31.77 7.56 2.30
C LEU A 425 -31.94 6.07 2.50
N LEU A 430 -22.78 4.77 -1.93
CA LEU A 430 -21.77 3.96 -1.24
C LEU A 430 -20.40 3.99 -1.95
N GLN A 431 -19.36 3.54 -1.25
CA GLN A 431 -17.99 3.49 -1.76
C GLN A 431 -17.22 2.35 -1.09
N LEU A 432 -16.44 1.60 -1.88
CA LEU A 432 -15.70 0.46 -1.35
C LEU A 432 -14.19 0.60 -1.52
N HIS A 433 -13.44 -0.04 -0.61
CA HIS A 433 -11.98 0.02 -0.62
C HIS A 433 -11.28 -1.09 -1.42
N ALA A 434 -9.95 -1.05 -1.41
CA ALA A 434 -9.08 -2.05 -2.12
C ALA A 434 -9.13 -1.89 -3.63
N GLU B 12 -43.73 25.40 -15.19
CA GLU B 12 -43.99 24.25 -14.27
C GLU B 12 -42.68 23.74 -13.71
N ALA B 13 -41.68 23.68 -14.60
CA ALA B 13 -40.35 23.26 -14.21
C ALA B 13 -39.53 24.54 -14.38
N LEU B 14 -40.15 25.51 -15.04
CA LEU B 14 -39.52 26.80 -15.27
C LEU B 14 -39.54 27.63 -13.98
N LYS B 15 -40.67 27.57 -13.27
CA LYS B 15 -40.82 28.31 -12.01
C LYS B 15 -39.84 27.73 -11.00
N ARG B 16 -39.65 26.40 -11.08
CA ARG B 16 -38.75 25.66 -10.21
C ARG B 16 -37.32 26.03 -10.63
N GLY B 17 -37.17 26.45 -11.88
CA GLY B 17 -35.88 26.86 -12.39
C GLY B 17 -35.57 28.26 -11.88
N ASP B 18 -36.63 29.02 -11.64
CA ASP B 18 -36.52 30.38 -11.13
C ASP B 18 -36.03 30.33 -9.69
N THR B 19 -36.62 29.45 -8.88
CA THR B 19 -36.21 29.37 -7.48
C THR B 19 -34.71 29.14 -7.38
N VAL B 20 -34.17 28.29 -8.27
CA VAL B 20 -32.75 28.01 -8.26
C VAL B 20 -31.92 29.25 -8.63
N THR B 21 -32.19 29.85 -9.77
CA THR B 21 -31.46 31.03 -10.18
C THR B 21 -31.58 32.14 -9.12
N ALA B 22 -32.72 32.17 -8.45
CA ALA B 22 -33.00 33.18 -7.43
C ALA B 22 -32.06 33.10 -6.23
N GLN B 23 -31.81 31.87 -5.78
CA GLN B 23 -30.92 31.62 -4.66
C GLN B 23 -29.48 31.97 -5.07
N GLN B 24 -29.18 31.90 -6.35
CA GLN B 24 -27.85 32.23 -6.83
C GLN B 24 -27.66 33.75 -6.82
N ASN B 25 -28.66 34.46 -7.37
CA ASN B 25 -28.64 35.91 -7.41
C ASN B 25 -28.41 36.49 -6.02
N TYR B 26 -29.21 36.04 -5.05
CA TYR B 26 -29.07 36.51 -3.67
C TYR B 26 -27.65 36.33 -3.16
N GLN B 27 -27.18 35.09 -3.26
CA GLN B 27 -25.84 34.73 -2.82
C GLN B 27 -24.81 35.65 -3.46
N GLN B 28 -24.96 35.88 -4.75
CA GLN B 28 -24.08 36.79 -5.44
C GLN B 28 -24.17 38.27 -4.92
N LEU B 29 -25.38 38.81 -4.78
CA LEU B 29 -25.58 40.19 -4.31
C LEU B 29 -25.08 40.32 -2.90
N ALA B 30 -25.26 39.25 -2.14
CA ALA B 30 -24.81 39.25 -0.76
C ALA B 30 -23.25 39.27 -0.72
N GLU B 31 -22.59 38.46 -1.55
CA GLU B 31 -21.12 38.42 -1.56
C GLU B 31 -20.56 39.78 -1.94
N LEU B 32 -21.29 40.44 -2.84
CA LEU B 32 -20.95 41.74 -3.32
C LEU B 32 -21.11 42.78 -2.20
N GLY B 33 -22.00 42.50 -1.24
CA GLY B 33 -22.20 43.40 -0.11
C GLY B 33 -23.57 44.06 0.07
N TYR B 34 -24.53 43.70 -0.78
CA TYR B 34 -25.88 44.24 -0.70
C TYR B 34 -26.46 43.76 0.62
N SER B 35 -27.20 44.64 1.29
CA SER B 35 -27.82 44.31 2.57
C SER B 35 -29.14 43.59 2.35
N GLU B 36 -29.70 43.06 3.43
CA GLU B 36 -30.99 42.41 3.31
C GLU B 36 -32.00 43.39 2.71
N ALA B 37 -32.04 44.61 3.21
CA ALA B 37 -32.98 45.60 2.72
C ALA B 37 -32.78 45.88 1.25
N GLN B 38 -31.53 46.08 0.86
CA GLN B 38 -31.23 46.38 -0.52
C GLN B 38 -31.56 45.29 -1.52
N VAL B 39 -31.94 44.11 -1.06
CA VAL B 39 -32.32 43.08 -2.02
C VAL B 39 -33.77 42.65 -1.79
N GLY B 40 -34.46 43.30 -0.84
CA GLY B 40 -35.85 43.00 -0.58
C GLY B 40 -36.20 41.92 0.45
N LEU B 41 -35.22 41.48 1.23
CA LEU B 41 -35.44 40.44 2.26
C LEU B 41 -35.52 41.01 3.67
N ALA B 42 -35.51 42.34 3.81
CA ALA B 42 -35.57 42.94 5.13
C ALA B 42 -36.96 42.96 5.76
N ASP B 43 -36.99 42.99 7.09
CA ASP B 43 -38.22 43.02 7.88
C ASP B 43 -39.23 41.94 7.48
N ILE B 44 -38.82 40.68 7.63
CA ILE B 44 -39.67 39.54 7.34
C ILE B 44 -40.00 38.89 8.69
N ILE B 54 -46.79 28.26 10.79
CA ILE B 54 -46.36 29.43 10.02
C ILE B 54 -47.45 29.91 9.08
N LYS B 55 -48.21 28.98 8.51
CA LYS B 55 -49.29 29.34 7.60
C LYS B 55 -50.28 30.13 8.47
N GLN B 56 -50.15 29.94 9.77
CA GLN B 56 -50.97 30.62 10.76
C GLN B 56 -50.44 32.03 10.92
N ALA B 57 -49.13 32.18 10.72
CA ALA B 57 -48.52 33.49 10.84
C ALA B 57 -49.04 34.34 9.69
N GLU B 58 -49.01 33.76 8.48
CA GLU B 58 -49.46 34.44 7.28
C GLU B 58 -50.96 34.75 7.36
N ALA B 59 -51.73 33.75 7.80
CA ALA B 59 -53.16 33.90 7.91
C ALA B 59 -53.54 35.12 8.74
N THR B 60 -52.73 35.41 9.75
CA THR B 60 -53.01 36.56 10.61
C THR B 60 -52.68 37.92 10.00
N TYR B 61 -51.51 38.04 9.36
CA TYR B 61 -51.16 39.32 8.73
C TYR B 61 -52.17 39.52 7.60
N ARG B 62 -52.54 38.43 6.94
CA ARG B 62 -53.50 38.49 5.83
C ARG B 62 -54.81 39.13 6.27
N ALA B 63 -55.40 38.63 7.35
CA ALA B 63 -56.66 39.19 7.86
C ALA B 63 -56.49 40.64 8.37
N ALA B 64 -55.28 41.00 8.78
CA ALA B 64 -55.00 42.36 9.30
C ALA B 64 -54.45 43.29 8.24
N ALA B 65 -54.33 42.78 7.01
CA ALA B 65 -53.77 43.58 5.91
C ALA B 65 -54.53 44.82 5.50
N ASP B 66 -55.85 44.82 5.64
CA ASP B 66 -56.62 46.01 5.24
C ASP B 66 -56.68 47.10 6.30
N THR B 67 -56.70 46.75 7.58
CA THR B 67 -56.73 47.81 8.58
C THR B 67 -55.29 48.23 8.88
N SER B 68 -54.33 47.41 8.49
CA SER B 68 -52.93 47.72 8.76
C SER B 68 -51.95 47.52 7.63
N PRO B 69 -51.56 48.60 6.97
CA PRO B 69 -50.61 48.52 5.84
C PRO B 69 -49.27 47.86 6.24
N ARG B 70 -48.91 47.93 7.53
CA ARG B 70 -47.68 47.34 7.97
C ARG B 70 -47.68 45.83 7.88
N ALA B 71 -48.83 45.21 8.15
CA ALA B 71 -48.94 43.76 8.07
C ALA B 71 -49.06 43.39 6.60
N GLN B 72 -49.69 44.29 5.84
CA GLN B 72 -49.85 44.09 4.41
C GLN B 72 -48.48 43.97 3.74
N ALA B 73 -47.58 44.88 4.05
CA ALA B 73 -46.25 44.87 3.46
C ALA B 73 -45.42 43.72 3.98
N ARG B 74 -45.55 43.41 5.26
CA ARG B 74 -44.75 42.32 5.81
C ARG B 74 -45.14 41.03 5.11
N LEU B 75 -46.43 40.81 4.94
CA LEU B 75 -46.85 39.58 4.28
C LEU B 75 -46.45 39.54 2.81
N GLY B 76 -46.31 40.72 2.21
CA GLY B 76 -45.95 40.80 0.81
C GLY B 76 -44.48 40.44 0.62
N ARG B 77 -43.65 41.02 1.48
CA ARG B 77 -42.23 40.74 1.41
C ARG B 77 -42.02 39.28 1.69
N LEU B 78 -42.72 38.78 2.71
CA LEU B 78 -42.60 37.40 3.13
C LEU B 78 -42.99 36.41 2.05
N LEU B 79 -44.13 36.63 1.42
CA LEU B 79 -44.57 35.71 0.40
C LEU B 79 -43.73 35.80 -0.86
N ALA B 80 -43.25 37.00 -1.18
CA ALA B 80 -42.42 37.19 -2.38
C ALA B 80 -41.05 36.51 -2.27
N ALA B 81 -40.54 36.39 -1.04
CA ALA B 81 -39.24 35.78 -0.79
C ALA B 81 -39.27 34.31 -0.36
N LYS B 82 -40.39 33.85 0.19
CA LYS B 82 -40.49 32.45 0.63
C LYS B 82 -39.97 31.42 -0.38
N PRO B 83 -38.95 30.67 0.02
CA PRO B 83 -38.44 29.67 -0.92
C PRO B 83 -39.57 28.64 -1.10
N GLY B 84 -39.91 28.34 -2.35
CA GLY B 84 -40.94 27.35 -2.61
C GLY B 84 -42.27 27.92 -3.04
N ALA B 85 -42.53 29.16 -2.63
CA ALA B 85 -43.77 29.86 -2.94
C ALA B 85 -44.43 29.44 -4.26
N THR B 86 -45.74 29.29 -4.18
CA THR B 86 -46.52 28.89 -5.32
C THR B 86 -46.74 30.07 -6.25
N GLU B 87 -47.26 29.79 -7.44
CA GLU B 87 -47.52 30.87 -8.39
C GLU B 87 -48.58 31.83 -7.81
N ALA B 88 -49.54 31.28 -7.10
CA ALA B 88 -50.60 32.08 -6.53
C ALA B 88 -50.09 32.91 -5.35
N GLU B 89 -49.11 32.40 -4.61
CA GLU B 89 -48.54 33.15 -3.48
C GLU B 89 -47.74 34.33 -4.03
N HIS B 90 -47.12 34.13 -5.19
CA HIS B 90 -46.36 35.18 -5.85
C HIS B 90 -47.31 36.28 -6.25
N HIS B 91 -48.43 35.90 -6.84
CA HIS B 91 -49.44 36.85 -7.26
C HIS B 91 -50.05 37.61 -6.08
N GLU B 92 -50.27 36.92 -4.97
CA GLU B 92 -50.80 37.57 -3.79
C GLU B 92 -49.77 38.59 -3.35
N ALA B 93 -48.51 38.15 -3.33
CA ALA B 93 -47.40 38.97 -2.90
C ALA B 93 -47.36 40.29 -3.64
N GLU B 94 -47.46 40.21 -4.96
CA GLU B 94 -47.42 41.40 -5.79
C GLU B 94 -48.55 42.33 -5.36
N SER B 95 -49.72 41.73 -5.14
CA SER B 95 -50.90 42.46 -4.74
C SER B 95 -50.71 43.16 -3.42
N LEU B 96 -50.23 42.41 -2.44
CA LEU B 96 -49.98 42.94 -1.12
C LEU B 96 -48.99 44.10 -1.18
N LEU B 97 -47.93 43.95 -1.96
CA LEU B 97 -46.91 44.99 -2.05
C LEU B 97 -47.42 46.25 -2.77
N LYS B 98 -48.14 46.07 -3.87
CA LYS B 98 -48.66 47.23 -4.62
C LYS B 98 -49.61 48.10 -3.80
N LYS B 99 -50.40 47.43 -2.96
CA LYS B 99 -51.35 48.11 -2.09
C LYS B 99 -50.60 48.82 -0.98
N ALA B 100 -49.66 48.13 -0.34
CA ALA B 100 -48.86 48.71 0.73
C ALA B 100 -48.10 49.91 0.16
N PHE B 101 -47.50 49.70 -0.98
CA PHE B 101 -46.78 50.77 -1.62
C PHE B 101 -47.67 52.00 -1.86
N ALA B 102 -48.87 51.79 -2.40
CA ALA B 102 -49.78 52.91 -2.69
C ALA B 102 -50.17 53.67 -1.43
N ASN B 103 -50.14 52.99 -0.30
CA ASN B 103 -50.45 53.59 0.98
C ASN B 103 -49.25 54.33 1.56
N GLY B 104 -48.09 54.17 0.93
CA GLY B 104 -46.91 54.86 1.44
C GLY B 104 -46.00 54.02 2.31
N GLU B 105 -46.19 52.71 2.36
CA GLU B 105 -45.30 51.88 3.16
C GLU B 105 -43.93 51.88 2.52
N GLY B 106 -42.91 52.15 3.32
CA GLY B 106 -41.57 52.12 2.79
C GLY B 106 -41.20 50.64 2.65
N ASN B 107 -40.06 50.36 2.02
CA ASN B 107 -39.59 48.98 1.90
C ASN B 107 -40.58 48.05 1.18
N THR B 108 -41.13 48.54 0.08
CA THR B 108 -42.05 47.74 -0.70
C THR B 108 -41.59 47.69 -2.16
N LEU B 109 -41.12 48.82 -2.69
CA LEU B 109 -40.68 48.92 -4.08
C LEU B 109 -39.60 47.89 -4.44
N ILE B 110 -38.48 47.89 -3.73
CA ILE B 110 -37.43 46.92 -4.05
C ILE B 110 -37.98 45.48 -3.96
N PRO B 111 -38.70 45.14 -2.86
CA PRO B 111 -39.24 43.78 -2.74
C PRO B 111 -40.08 43.43 -3.98
N LEU B 112 -40.79 44.43 -4.50
CA LEU B 112 -41.64 44.20 -5.66
C LEU B 112 -40.81 44.02 -6.92
N ALA B 113 -39.76 44.84 -7.06
CA ALA B 113 -38.94 44.70 -8.25
C ALA B 113 -38.26 43.34 -8.27
N MET B 114 -37.81 42.88 -7.11
CA MET B 114 -37.14 41.60 -7.01
C MET B 114 -38.08 40.43 -7.26
N LEU B 115 -39.38 40.67 -7.06
CA LEU B 115 -40.37 39.62 -7.28
C LEU B 115 -40.44 39.41 -8.77
N TYR B 116 -40.47 40.50 -9.52
CA TYR B 116 -40.53 40.42 -10.98
C TYR B 116 -39.17 39.96 -11.57
N LEU B 117 -38.06 40.40 -10.98
CA LEU B 117 -36.73 40.03 -11.46
C LEU B 117 -36.40 38.59 -11.19
N GLN B 118 -36.76 38.10 -10.01
CA GLN B 118 -36.43 36.73 -9.63
C GLN B 118 -37.39 35.65 -10.15
N TYR B 119 -38.64 36.01 -10.41
CA TYR B 119 -39.61 35.01 -10.85
C TYR B 119 -40.42 35.53 -12.01
N PRO B 120 -39.75 35.87 -13.11
CA PRO B 120 -40.50 36.38 -14.27
C PRO B 120 -41.43 35.31 -14.86
N HIS B 121 -41.16 34.04 -14.55
CA HIS B 121 -42.00 32.96 -15.05
C HIS B 121 -43.35 32.86 -14.33
N SER B 122 -43.48 33.57 -13.21
CA SER B 122 -44.74 33.58 -12.50
C SER B 122 -45.52 34.82 -12.89
N PHE B 123 -44.90 35.70 -13.70
CA PHE B 123 -45.53 36.94 -14.14
C PHE B 123 -45.42 37.18 -15.64
N PRO B 124 -45.95 36.24 -16.45
CA PRO B 124 -45.92 36.33 -17.92
C PRO B 124 -46.50 37.63 -18.46
N ASN B 125 -47.38 38.26 -17.69
CA ASN B 125 -47.99 39.51 -18.12
C ASN B 125 -47.18 40.76 -17.73
N VAL B 126 -46.05 40.57 -17.05
CA VAL B 126 -45.25 41.72 -16.63
C VAL B 126 -43.80 41.73 -17.11
N ASN B 127 -43.28 42.93 -17.33
CA ASN B 127 -41.91 43.15 -17.77
C ASN B 127 -41.25 44.12 -16.77
N ALA B 128 -40.31 43.60 -15.99
CA ALA B 128 -39.60 44.37 -14.96
C ALA B 128 -39.02 45.68 -15.43
N GLN B 129 -38.35 45.64 -16.56
CA GLN B 129 -37.73 46.85 -17.06
C GLN B 129 -38.80 47.91 -17.24
N GLN B 130 -39.89 47.53 -17.88
CA GLN B 130 -41.01 48.45 -18.12
C GLN B 130 -41.52 49.06 -16.80
N GLN B 131 -41.75 48.20 -15.81
CA GLN B 131 -42.21 48.65 -14.51
C GLN B 131 -41.24 49.63 -13.91
N ILE B 132 -39.97 49.22 -13.89
CA ILE B 132 -38.91 50.04 -13.32
C ILE B 132 -38.76 51.37 -14.05
N SER B 133 -38.86 51.35 -15.39
CA SER B 133 -38.80 52.59 -16.18
C SER B 133 -40.04 53.40 -15.78
N GLN B 134 -41.18 52.71 -15.62
CA GLN B 134 -42.43 53.35 -15.17
C GLN B 134 -42.18 54.02 -13.83
N TRP B 135 -41.63 53.27 -12.85
CA TRP B 135 -41.36 53.82 -11.50
C TRP B 135 -40.31 54.88 -11.61
N GLN B 136 -39.38 54.68 -12.52
CA GLN B 136 -38.35 55.69 -12.73
C GLN B 136 -39.09 56.93 -13.20
N ALA B 137 -39.86 56.77 -14.26
CA ALA B 137 -40.63 57.87 -14.81
C ALA B 137 -41.39 58.63 -13.72
N ALA B 138 -42.12 57.89 -12.89
CA ALA B 138 -42.88 58.54 -11.81
C ALA B 138 -42.00 59.24 -10.75
N GLY B 139 -40.69 59.12 -10.86
CA GLY B 139 -39.81 59.78 -9.88
C GLY B 139 -39.53 59.14 -8.51
N TYR B 140 -39.83 57.86 -8.32
CA TYR B 140 -39.58 57.20 -7.03
C TYR B 140 -38.08 57.02 -6.77
N PRO B 141 -37.59 57.50 -5.62
CA PRO B 141 -36.16 57.38 -5.29
C PRO B 141 -35.54 56.00 -5.57
N GLU B 142 -36.13 54.95 -5.00
CA GLU B 142 -35.60 53.60 -5.12
C GLU B 142 -35.63 52.97 -6.51
N ALA B 143 -36.24 53.64 -7.48
CA ALA B 143 -36.29 53.06 -8.81
C ALA B 143 -34.89 52.85 -9.39
N GLY B 144 -33.95 53.73 -9.04
CA GLY B 144 -32.59 53.61 -9.53
C GLY B 144 -31.94 52.31 -9.11
N LEU B 145 -31.98 52.02 -7.81
CA LEU B 145 -31.44 50.80 -7.28
C LEU B 145 -32.07 49.63 -8.04
N ALA B 146 -33.38 49.67 -8.23
CA ALA B 146 -34.09 48.59 -8.91
C ALA B 146 -33.53 48.34 -10.29
N GLN B 147 -33.10 49.41 -10.94
CA GLN B 147 -32.54 49.37 -12.27
C GLN B 147 -31.21 48.62 -12.24
N VAL B 148 -30.35 49.02 -11.31
CA VAL B 148 -29.05 48.36 -11.14
C VAL B 148 -29.26 46.90 -10.79
N LEU B 149 -30.26 46.62 -9.96
CA LEU B 149 -30.55 45.22 -9.63
C LEU B 149 -30.95 44.48 -10.89
N LEU B 150 -31.62 45.16 -11.81
CA LEU B 150 -32.03 44.52 -13.06
C LEU B 150 -30.79 44.16 -13.89
N TYR B 151 -29.86 45.11 -14.03
CA TYR B 151 -28.67 44.82 -14.80
C TYR B 151 -27.94 43.59 -14.24
N ARG B 152 -27.78 43.52 -12.92
CA ARG B 152 -27.08 42.39 -12.32
C ARG B 152 -27.84 41.10 -12.46
N THR B 153 -29.15 41.15 -12.23
CA THR B 153 -30.00 39.98 -12.32
C THR B 153 -29.95 39.40 -13.73
N GLN B 154 -30.09 40.28 -14.71
CA GLN B 154 -30.12 39.89 -16.12
C GLN B 154 -28.75 39.90 -16.84
N GLY B 155 -27.68 39.72 -16.07
CA GLY B 155 -26.34 39.67 -16.62
C GLY B 155 -25.88 40.68 -17.66
N THR B 156 -26.47 41.87 -17.67
CA THR B 156 -26.12 42.89 -18.64
C THR B 156 -25.37 44.07 -18.01
N TYR B 157 -24.87 43.89 -16.80
CA TYR B 157 -24.13 44.94 -16.12
C TYR B 157 -23.03 45.59 -16.99
N ASP B 158 -22.17 44.78 -17.60
CA ASP B 158 -21.10 45.34 -18.42
C ASP B 158 -21.58 46.27 -19.54
N GLN B 159 -22.80 46.11 -20.03
CA GLN B 159 -23.23 47.03 -21.07
C GLN B 159 -23.84 48.32 -20.50
N HIS B 160 -23.76 48.53 -19.18
CA HIS B 160 -24.31 49.76 -18.60
C HIS B 160 -23.47 50.50 -17.57
N LEU B 161 -22.15 50.48 -17.73
CA LEU B 161 -21.27 51.19 -16.80
C LEU B 161 -21.62 52.68 -16.65
N ASP B 162 -21.94 53.34 -17.76
CA ASP B 162 -22.31 54.76 -17.73
C ASP B 162 -23.64 54.97 -17.01
N ASP B 163 -24.57 54.04 -17.23
CA ASP B 163 -25.87 54.11 -16.58
C ASP B 163 -25.74 53.81 -15.08
N VAL B 164 -24.98 52.77 -14.73
CA VAL B 164 -24.79 52.45 -13.33
C VAL B 164 -24.07 53.62 -12.68
N GLU B 165 -23.13 54.23 -13.39
CA GLU B 165 -22.39 55.37 -12.87
C GLU B 165 -23.31 56.55 -12.55
N ARG B 166 -24.22 56.86 -13.47
CA ARG B 166 -25.19 57.96 -13.34
C ARG B 166 -26.15 57.72 -12.17
N ILE B 167 -26.89 56.62 -12.27
CA ILE B 167 -27.84 56.21 -11.25
C ILE B 167 -27.25 56.29 -9.86
N CYS B 168 -26.11 55.62 -9.67
CA CYS B 168 -25.50 55.61 -8.37
C CYS B 168 -24.88 56.91 -7.86
N LYS B 169 -24.47 57.80 -8.75
CA LYS B 169 -23.96 59.08 -8.27
C LYS B 169 -25.13 59.84 -7.64
N ALA B 170 -26.31 59.71 -8.25
CA ALA B 170 -27.48 60.40 -7.76
C ALA B 170 -28.06 59.76 -6.51
N ALA B 171 -28.00 58.44 -6.45
CA ALA B 171 -28.54 57.70 -5.30
C ALA B 171 -27.52 57.58 -4.17
N LEU B 172 -26.25 57.88 -4.45
CA LEU B 172 -25.21 57.74 -3.45
C LEU B 172 -25.61 58.09 -2.02
N ASN B 173 -26.06 59.32 -1.78
CA ASN B 173 -26.41 59.71 -0.41
C ASN B 173 -27.58 58.99 0.22
N THR B 174 -28.43 58.39 -0.60
CA THR B 174 -29.59 57.69 -0.05
C THR B 174 -29.45 56.16 -0.12
N THR B 175 -28.48 55.67 -0.90
CA THR B 175 -28.25 54.23 -1.11
C THR B 175 -26.75 53.88 -0.97
N ASP B 176 -26.31 53.49 0.22
CA ASP B 176 -24.90 53.18 0.44
C ASP B 176 -24.29 52.08 -0.44
N ILE B 177 -25.10 51.11 -0.85
CA ILE B 177 -24.61 50.05 -1.69
C ILE B 177 -24.00 50.61 -2.98
N CYS B 178 -24.26 51.88 -3.25
CA CYS B 178 -23.74 52.50 -4.46
C CYS B 178 -22.24 52.77 -4.39
N TYR B 179 -21.70 52.88 -3.19
CA TYR B 179 -20.27 53.06 -3.07
C TYR B 179 -19.62 51.81 -3.69
N VAL B 180 -20.21 50.65 -3.47
CA VAL B 180 -19.65 49.44 -4.05
C VAL B 180 -19.80 49.48 -5.56
N GLU B 181 -20.97 49.86 -6.07
CA GLU B 181 -21.19 49.91 -7.52
C GLU B 181 -20.29 50.93 -8.24
N LEU B 182 -20.08 52.09 -7.63
CA LEU B 182 -19.22 53.11 -8.20
C LEU B 182 -17.74 52.60 -8.16
N ALA B 183 -17.35 51.93 -7.07
CA ALA B 183 -15.98 51.40 -7.00
C ALA B 183 -15.80 50.39 -8.13
N THR B 184 -16.81 49.56 -8.35
CA THR B 184 -16.74 48.57 -9.41
C THR B 184 -16.58 49.27 -10.76
N VAL B 185 -17.46 50.22 -11.06
CA VAL B 185 -17.40 50.97 -12.31
C VAL B 185 -16.02 51.58 -12.51
N TYR B 186 -15.49 52.22 -11.47
CA TYR B 186 -14.17 52.85 -11.56
C TYR B 186 -13.01 51.85 -11.70
N GLN B 187 -13.18 50.62 -11.22
CA GLN B 187 -12.10 49.67 -11.41
C GLN B 187 -12.23 49.17 -12.85
N LYS B 188 -13.46 48.90 -13.30
CA LYS B 188 -13.66 48.42 -14.66
C LYS B 188 -13.19 49.42 -15.71
N LYS B 189 -13.41 50.70 -15.45
CA LYS B 189 -13.00 51.74 -16.38
C LYS B 189 -11.60 52.26 -16.09
N GLN B 190 -10.91 51.68 -15.11
CA GLN B 190 -9.58 52.14 -14.78
C GLN B 190 -9.51 53.63 -14.52
N GLN B 191 -10.37 54.13 -13.63
CA GLN B 191 -10.36 55.55 -13.35
C GLN B 191 -9.85 55.91 -11.95
N PRO B 192 -8.51 55.91 -11.78
CA PRO B 192 -7.83 56.23 -10.53
C PRO B 192 -8.26 57.53 -9.87
N GLU B 193 -8.34 58.59 -10.67
CA GLU B 193 -8.74 59.90 -10.12
C GLU B 193 -10.17 59.85 -9.56
N GLN B 194 -11.10 59.26 -10.30
CA GLN B 194 -12.48 59.15 -9.83
C GLN B 194 -12.58 58.24 -8.61
N GLN B 195 -11.71 57.23 -8.53
CA GLN B 195 -11.69 56.30 -7.40
C GLN B 195 -11.28 56.95 -6.09
N ALA B 196 -10.31 57.86 -6.17
CA ALA B 196 -9.80 58.56 -4.99
C ALA B 196 -10.88 59.49 -4.45
N GLU B 197 -11.62 60.10 -5.38
CA GLU B 197 -12.69 61.03 -5.03
C GLU B 197 -13.79 60.20 -4.39
N LEU B 198 -14.01 59.01 -4.93
CA LEU B 198 -15.01 58.13 -4.36
C LEU B 198 -14.62 57.75 -2.93
N LEU B 199 -13.35 57.44 -2.73
CA LEU B 199 -12.85 57.04 -1.42
C LEU B 199 -12.87 58.18 -0.41
N LYS B 200 -12.64 59.40 -0.88
CA LYS B 200 -12.71 60.53 0.03
C LYS B 200 -14.18 60.69 0.44
N GLN B 201 -15.08 60.56 -0.53
CA GLN B 201 -16.49 60.70 -0.20
C GLN B 201 -16.88 59.67 0.86
N MET B 202 -16.46 58.43 0.64
CA MET B 202 -16.75 57.36 1.59
C MET B 202 -16.22 57.71 3.00
N GLU B 203 -15.02 58.27 3.07
CA GLU B 203 -14.46 58.64 4.37
C GLU B 203 -15.34 59.72 5.02
N ALA B 204 -15.72 60.72 4.23
CA ALA B 204 -16.60 61.77 4.75
C ALA B 204 -17.86 61.06 5.20
N GLY B 205 -18.38 60.19 4.35
CA GLY B 205 -19.56 59.44 4.75
C GLY B 205 -19.33 58.70 6.08
N VAL B 206 -18.17 58.03 6.21
CA VAL B 206 -17.90 57.30 7.45
C VAL B 206 -17.92 58.25 8.61
N SER B 207 -17.39 59.43 8.38
CA SER B 207 -17.35 60.44 9.44
C SER B 207 -18.71 60.95 9.93
N ARG B 208 -19.67 61.09 9.02
CA ARG B 208 -20.99 61.60 9.38
C ARG B 208 -21.85 60.52 9.99
N GLY B 209 -21.55 59.27 9.66
CA GLY B 209 -22.32 58.17 10.23
C GLY B 209 -23.29 57.56 9.25
N THR B 210 -23.06 57.77 7.96
CA THR B 210 -23.92 57.21 6.94
C THR B 210 -23.29 55.98 6.27
N VAL B 211 -22.08 55.61 6.68
CA VAL B 211 -21.40 54.43 6.12
C VAL B 211 -20.90 53.45 7.19
N THR B 212 -21.38 52.21 7.16
CA THR B 212 -20.92 51.24 8.15
C THR B 212 -19.54 50.63 7.76
N ALA B 213 -19.00 49.87 8.70
CA ALA B 213 -17.74 49.16 8.52
C ALA B 213 -17.98 48.09 7.45
N GLN B 214 -19.07 47.36 7.59
CA GLN B 214 -19.46 46.33 6.62
C GLN B 214 -19.34 46.88 5.20
N ARG B 215 -19.71 48.14 5.03
CA ARG B 215 -19.67 48.76 3.71
C ARG B 215 -18.24 49.00 3.28
N VAL B 216 -17.45 49.64 4.15
CA VAL B 216 -16.06 49.88 3.80
C VAL B 216 -15.46 48.54 3.34
N ASP B 217 -15.56 47.52 4.19
CA ASP B 217 -15.05 46.20 3.89
C ASP B 217 -15.43 45.72 2.48
N SER B 218 -16.65 45.97 2.04
CA SER B 218 -17.08 45.53 0.70
C SER B 218 -16.49 46.37 -0.41
N VAL B 219 -16.08 47.59 -0.07
CA VAL B 219 -15.48 48.43 -1.09
C VAL B 219 -13.99 48.05 -1.19
N ALA B 220 -13.34 47.76 -0.07
CA ALA B 220 -11.95 47.35 -0.11
C ALA B 220 -11.91 46.12 -1.00
N ARG B 221 -12.77 45.15 -0.70
CA ARG B 221 -12.80 43.92 -1.46
C ARG B 221 -13.05 44.17 -2.94
N VAL B 222 -13.74 45.26 -3.30
CA VAL B 222 -13.91 45.54 -4.73
C VAL B 222 -12.55 45.95 -5.31
N LEU B 223 -11.80 46.78 -4.60
CA LEU B 223 -10.48 47.22 -5.07
C LEU B 223 -9.47 46.10 -5.13
N GLY B 224 -9.71 45.02 -4.39
CA GLY B 224 -8.78 43.91 -4.39
C GLY B 224 -9.20 42.82 -5.35
N ASP B 225 -10.11 43.15 -6.24
CA ASP B 225 -10.65 42.21 -7.22
C ASP B 225 -9.95 42.35 -8.57
N ALA B 226 -9.02 41.45 -8.87
CA ALA B 226 -8.27 41.48 -10.13
C ALA B 226 -9.15 41.22 -11.35
N THR B 227 -10.28 40.57 -11.12
CA THR B 227 -11.22 40.26 -12.19
C THR B 227 -11.76 41.50 -12.93
N LEU B 228 -11.75 42.63 -12.26
CA LEU B 228 -12.26 43.86 -12.86
C LEU B 228 -11.22 44.57 -13.70
N GLY B 229 -10.06 44.83 -13.12
CA GLY B 229 -9.00 45.50 -13.84
C GLY B 229 -7.79 45.51 -12.95
N THR B 230 -7.01 46.57 -12.99
CA THR B 230 -5.84 46.64 -12.15
C THR B 230 -6.27 47.01 -10.75
N PRO B 231 -6.17 46.05 -9.81
CA PRO B 231 -6.56 46.27 -8.42
C PRO B 231 -5.66 47.22 -7.68
N ASP B 232 -6.03 47.54 -6.44
CA ASP B 232 -5.28 48.43 -5.58
C ASP B 232 -5.21 47.76 -4.21
N GLU B 233 -4.42 46.69 -4.15
CA GLU B 233 -4.25 45.90 -2.95
C GLU B 233 -3.81 46.76 -1.78
N LYS B 234 -2.88 47.66 -2.06
CA LYS B 234 -2.36 48.50 -1.01
C LYS B 234 -3.48 49.32 -0.38
N THR B 235 -4.26 50.03 -1.20
CA THR B 235 -5.34 50.80 -0.59
C THR B 235 -6.31 49.87 0.12
N ALA B 236 -6.66 48.75 -0.53
CA ALA B 236 -7.59 47.80 0.08
C ALA B 236 -7.17 47.35 1.46
N GLN B 237 -5.88 47.09 1.62
CA GLN B 237 -5.38 46.59 2.90
C GLN B 237 -5.47 47.67 3.95
N ALA B 238 -5.16 48.89 3.55
CA ALA B 238 -5.20 50.02 4.47
C ALA B 238 -6.64 50.22 4.95
N LEU B 239 -7.63 50.06 4.08
CA LEU B 239 -9.00 50.24 4.53
C LEU B 239 -9.37 49.17 5.56
N LEU B 240 -9.17 47.90 5.19
CA LEU B 240 -9.46 46.76 6.07
C LEU B 240 -8.73 46.77 7.43
N GLU B 241 -7.50 47.28 7.50
CA GLU B 241 -6.83 47.25 8.79
C GLU B 241 -7.44 48.25 9.77
N LYS B 242 -7.79 49.43 9.28
CA LYS B 242 -8.39 50.41 10.16
C LYS B 242 -9.70 49.87 10.74
N ILE B 243 -10.52 49.18 9.93
CA ILE B 243 -11.81 48.67 10.43
C ILE B 243 -11.89 47.28 11.03
N ALA B 244 -10.86 46.44 10.87
CA ALA B 244 -10.96 45.07 11.42
C ALA B 244 -11.10 44.95 12.94
N PRO B 245 -10.54 45.91 13.69
CA PRO B 245 -10.66 45.79 15.15
C PRO B 245 -12.12 45.84 15.65
N GLY B 246 -12.98 46.55 14.94
CA GLY B 246 -14.37 46.61 15.36
C GLY B 246 -15.35 45.92 14.41
N TYR B 247 -14.81 45.29 13.38
CA TYR B 247 -15.57 44.57 12.36
C TYR B 247 -14.69 43.35 11.97
N PRO B 248 -14.72 42.31 12.81
CA PRO B 248 -13.99 41.05 12.71
C PRO B 248 -13.96 40.35 11.37
N ALA B 249 -15.12 40.25 10.73
CA ALA B 249 -15.18 39.63 9.42
C ALA B 249 -14.07 40.24 8.52
N SER B 250 -13.63 41.45 8.85
CA SER B 250 -12.61 42.11 8.05
C SER B 250 -11.19 41.55 8.21
N TRP B 251 -11.01 40.69 9.20
CA TRP B 251 -9.71 40.03 9.40
C TRP B 251 -9.62 38.94 8.31
N VAL B 252 -10.75 38.34 7.97
CA VAL B 252 -10.79 37.30 6.95
C VAL B 252 -10.54 37.92 5.59
N SER B 253 -11.11 39.10 5.37
CA SER B 253 -10.89 39.77 4.09
C SER B 253 -9.41 40.10 3.97
N LEU B 254 -8.76 40.34 5.11
CA LEU B 254 -7.35 40.65 5.10
C LEU B 254 -6.53 39.42 4.71
N ALA B 255 -6.85 38.28 5.30
CA ALA B 255 -6.14 37.04 5.02
C ALA B 255 -6.28 36.69 3.55
N GLN B 256 -7.50 36.73 3.05
CA GLN B 256 -7.75 36.44 1.64
C GLN B 256 -7.01 37.44 0.75
N LEU B 257 -6.87 38.70 1.17
CA LEU B 257 -6.19 39.67 0.30
C LEU B 257 -4.72 39.32 0.20
N LEU B 258 -4.16 38.91 1.34
CA LEU B 258 -2.77 38.52 1.40
C LEU B 258 -2.58 37.26 0.56
N TYR B 259 -3.55 36.36 0.63
CA TYR B 259 -3.49 35.13 -0.12
C TYR B 259 -3.49 35.44 -1.61
N ASP B 260 -4.32 36.40 -2.02
CA ASP B 260 -4.42 36.81 -3.42
C ASP B 260 -3.25 37.68 -3.88
N PHE B 261 -2.63 38.38 -2.95
CA PHE B 261 -1.49 39.27 -3.26
C PHE B 261 -0.41 38.99 -2.22
N PRO B 262 0.38 37.94 -2.46
CA PRO B 262 1.45 37.57 -1.52
C PRO B 262 2.46 38.66 -1.21
N GLU B 263 2.79 39.47 -2.20
CA GLU B 263 3.75 40.54 -2.00
C GLU B 263 3.31 41.52 -0.92
N LEU B 264 2.10 41.38 -0.42
CA LEU B 264 1.58 42.31 0.57
C LEU B 264 2.03 42.03 1.99
N GLY B 265 2.63 40.86 2.20
CA GLY B 265 3.07 40.45 3.51
C GLY B 265 3.54 39.00 3.59
N ASP B 266 3.90 38.59 4.79
CA ASP B 266 4.39 37.23 5.04
C ASP B 266 3.47 36.34 5.89
N VAL B 267 3.81 35.05 5.93
CA VAL B 267 3.06 34.06 6.70
C VAL B 267 2.75 34.50 8.12
N GLU B 268 3.64 35.29 8.69
CA GLU B 268 3.39 35.77 10.05
C GLU B 268 2.20 36.77 10.06
N GLN B 269 2.22 37.77 9.19
CA GLN B 269 1.13 38.73 9.12
C GLN B 269 -0.14 37.90 8.84
N MET B 270 -0.02 36.90 7.97
CA MET B 270 -1.14 36.03 7.61
C MET B 270 -1.74 35.32 8.84
N MET B 271 -0.87 34.74 9.64
CA MET B 271 -1.30 34.03 10.84
C MET B 271 -1.89 34.94 11.91
N LYS B 272 -1.52 36.22 11.91
CA LYS B 272 -2.06 37.17 12.88
C LYS B 272 -3.52 37.49 12.45
N TYR B 273 -3.73 37.68 11.15
CA TYR B 273 -5.07 37.95 10.63
C TYR B 273 -5.99 36.78 10.92
N LEU B 274 -5.58 35.60 10.50
CA LEU B 274 -6.42 34.43 10.71
C LEU B 274 -6.59 34.10 12.21
N ASP B 275 -5.63 34.45 13.06
CA ASP B 275 -5.85 34.16 14.47
C ASP B 275 -6.90 35.17 14.93
N ASN B 276 -6.74 36.43 14.54
CA ASN B 276 -7.71 37.45 14.94
C ASN B 276 -9.10 37.05 14.47
N GLY B 277 -9.15 36.46 13.27
CA GLY B 277 -10.43 36.04 12.75
C GLY B 277 -11.02 34.87 13.51
N ARG B 278 -10.17 33.93 13.94
CA ARG B 278 -10.63 32.76 14.66
C ARG B 278 -11.12 33.10 16.05
N ALA B 279 -10.39 33.97 16.74
CA ALA B 279 -10.76 34.39 18.09
C ALA B 279 -12.16 35.02 18.06
N ALA B 280 -12.43 35.79 17.00
CA ALA B 280 -13.70 36.48 16.84
C ALA B 280 -14.74 35.58 16.21
N ASP B 281 -14.52 34.28 16.34
CA ASP B 281 -15.42 33.25 15.83
C ASP B 281 -15.92 33.37 14.38
N GLN B 282 -15.01 33.67 13.44
CA GLN B 282 -15.33 33.78 12.03
C GLN B 282 -15.04 32.41 11.41
N PRO B 283 -16.06 31.71 10.89
CA PRO B 283 -15.88 30.40 10.29
C PRO B 283 -15.00 30.41 9.04
N ARG B 284 -15.04 31.51 8.29
CA ARG B 284 -14.22 31.60 7.09
C ARG B 284 -12.73 31.63 7.43
N ALA B 285 -12.39 32.03 8.65
CA ALA B 285 -11.00 32.06 9.07
C ALA B 285 -10.52 30.63 9.21
N GLU B 286 -11.41 29.77 9.70
CA GLU B 286 -11.08 28.38 9.89
C GLU B 286 -10.90 27.73 8.54
N LEU B 287 -11.79 28.11 7.62
CA LEU B 287 -11.73 27.55 6.29
C LEU B 287 -10.38 27.88 5.65
N LEU B 288 -10.07 29.17 5.54
CA LEU B 288 -8.82 29.61 4.93
C LEU B 288 -7.63 28.95 5.59
N LEU B 289 -7.65 28.92 6.92
CA LEU B 289 -6.56 28.32 7.65
C LEU B 289 -6.40 26.89 7.19
N GLY B 290 -7.54 26.24 6.98
CA GLY B 290 -7.52 24.87 6.54
C GLY B 290 -6.93 24.82 5.16
N LYS B 291 -7.28 25.78 4.32
CA LYS B 291 -6.77 25.81 2.97
C LYS B 291 -5.23 25.95 2.97
N LEU B 292 -4.69 26.82 3.82
CA LEU B 292 -3.26 26.99 3.87
C LEU B 292 -2.57 25.63 4.13
N TYR B 293 -2.94 24.98 5.23
CA TYR B 293 -2.38 23.69 5.59
C TYR B 293 -2.57 22.61 4.53
N TYR B 294 -3.72 22.61 3.89
CA TYR B 294 -4.02 21.66 2.84
C TYR B 294 -3.14 21.93 1.60
N GLU B 295 -2.89 23.20 1.28
CA GLU B 295 -2.11 23.54 0.10
C GLU B 295 -0.59 23.53 0.29
N GLY B 296 -0.13 23.74 1.51
CA GLY B 296 1.28 23.73 1.81
C GLY B 296 2.24 24.71 1.16
N LYS B 297 1.82 25.96 0.91
CA LYS B 297 2.70 26.95 0.28
C LYS B 297 3.10 28.08 1.23
N TRP B 298 2.14 28.61 2.00
CA TRP B 298 2.42 29.63 3.01
C TRP B 298 2.94 28.89 4.21
N VAL B 299 2.49 27.64 4.33
CA VAL B 299 2.83 26.84 5.49
C VAL B 299 3.12 25.41 5.04
N PRO B 300 3.94 24.68 5.81
CA PRO B 300 4.29 23.30 5.46
C PRO B 300 3.02 22.46 5.45
N ALA B 301 2.80 21.74 4.36
CA ALA B 301 1.64 20.91 4.22
C ALA B 301 1.45 20.04 5.48
N ASP B 302 0.22 20.00 5.99
CA ASP B 302 -0.12 19.24 7.16
C ASP B 302 -1.62 18.98 7.06
N ALA B 303 -1.99 17.79 6.62
CA ALA B 303 -3.38 17.42 6.45
C ALA B 303 -4.08 17.27 7.79
N LYS B 304 -3.34 16.97 8.84
CA LYS B 304 -4.00 16.83 10.12
C LYS B 304 -4.49 18.19 10.60
N ALA B 305 -3.58 19.17 10.62
CA ALA B 305 -3.96 20.52 11.02
C ALA B 305 -5.05 20.98 10.07
N ALA B 306 -4.95 20.58 8.80
CA ALA B 306 -5.96 20.99 7.82
C ALA B 306 -7.29 20.37 8.19
N GLU B 307 -7.29 19.06 8.41
CA GLU B 307 -8.50 18.37 8.76
C GLU B 307 -9.11 19.01 10.03
N ALA B 308 -8.32 19.19 11.09
CA ALA B 308 -8.87 19.81 12.29
C ALA B 308 -9.51 21.16 12.03
N HIS B 309 -8.90 22.01 11.20
CA HIS B 309 -9.50 23.30 10.93
C HIS B 309 -10.72 23.27 10.03
N PHE B 310 -10.77 22.40 9.03
CA PHE B 310 -11.97 22.39 8.22
C PHE B 310 -13.16 21.89 9.08
N GLU B 311 -12.92 20.94 9.98
CA GLU B 311 -14.03 20.44 10.79
C GLU B 311 -14.76 21.60 11.44
N LYS B 312 -14.01 22.54 12.04
CA LYS B 312 -14.63 23.68 12.69
C LYS B 312 -15.49 24.56 11.79
N ALA B 313 -15.44 24.35 10.48
CA ALA B 313 -16.24 25.16 9.58
C ALA B 313 -17.37 24.35 8.96
N VAL B 314 -17.43 23.05 9.25
CA VAL B 314 -18.50 22.28 8.63
C VAL B 314 -19.85 22.67 9.23
N GLY B 315 -20.75 23.04 8.35
CA GLY B 315 -22.06 23.44 8.81
C GLY B 315 -22.20 24.94 8.69
N ARG B 316 -21.07 25.64 8.55
CA ARG B 316 -21.13 27.09 8.43
C ARG B 316 -20.62 27.51 7.05
N GLU B 317 -19.68 26.75 6.50
CA GLU B 317 -19.16 27.03 5.18
C GLU B 317 -19.27 25.70 4.42
N VAL B 318 -19.74 25.77 3.19
CA VAL B 318 -19.93 24.58 2.38
C VAL B 318 -18.63 23.99 1.89
N ALA B 319 -17.71 24.87 1.53
CA ALA B 319 -16.42 24.46 1.01
C ALA B 319 -15.69 23.57 2.02
N ALA B 320 -16.05 23.69 3.29
CA ALA B 320 -15.41 22.91 4.32
C ALA B 320 -15.61 21.43 4.02
N ASP B 321 -16.81 21.05 3.57
CA ASP B 321 -17.11 19.66 3.25
C ASP B 321 -16.23 19.17 2.11
N TYR B 322 -16.10 20.01 1.10
CA TYR B 322 -15.31 19.71 -0.07
C TYR B 322 -13.83 19.43 0.22
N TYR B 323 -13.21 20.20 1.10
CA TYR B 323 -11.82 19.97 1.40
C TYR B 323 -11.63 18.73 2.24
N LEU B 324 -12.48 18.51 3.24
CA LEU B 324 -12.35 17.28 4.03
C LEU B 324 -12.51 16.08 3.09
N GLY B 325 -13.48 16.15 2.19
CA GLY B 325 -13.70 15.04 1.25
C GLY B 325 -12.51 14.74 0.36
N GLN B 326 -11.78 15.80 -0.02
CA GLN B 326 -10.62 15.66 -0.86
C GLN B 326 -9.50 15.01 -0.07
N ILE B 327 -9.34 15.42 1.18
CA ILE B 327 -8.30 14.87 2.00
C ILE B 327 -8.49 13.36 2.16
N TYR B 328 -9.75 12.95 2.26
CA TYR B 328 -10.09 11.54 2.40
C TYR B 328 -9.96 10.78 1.08
N ARG B 329 -10.31 11.41 -0.03
CA ARG B 329 -10.20 10.74 -1.32
C ARG B 329 -8.74 10.59 -1.70
N ARG B 330 -7.95 11.62 -1.39
CA ARG B 330 -6.53 11.61 -1.75
C ARG B 330 -5.61 10.90 -0.75
N GLY B 331 -6.15 10.58 0.42
CA GLY B 331 -5.37 9.89 1.43
C GLY B 331 -4.24 10.73 1.95
N TYR B 332 -4.52 12.01 2.13
CA TYR B 332 -3.52 12.94 2.62
C TYR B 332 -3.17 12.61 4.07
N LEU B 333 -4.08 11.99 4.78
CA LEU B 333 -3.82 11.64 6.17
C LEU B 333 -2.81 10.48 6.28
N GLY B 334 -2.65 9.71 5.22
CA GLY B 334 -1.74 8.61 5.26
C GLY B 334 -2.49 7.44 4.66
N LYS B 335 -3.80 7.60 4.54
CA LYS B 335 -4.63 6.58 3.95
C LYS B 335 -5.95 7.12 3.47
N VAL B 336 -6.47 6.48 2.43
CA VAL B 336 -7.74 6.85 1.86
C VAL B 336 -8.87 6.47 2.79
N TYR B 337 -9.98 7.19 2.68
CA TYR B 337 -11.18 6.91 3.45
C TYR B 337 -12.31 7.10 2.46
N PRO B 338 -12.62 6.05 1.70
CA PRO B 338 -13.67 6.09 0.69
C PRO B 338 -15.00 6.64 1.15
N GLN B 339 -15.61 5.98 2.14
CA GLN B 339 -16.92 6.41 2.58
C GLN B 339 -16.96 7.82 3.11
N LYS B 340 -15.92 8.23 3.83
CA LYS B 340 -15.89 9.57 4.38
C LYS B 340 -15.72 10.57 3.25
N ALA B 341 -14.89 10.19 2.28
CA ALA B 341 -14.69 11.03 1.11
C ALA B 341 -16.06 11.24 0.47
N LEU B 342 -16.73 10.14 0.11
CA LEU B 342 -18.03 10.22 -0.53
C LEU B 342 -19.05 10.98 0.32
N ASP B 343 -19.17 10.61 1.59
CA ASP B 343 -20.12 11.33 2.46
C ASP B 343 -19.87 12.83 2.43
N HIS B 344 -18.63 13.26 2.61
CA HIS B 344 -18.38 14.70 2.60
C HIS B 344 -18.49 15.39 1.27
N LEU B 345 -18.07 14.74 0.18
CA LEU B 345 -18.17 15.35 -1.15
C LEU B 345 -19.65 15.47 -1.54
N LEU B 346 -20.41 14.46 -1.17
CA LEU B 346 -21.83 14.44 -1.45
C LEU B 346 -22.43 15.61 -0.70
N THR B 347 -22.22 15.65 0.60
CA THR B 347 -22.77 16.72 1.42
C THR B 347 -22.41 18.08 0.82
N ALA B 348 -21.29 18.15 0.13
CA ALA B 348 -20.86 19.40 -0.48
C ALA B 348 -21.55 19.61 -1.81
N ALA B 349 -21.44 18.60 -2.69
CA ALA B 349 -22.05 18.64 -4.02
C ALA B 349 -23.51 19.06 -3.91
N ARG B 350 -24.15 18.64 -2.84
CA ARG B 350 -25.55 18.98 -2.61
C ARG B 350 -25.69 20.43 -2.14
N ASN B 351 -24.87 20.84 -1.17
CA ASN B 351 -24.96 22.21 -0.65
C ASN B 351 -24.46 23.31 -1.58
N GLY B 352 -24.22 22.98 -2.85
CA GLY B 352 -23.80 24.00 -3.79
C GLY B 352 -22.36 24.07 -4.24
N GLN B 353 -21.46 23.28 -3.64
CA GLN B 353 -20.04 23.31 -4.02
C GLN B 353 -19.88 23.04 -5.52
N ASN B 354 -19.25 23.96 -6.22
CA ASN B 354 -19.07 23.90 -7.68
C ASN B 354 -18.29 22.74 -8.25
N SER B 355 -17.31 22.22 -7.51
CA SER B 355 -16.46 21.16 -8.04
C SER B 355 -16.47 19.80 -7.31
N ALA B 356 -17.44 19.61 -6.41
CA ALA B 356 -17.52 18.36 -5.66
C ALA B 356 -17.88 17.16 -6.53
N ASP B 357 -18.88 17.32 -7.39
CA ASP B 357 -19.33 16.23 -8.26
C ASP B 357 -18.17 15.66 -9.09
N PHE B 358 -17.34 16.55 -9.59
CA PHE B 358 -16.20 16.13 -10.38
C PHE B 358 -15.27 15.27 -9.53
N ALA B 359 -15.03 15.70 -8.29
CA ALA B 359 -14.17 14.96 -7.38
C ALA B 359 -14.79 13.60 -7.03
N ILE B 360 -16.11 13.57 -6.87
CA ILE B 360 -16.77 12.31 -6.57
C ILE B 360 -16.57 11.43 -7.81
N ALA B 361 -16.74 12.01 -8.99
CA ALA B 361 -16.57 11.28 -10.24
C ALA B 361 -15.21 10.59 -10.26
N GLN B 362 -14.17 11.31 -9.82
CA GLN B 362 -12.81 10.77 -9.76
C GLN B 362 -12.73 9.70 -8.70
N LEU B 363 -13.44 9.92 -7.59
CA LEU B 363 -13.47 8.97 -6.49
C LEU B 363 -13.81 7.55 -6.96
N PHE B 364 -14.73 7.46 -7.92
CA PHE B 364 -15.16 6.18 -8.49
C PHE B 364 -14.53 5.86 -9.84
N SER B 365 -13.37 6.41 -10.15
CA SER B 365 -12.76 6.14 -11.45
C SER B 365 -11.31 5.70 -11.43
N GLN B 366 -10.50 6.36 -10.60
CA GLN B 366 -9.07 6.08 -10.53
C GLN B 366 -8.59 5.13 -9.44
N GLY B 367 -9.51 4.39 -8.84
CA GLY B 367 -9.10 3.47 -7.78
C GLY B 367 -8.27 4.14 -6.69
N LYS B 368 -6.95 3.94 -6.74
CA LYS B 368 -6.05 4.53 -5.74
C LYS B 368 -6.60 4.47 -4.32
N GLY B 369 -6.99 3.27 -3.89
CA GLY B 369 -7.53 3.12 -2.56
C GLY B 369 -9.04 2.92 -2.55
N THR B 370 -9.69 3.19 -3.67
CA THR B 370 -11.14 3.02 -3.77
C THR B 370 -11.50 2.17 -4.99
N LYS B 371 -12.47 1.28 -4.83
CA LYS B 371 -12.88 0.38 -5.91
C LYS B 371 -13.61 1.10 -7.03
N PRO B 372 -13.06 1.09 -8.25
CA PRO B 372 -13.76 1.79 -9.33
C PRO B 372 -15.23 1.38 -9.47
N ASP B 373 -16.04 2.32 -9.91
CA ASP B 373 -17.47 2.08 -10.10
C ASP B 373 -17.83 2.79 -11.40
N PRO B 374 -17.77 2.07 -12.54
CA PRO B 374 -18.08 2.62 -13.85
C PRO B 374 -19.38 3.42 -13.89
N LEU B 375 -20.44 2.82 -13.36
CA LEU B 375 -21.74 3.48 -13.33
C LEU B 375 -21.67 4.80 -12.58
N ASN B 376 -21.44 4.74 -11.27
CA ASN B 376 -21.38 5.95 -10.45
C ASN B 376 -20.41 7.01 -10.98
N ALA B 377 -19.27 6.58 -11.52
CA ALA B 377 -18.33 7.55 -12.06
C ALA B 377 -19.11 8.37 -13.08
N TYR B 378 -19.83 7.66 -13.95
CA TYR B 378 -20.63 8.30 -14.99
C TYR B 378 -21.76 9.18 -14.42
N VAL B 379 -22.49 8.67 -13.43
CA VAL B 379 -23.60 9.39 -12.80
C VAL B 379 -23.18 10.77 -12.31
N PHE B 380 -22.02 10.86 -11.67
CA PHE B 380 -21.55 12.15 -11.18
C PHE B 380 -20.75 12.93 -12.20
N SER B 381 -20.15 12.22 -13.15
CA SER B 381 -19.36 12.90 -14.17
C SER B 381 -20.27 13.83 -14.97
N GLN B 382 -21.54 13.45 -15.07
CA GLN B 382 -22.54 14.23 -15.78
C GLN B 382 -22.84 15.46 -14.93
N LEU B 383 -23.28 15.19 -13.69
CA LEU B 383 -23.61 16.27 -12.77
C LEU B 383 -22.48 17.28 -12.67
N ALA B 384 -21.23 16.85 -12.90
CA ALA B 384 -20.09 17.75 -12.82
C ALA B 384 -19.85 18.57 -14.09
N LYS B 385 -20.32 18.09 -15.23
CA LYS B 385 -20.10 18.84 -16.47
C LYS B 385 -20.84 20.17 -16.50
N ALA B 386 -21.76 20.35 -15.55
CA ALA B 386 -22.58 21.56 -15.46
C ALA B 386 -21.80 22.86 -15.69
N GLN B 387 -20.47 22.82 -15.50
CA GLN B 387 -19.63 24.00 -15.67
C GLN B 387 -18.63 23.86 -16.82
N PRO B 390 -14.48 22.15 -19.61
CA PRO B 390 -13.32 21.70 -20.38
C PRO B 390 -12.76 20.38 -19.84
N GLU B 391 -12.56 20.35 -18.53
CA GLU B 391 -12.05 19.14 -17.88
C GLU B 391 -13.25 18.27 -17.50
N ALA B 392 -14.37 18.91 -17.21
CA ALA B 392 -15.59 18.22 -16.85
C ALA B 392 -16.11 17.37 -18.01
N ASN B 393 -15.88 17.86 -19.22
CA ASN B 393 -16.35 17.19 -20.42
C ASN B 393 -15.40 16.12 -20.96
N ASP B 394 -14.14 16.14 -20.53
CA ASP B 394 -13.19 15.13 -20.98
C ASP B 394 -13.28 13.91 -20.09
N LEU B 395 -13.44 14.13 -18.79
CA LEU B 395 -13.57 13.03 -17.84
C LEU B 395 -14.96 12.44 -18.05
N ALA B 396 -15.89 13.31 -18.47
CA ALA B 396 -17.26 12.88 -18.72
C ALA B 396 -17.25 11.89 -19.89
N THR B 397 -16.53 12.23 -20.95
CA THR B 397 -16.42 11.37 -22.12
C THR B 397 -15.62 10.14 -21.72
N GLN B 398 -14.50 10.37 -21.02
CA GLN B 398 -13.66 9.30 -20.55
C GLN B 398 -14.54 8.35 -19.74
N LEU B 399 -15.49 8.91 -19.01
CA LEU B 399 -16.41 8.12 -18.20
C LEU B 399 -17.75 7.95 -18.92
N GLU B 400 -17.76 8.27 -20.21
CA GLU B 400 -18.96 8.14 -21.02
C GLU B 400 -18.93 6.86 -21.82
N ALA B 401 -17.75 6.52 -22.32
CA ALA B 401 -17.55 5.34 -23.15
C ALA B 401 -17.91 4.01 -22.49
N PRO B 402 -17.31 3.73 -21.32
CA PRO B 402 -17.56 2.47 -20.60
C PRO B 402 -18.99 1.94 -20.65
N LEU B 403 -19.96 2.84 -20.52
CA LEU B 403 -21.37 2.44 -20.51
C LEU B 403 -22.02 2.26 -21.88
N THR B 404 -22.95 1.32 -21.94
CA THR B 404 -23.68 1.01 -23.15
C THR B 404 -25.04 1.70 -23.01
N PRO B 405 -25.79 1.83 -24.11
CA PRO B 405 -27.11 2.47 -24.04
C PRO B 405 -27.94 1.99 -22.85
N ALA B 406 -27.86 0.69 -22.57
CA ALA B 406 -28.59 0.09 -21.47
C ALA B 406 -28.24 0.78 -20.16
N GLN B 407 -26.94 0.86 -19.89
CA GLN B 407 -26.44 1.49 -18.68
C GLN B 407 -26.68 3.01 -18.70
N ARG B 408 -26.15 3.67 -19.71
CA ARG B 408 -26.27 5.12 -19.87
C ARG B 408 -27.68 5.66 -19.60
N ALA B 409 -28.69 4.85 -19.90
CA ALA B 409 -30.07 5.26 -19.70
C ALA B 409 -30.44 5.40 -18.23
N GLU B 410 -30.27 4.32 -17.48
CA GLU B 410 -30.59 4.36 -16.06
C GLU B 410 -29.63 5.29 -15.32
N GLY B 411 -28.52 5.63 -15.96
CA GLY B 411 -27.57 6.53 -15.36
C GLY B 411 -28.23 7.89 -15.26
N GLN B 412 -29.07 8.22 -16.24
CA GLN B 412 -29.75 9.52 -16.26
C GLN B 412 -30.99 9.52 -15.33
N ARG B 413 -31.50 8.35 -14.99
CA ARG B 413 -32.66 8.25 -14.09
C ARG B 413 -32.13 8.51 -12.69
N LEU B 414 -30.83 8.25 -12.51
CA LEU B 414 -30.15 8.47 -11.24
C LEU B 414 -29.71 9.92 -11.22
N VAL B 415 -29.29 10.44 -12.36
CA VAL B 415 -28.87 11.83 -12.46
C VAL B 415 -30.02 12.73 -12.03
N GLN B 416 -31.24 12.25 -12.25
CA GLN B 416 -32.43 13.01 -11.88
C GLN B 416 -32.81 12.75 -10.42
N GLN B 417 -32.64 11.50 -9.99
CA GLN B 417 -32.96 11.13 -8.60
C GLN B 417 -32.06 11.88 -7.61
N GLU B 418 -30.96 12.45 -8.11
CA GLU B 418 -30.04 13.20 -7.28
C GLU B 418 -30.43 14.66 -7.38
N LEU B 419 -30.49 15.14 -8.63
CA LEU B 419 -30.84 16.54 -8.96
C LEU B 419 -32.24 17.01 -8.47
N THR B 429 -28.13 17.64 6.73
CA THR B 429 -28.01 18.90 7.47
C THR B 429 -26.90 18.77 8.50
N LEU B 430 -25.77 19.43 8.23
CA LEU B 430 -24.60 19.35 9.11
C LEU B 430 -24.66 20.03 10.50
N GLN B 431 -24.10 19.32 11.49
CA GLN B 431 -23.95 19.82 12.85
C GLN B 431 -22.65 19.29 13.42
N LEU B 432 -22.07 20.05 14.36
CA LEU B 432 -20.74 19.72 14.89
C LEU B 432 -20.61 19.67 16.43
N HIS B 433 -19.59 18.94 16.90
CA HIS B 433 -19.33 18.79 18.32
C HIS B 433 -18.01 19.43 18.69
N ALA B 434 -18.06 20.65 19.21
CA ALA B 434 -16.87 21.40 19.60
C ALA B 434 -16.19 20.83 20.87
N LEU B 435 -14.90 21.12 21.03
CA LEU B 435 -14.13 20.65 22.18
C LEU B 435 -14.35 21.55 23.40
N GLN B 436 -14.25 20.94 24.60
CA GLN B 436 -14.40 21.74 25.84
C GLN B 436 -13.25 22.77 25.85
N ARG C 16 9.84 -7.25 3.80
CA ARG C 16 11.01 -7.79 3.04
C ARG C 16 10.98 -7.24 1.61
N GLY C 17 9.83 -6.66 1.26
CA GLY C 17 9.66 -6.07 -0.05
C GLY C 17 10.13 -4.66 0.15
N ASP C 18 9.91 -4.15 1.37
CA ASP C 18 10.30 -2.80 1.74
C ASP C 18 11.81 -2.73 1.78
N THR C 19 12.43 -3.86 2.04
CA THR C 19 13.87 -3.93 2.09
C THR C 19 14.44 -3.74 0.69
N VAL C 20 13.78 -4.36 -0.30
CA VAL C 20 14.18 -4.27 -1.71
C VAL C 20 14.05 -2.82 -2.16
N THR C 21 12.87 -2.27 -1.90
CA THR C 21 12.53 -0.91 -2.24
C THR C 21 13.50 0.10 -1.63
N ALA C 22 13.84 -0.11 -0.37
CA ALA C 22 14.76 0.78 0.31
C ALA C 22 16.08 0.76 -0.39
N GLN C 23 16.56 -0.42 -0.81
CA GLN C 23 17.83 -0.48 -1.51
C GLN C 23 17.73 0.16 -2.89
N GLN C 24 16.58 0.03 -3.54
CA GLN C 24 16.39 0.68 -4.83
C GLN C 24 16.52 2.20 -4.64
N ASN C 25 15.86 2.73 -3.60
CA ASN C 25 15.90 4.14 -3.27
C ASN C 25 17.30 4.70 -3.09
N TYR C 26 18.09 3.96 -2.31
CA TYR C 26 19.45 4.37 -2.06
C TYR C 26 20.22 4.41 -3.37
N GLN C 27 19.99 3.43 -4.25
CA GLN C 27 20.70 3.41 -5.53
C GLN C 27 20.33 4.63 -6.37
N GLN C 28 19.04 4.96 -6.39
CA GLN C 28 18.60 6.14 -7.13
C GLN C 28 19.22 7.43 -6.56
N LEU C 29 19.11 7.63 -5.23
CA LEU C 29 19.63 8.84 -4.58
C LEU C 29 21.12 8.96 -4.81
N ALA C 30 21.84 7.86 -4.70
CA ALA C 30 23.29 7.92 -4.93
C ALA C 30 23.60 8.23 -6.41
N GLU C 31 22.79 7.71 -7.34
CA GLU C 31 23.05 8.02 -8.74
C GLU C 31 22.83 9.51 -9.02
N LEU C 32 21.84 10.11 -8.35
CA LEU C 32 21.57 11.53 -8.49
C LEU C 32 22.69 12.38 -7.90
N GLY C 33 23.47 11.85 -6.97
CA GLY C 33 24.53 12.65 -6.40
C GLY C 33 24.40 12.87 -4.90
N TYR C 34 23.31 12.38 -4.30
CA TYR C 34 23.17 12.50 -2.87
C TYR C 34 24.38 11.85 -2.15
N SER C 35 24.86 12.50 -1.10
CA SER C 35 26.00 11.96 -0.36
C SER C 35 25.55 10.96 0.70
N GLU C 36 26.50 10.27 1.30
CA GLU C 36 26.17 9.32 2.38
C GLU C 36 25.38 10.06 3.48
N ALA C 37 25.84 11.25 3.86
CA ALA C 37 25.17 12.03 4.90
C ALA C 37 23.74 12.43 4.52
N GLN C 38 23.55 12.86 3.28
CA GLN C 38 22.25 13.31 2.81
C GLN C 38 21.20 12.18 2.70
N VAL C 39 21.62 10.94 2.88
CA VAL C 39 20.66 9.86 2.84
C VAL C 39 20.60 9.12 4.17
N GLY C 40 21.34 9.61 5.17
CA GLY C 40 21.36 9.03 6.50
C GLY C 40 22.25 7.81 6.73
N LEU C 41 23.13 7.52 5.77
CA LEU C 41 24.00 6.35 5.90
C LEU C 41 25.38 6.70 6.37
N ALA C 42 25.61 7.98 6.67
CA ALA C 42 26.94 8.35 7.09
C ALA C 42 27.29 8.12 8.58
N ASP C 43 28.56 7.76 8.81
CA ASP C 43 29.11 7.52 10.15
C ASP C 43 28.57 6.31 10.92
N ILE C 44 28.90 5.13 10.39
CA ILE C 44 28.57 3.81 10.94
C ILE C 44 29.43 2.77 10.20
N GLN C 45 29.88 1.72 10.88
CA GLN C 45 30.73 0.69 10.26
C GLN C 45 30.54 -0.72 10.83
N ILE C 54 28.68 -9.30 13.43
CA ILE C 54 28.93 -8.02 14.09
C ILE C 54 27.84 -7.66 15.09
N LYS C 55 27.44 -8.63 15.91
CA LYS C 55 26.40 -8.39 16.91
C LYS C 55 27.02 -7.72 18.12
N GLN C 56 28.36 -7.72 18.15
CA GLN C 56 29.14 -7.13 19.27
C GLN C 56 29.06 -5.60 19.26
N ALA C 57 29.39 -5.02 18.09
CA ALA C 57 29.35 -3.57 17.92
C ALA C 57 28.02 -3.06 18.46
N GLU C 58 26.96 -3.75 18.11
CA GLU C 58 25.64 -3.36 18.58
C GLU C 58 25.63 -3.49 20.10
N ALA C 59 26.18 -4.60 20.59
CA ALA C 59 26.24 -4.85 22.03
C ALA C 59 27.08 -3.75 22.71
N THR C 60 28.19 -3.38 22.11
CA THR C 60 28.99 -2.32 22.69
C THR C 60 28.17 -1.00 22.70
N TYR C 61 28.01 -0.39 21.52
CA TYR C 61 27.27 0.85 21.39
C TYR C 61 26.04 0.98 22.29
N ARG C 62 25.28 -0.10 22.43
CA ARG C 62 24.06 -0.08 23.23
C ARG C 62 24.20 0.15 24.73
N ALA C 63 25.21 -0.45 25.35
CA ALA C 63 25.39 -0.23 26.77
C ALA C 63 26.08 1.11 27.03
N ALA C 64 26.55 1.76 25.95
CA ALA C 64 27.21 3.06 26.07
C ALA C 64 26.23 4.21 25.78
N ALA C 65 25.11 3.87 25.17
CA ALA C 65 24.13 4.85 24.73
C ALA C 65 23.62 5.95 25.66
N ASP C 66 23.22 5.64 26.88
CA ASP C 66 22.74 6.73 27.74
C ASP C 66 23.89 7.62 28.24
N THR C 67 25.07 7.03 28.37
CA THR C 67 26.22 7.79 28.82
C THR C 67 26.73 8.67 27.68
N SER C 68 26.74 8.18 26.45
CA SER C 68 27.20 9.03 25.35
C SER C 68 26.28 9.10 24.12
N PRO C 69 25.61 10.24 23.93
CA PRO C 69 24.71 10.45 22.79
C PRO C 69 25.37 10.06 21.45
N ARG C 70 26.67 10.28 21.31
CA ARG C 70 27.34 9.89 20.07
C ARG C 70 27.15 8.39 19.83
N ALA C 71 27.25 7.60 20.90
CA ALA C 71 27.09 6.15 20.78
C ALA C 71 25.63 5.81 20.51
N GLN C 72 24.75 6.69 20.97
CA GLN C 72 23.32 6.53 20.79
C GLN C 72 23.01 6.79 19.31
N ALA C 73 23.57 7.88 18.78
CA ALA C 73 23.34 8.27 17.40
C ALA C 73 23.80 7.22 16.44
N ARG C 74 25.01 6.70 16.69
CA ARG C 74 25.58 5.69 15.80
C ARG C 74 24.75 4.42 15.81
N LEU C 75 24.45 3.89 16.99
CA LEU C 75 23.65 2.69 17.04
C LEU C 75 22.33 2.95 16.33
N GLY C 76 21.74 4.11 16.57
CA GLY C 76 20.48 4.46 15.93
C GLY C 76 20.60 4.48 14.41
N ARG C 77 21.66 5.08 13.88
CA ARG C 77 21.81 5.11 12.43
C ARG C 77 22.02 3.69 11.95
N LEU C 78 22.84 2.94 12.67
CA LEU C 78 23.11 1.55 12.29
C LEU C 78 21.89 0.66 12.26
N LEU C 79 21.10 0.64 13.32
CA LEU C 79 19.96 -0.26 13.28
C LEU C 79 18.90 0.20 12.29
N ALA C 80 18.93 1.48 11.91
CA ALA C 80 17.93 2.01 10.99
C ALA C 80 18.17 1.60 9.56
N ALA C 81 19.42 1.58 9.15
CA ALA C 81 19.74 1.24 7.78
C ALA C 81 20.04 -0.24 7.51
N LYS C 82 20.44 -0.96 8.55
CA LYS C 82 20.79 -2.39 8.46
C LYS C 82 19.79 -3.26 7.72
N PRO C 83 20.24 -3.92 6.64
CA PRO C 83 19.35 -4.79 5.86
C PRO C 83 18.89 -5.95 6.73
N GLY C 84 17.63 -6.34 6.58
CA GLY C 84 17.13 -7.45 7.36
C GLY C 84 16.69 -7.15 8.78
N ALA C 85 16.87 -5.90 9.22
CA ALA C 85 16.47 -5.48 10.56
C ALA C 85 15.06 -5.94 10.90
N THR C 86 14.84 -6.31 12.16
CA THR C 86 13.51 -6.74 12.57
C THR C 86 12.71 -5.48 12.90
N GLU C 87 11.43 -5.65 13.20
CA GLU C 87 10.64 -4.50 13.55
C GLU C 87 11.16 -3.96 14.89
N ALA C 88 11.49 -4.87 15.80
CA ALA C 88 12.02 -4.50 17.11
C ALA C 88 13.18 -3.50 16.99
N GLU C 89 14.15 -3.86 16.15
CA GLU C 89 15.32 -3.01 15.93
C GLU C 89 14.92 -1.67 15.30
N HIS C 90 13.94 -1.69 14.39
CA HIS C 90 13.48 -0.45 13.77
C HIS C 90 12.91 0.50 14.82
N HIS C 91 12.11 -0.02 15.75
CA HIS C 91 11.54 0.81 16.81
C HIS C 91 12.67 1.26 17.74
N GLU C 92 13.71 0.44 17.92
CA GLU C 92 14.81 0.82 18.80
C GLU C 92 15.60 1.93 18.12
N ALA C 93 15.75 1.81 16.80
CA ALA C 93 16.50 2.80 16.04
C ALA C 93 15.78 4.16 16.15
N GLU C 94 14.46 4.16 15.98
CA GLU C 94 13.69 5.38 16.10
C GLU C 94 13.96 6.05 17.44
N SER C 95 13.86 5.26 18.51
CA SER C 95 14.07 5.76 19.86
C SER C 95 15.48 6.26 20.09
N LEU C 96 16.47 5.58 19.51
CA LEU C 96 17.83 6.01 19.70
C LEU C 96 18.03 7.35 18.94
N LEU C 97 17.48 7.46 17.74
CA LEU C 97 17.62 8.69 16.96
C LEU C 97 16.89 9.84 17.65
N LYS C 98 15.63 9.61 18.03
CA LYS C 98 14.90 10.70 18.67
C LYS C 98 15.66 11.28 19.88
N LYS C 99 16.28 10.39 20.67
CA LYS C 99 17.04 10.79 21.84
C LYS C 99 18.31 11.55 21.48
N ALA C 100 19.15 10.95 20.65
CA ALA C 100 20.38 11.61 20.27
C ALA C 100 20.01 12.97 19.71
N PHE C 101 18.87 13.03 19.03
CA PHE C 101 18.40 14.28 18.43
C PHE C 101 17.97 15.28 19.49
N ALA C 102 17.12 14.85 20.42
CA ALA C 102 16.68 15.75 21.47
C ALA C 102 17.89 16.35 22.20
N ASN C 103 18.98 15.61 22.24
CA ASN C 103 20.19 16.05 22.89
C ASN C 103 21.04 16.99 22.02
N GLY C 104 20.64 17.18 20.77
CA GLY C 104 21.41 18.05 19.89
C GLY C 104 22.53 17.36 19.10
N GLU C 105 22.47 16.05 18.96
CA GLU C 105 23.51 15.35 18.19
C GLU C 105 23.27 15.54 16.70
N GLY C 106 24.30 15.86 15.95
CA GLY C 106 24.12 16.05 14.53
C GLY C 106 24.01 14.69 13.85
N ASN C 107 23.64 14.70 12.57
CA ASN C 107 23.51 13.48 11.80
C ASN C 107 22.46 12.51 12.34
N THR C 108 21.33 13.03 12.81
CA THR C 108 20.25 12.18 13.30
C THR C 108 18.89 12.43 12.64
N LEU C 109 18.52 13.69 12.38
CA LEU C 109 17.22 13.95 11.74
C LEU C 109 17.04 13.28 10.38
N ILE C 110 18.06 13.30 9.53
CA ILE C 110 17.92 12.64 8.24
C ILE C 110 17.79 11.14 8.43
N PRO C 111 18.69 10.52 9.23
CA PRO C 111 18.60 9.07 9.45
C PRO C 111 17.19 8.69 9.90
N LEU C 112 16.62 9.51 10.76
CA LEU C 112 15.28 9.26 11.26
C LEU C 112 14.16 9.48 10.18
N ALA C 113 14.30 10.50 9.33
CA ALA C 113 13.28 10.71 8.30
C ALA C 113 13.33 9.53 7.32
N MET C 114 14.55 9.13 6.97
CA MET C 114 14.68 8.01 6.06
C MET C 114 14.15 6.73 6.67
N LEU C 115 14.28 6.60 7.98
CA LEU C 115 13.75 5.41 8.66
C LEU C 115 12.24 5.33 8.44
N TYR C 116 11.54 6.45 8.61
CA TYR C 116 10.08 6.47 8.40
C TYR C 116 9.75 6.35 6.92
N LEU C 117 10.53 6.99 6.07
CA LEU C 117 10.25 6.91 4.63
C LEU C 117 10.55 5.52 4.08
N GLN C 118 11.66 4.92 4.48
CA GLN C 118 12.03 3.60 3.96
C GLN C 118 11.17 2.43 4.49
N TYR C 119 10.61 2.59 5.67
CA TYR C 119 9.81 1.54 6.28
C TYR C 119 8.53 2.03 6.93
N PRO C 120 7.63 2.66 6.15
CA PRO C 120 6.37 3.17 6.71
C PRO C 120 5.60 2.08 7.46
N HIS C 121 5.65 0.86 6.94
CA HIS C 121 4.95 -0.26 7.59
C HIS C 121 5.47 -0.60 9.00
N SER C 122 6.69 -0.21 9.33
CA SER C 122 7.20 -0.51 10.65
C SER C 122 6.67 0.56 11.59
N PHE C 123 6.03 1.57 11.03
CA PHE C 123 5.56 2.65 11.86
C PHE C 123 4.12 3.08 11.67
N PRO C 124 3.18 2.14 11.85
CA PRO C 124 1.75 2.38 11.70
C PRO C 124 1.22 3.65 12.35
N ASN C 125 1.73 4.00 13.52
CA ASN C 125 1.22 5.18 14.19
C ASN C 125 1.96 6.45 13.84
N VAL C 126 2.73 6.40 12.75
CA VAL C 126 3.49 7.56 12.33
C VAL C 126 3.23 7.96 10.89
N ASN C 127 3.16 9.25 10.65
CA ASN C 127 2.98 9.75 9.28
C ASN C 127 4.19 10.62 8.93
N ALA C 128 5.01 10.14 8.00
CA ALA C 128 6.21 10.88 7.59
C ALA C 128 6.01 12.34 7.17
N GLN C 129 5.02 12.64 6.33
CA GLN C 129 4.78 14.03 5.90
C GLN C 129 4.44 14.84 7.14
N GLN C 130 3.58 14.25 7.97
CA GLN C 130 3.13 14.86 9.22
C GLN C 130 4.37 15.31 9.99
N GLN C 131 5.21 14.33 10.31
CA GLN C 131 6.43 14.55 11.06
C GLN C 131 7.34 15.57 10.44
N ILE C 132 7.64 15.38 9.16
CA ILE C 132 8.54 16.29 8.47
C ILE C 132 7.97 17.71 8.38
N SER C 133 6.67 17.85 8.11
CA SER C 133 6.14 19.20 8.11
C SER C 133 6.36 19.80 9.50
N GLN C 134 6.16 19.00 10.55
CA GLN C 134 6.38 19.49 11.91
C GLN C 134 7.82 19.98 12.07
N TRP C 135 8.80 19.27 11.53
CA TRP C 135 10.18 19.69 11.65
C TRP C 135 10.43 20.98 10.86
N GLN C 136 9.76 21.12 9.72
CA GLN C 136 9.92 22.32 8.93
C GLN C 136 9.38 23.52 9.70
N ALA C 137 8.17 23.38 10.23
CA ALA C 137 7.56 24.48 11.00
C ALA C 137 8.42 24.81 12.19
N ALA C 138 9.13 23.83 12.71
CA ALA C 138 9.97 24.08 13.87
C ALA C 138 11.27 24.74 13.51
N GLY C 139 11.61 24.81 12.22
CA GLY C 139 12.87 25.46 11.85
C GLY C 139 14.15 24.63 11.80
N TYR C 140 14.06 23.31 11.94
CA TYR C 140 15.26 22.48 11.89
C TYR C 140 15.79 22.56 10.46
N PRO C 141 17.01 23.03 10.28
CA PRO C 141 17.65 23.17 8.95
C PRO C 141 17.61 22.02 7.94
N GLU C 142 17.61 20.77 8.40
CA GLU C 142 17.60 19.64 7.47
C GLU C 142 16.20 19.19 7.06
N ALA C 143 15.18 19.78 7.69
CA ALA C 143 13.81 19.40 7.38
C ALA C 143 13.46 19.62 5.90
N GLY C 144 14.14 20.55 5.24
CA GLY C 144 13.86 20.80 3.83
C GLY C 144 14.31 19.59 3.03
N LEU C 145 15.53 19.15 3.31
CA LEU C 145 16.06 17.98 2.64
C LEU C 145 15.13 16.76 2.85
N ALA C 146 14.61 16.61 4.07
CA ALA C 146 13.76 15.46 4.37
C ALA C 146 12.48 15.50 3.57
N GLN C 147 11.99 16.70 3.29
CA GLN C 147 10.76 16.86 2.52
C GLN C 147 11.04 16.39 1.09
N VAL C 148 12.21 16.77 0.57
CA VAL C 148 12.55 16.35 -0.76
C VAL C 148 12.74 14.85 -0.76
N LEU C 149 13.44 14.31 0.24
CA LEU C 149 13.59 12.84 0.29
C LEU C 149 12.20 12.20 0.29
N LEU C 150 11.25 12.84 0.96
CA LEU C 150 9.88 12.29 0.98
C LEU C 150 9.28 12.22 -0.44
N TYR C 151 9.38 13.31 -1.21
CA TYR C 151 8.85 13.33 -2.59
C TYR C 151 9.53 12.26 -3.40
N ARG C 152 10.87 12.22 -3.35
CA ARG C 152 11.55 11.17 -4.10
C ARG C 152 11.30 9.73 -3.65
N THR C 153 11.16 9.50 -2.35
CA THR C 153 10.94 8.14 -1.83
C THR C 153 9.54 7.67 -2.19
N GLN C 154 8.56 8.55 -2.05
CA GLN C 154 7.18 8.18 -2.35
C GLN C 154 6.84 8.25 -3.87
N GLY C 155 7.76 8.77 -4.69
CA GLY C 155 7.51 8.85 -6.13
C GLY C 155 6.46 9.88 -6.57
N THR C 156 6.36 10.97 -5.85
CA THR C 156 5.40 12.00 -6.13
C THR C 156 6.15 13.28 -6.50
N TYR C 157 7.45 13.16 -6.78
CA TYR C 157 8.26 14.32 -7.10
C TYR C 157 7.72 15.22 -8.25
N ASP C 158 7.23 14.60 -9.32
CA ASP C 158 6.74 15.40 -10.44
C ASP C 158 5.49 16.19 -10.11
N GLN C 159 4.81 15.86 -9.02
CA GLN C 159 3.62 16.61 -8.64
C GLN C 159 4.00 17.72 -7.67
N HIS C 160 5.30 17.85 -7.40
CA HIS C 160 5.74 18.85 -6.45
C HIS C 160 6.87 19.77 -6.90
N LEU C 161 7.08 19.93 -8.20
CA LEU C 161 8.15 20.82 -8.64
C LEU C 161 8.13 22.17 -7.90
N ASP C 162 6.98 22.84 -7.79
CA ASP C 162 6.97 24.14 -7.11
C ASP C 162 7.41 24.06 -5.64
N ASP C 163 7.01 23.02 -4.92
CA ASP C 163 7.45 22.94 -3.52
C ASP C 163 8.94 22.68 -3.43
N VAL C 164 9.46 21.80 -4.32
CA VAL C 164 10.90 21.47 -4.32
C VAL C 164 11.68 22.73 -4.58
N GLU C 165 11.17 23.55 -5.50
CA GLU C 165 11.86 24.81 -5.84
C GLU C 165 11.90 25.75 -4.63
N ARG C 166 10.74 25.95 -4.01
CA ARG C 166 10.66 26.82 -2.85
C ARG C 166 11.58 26.36 -1.72
N ILE C 167 11.51 25.06 -1.40
CA ILE C 167 12.33 24.44 -0.34
C ILE C 167 13.82 24.50 -0.62
N CYS C 168 14.21 24.06 -1.81
CA CYS C 168 15.63 24.09 -2.14
C CYS C 168 16.22 25.47 -2.34
N LYS C 169 15.44 26.43 -2.83
CA LYS C 169 16.01 27.78 -2.92
C LYS C 169 16.31 28.27 -1.49
N ALA C 170 15.45 27.95 -0.54
CA ALA C 170 15.68 28.39 0.83
C ALA C 170 16.83 27.64 1.47
N ALA C 171 16.89 26.33 1.29
CA ALA C 171 17.97 25.58 1.92
C ALA C 171 19.28 25.56 1.11
N LEU C 172 19.24 26.14 -0.09
CA LEU C 172 20.39 26.15 -0.99
C LEU C 172 21.76 26.36 -0.35
N ASN C 173 21.88 27.29 0.59
CA ASN C 173 23.19 27.53 1.14
C ASN C 173 23.62 26.60 2.27
N THR C 174 22.73 25.66 2.64
CA THR C 174 23.02 24.70 3.68
C THR C 174 22.98 23.23 3.19
N THR C 175 22.29 22.98 2.10
CA THR C 175 22.14 21.61 1.57
C THR C 175 22.62 21.65 0.13
N ASP C 176 23.88 21.26 -0.09
CA ASP C 176 24.46 21.33 -1.42
C ASP C 176 23.78 20.46 -2.51
N ILE C 177 23.12 19.40 -2.12
CA ILE C 177 22.46 18.56 -3.10
C ILE C 177 21.28 19.32 -3.73
N CYS C 178 20.94 20.49 -3.19
CA CYS C 178 19.83 21.29 -3.72
C CYS C 178 20.16 21.89 -5.08
N TYR C 179 21.44 21.93 -5.39
CA TYR C 179 21.86 22.39 -6.68
C TYR C 179 21.35 21.40 -7.72
N VAL C 180 21.40 20.11 -7.39
CA VAL C 180 20.94 19.08 -8.31
C VAL C 180 19.44 19.17 -8.44
N GLU C 181 18.77 19.46 -7.34
CA GLU C 181 17.31 19.52 -7.38
C GLU C 181 16.76 20.75 -8.10
N LEU C 182 17.40 21.91 -7.91
CA LEU C 182 16.95 23.13 -8.61
C LEU C 182 17.23 22.96 -10.11
N ALA C 183 18.40 22.42 -10.42
CA ALA C 183 18.76 22.17 -11.82
C ALA C 183 17.74 21.18 -12.41
N THR C 184 17.28 20.21 -11.61
CA THR C 184 16.28 19.27 -12.13
C THR C 184 14.96 19.96 -12.43
N VAL C 185 14.46 20.71 -11.46
CA VAL C 185 13.22 21.46 -11.61
C VAL C 185 13.28 22.42 -12.82
N TYR C 186 14.36 23.17 -12.96
CA TYR C 186 14.46 24.09 -14.10
C TYR C 186 14.55 23.35 -15.46
N GLN C 187 15.01 22.10 -15.46
CA GLN C 187 15.07 21.37 -16.73
C GLN C 187 13.68 20.86 -17.04
N LYS C 188 12.94 20.45 -16.02
CA LYS C 188 11.59 19.94 -16.22
C LYS C 188 10.63 21.05 -16.58
N LYS C 189 10.82 22.22 -16.00
CA LYS C 189 9.97 23.36 -16.27
C LYS C 189 10.39 24.16 -17.51
N GLN C 190 11.44 23.71 -18.19
CA GLN C 190 11.93 24.35 -19.39
C GLN C 190 12.25 25.84 -19.16
N GLN C 191 12.87 26.15 -18.03
CA GLN C 191 13.22 27.52 -17.66
C GLN C 191 14.73 27.79 -17.72
N PRO C 192 15.28 28.00 -18.93
CA PRO C 192 16.71 28.28 -19.13
C PRO C 192 17.20 29.52 -18.42
N GLU C 193 16.29 30.45 -18.18
CA GLU C 193 16.67 31.69 -17.52
C GLU C 193 17.15 31.34 -16.11
N GLN C 194 16.26 30.71 -15.34
CA GLN C 194 16.61 30.28 -13.99
C GLN C 194 17.82 29.36 -13.97
N GLN C 195 17.95 28.49 -14.97
CA GLN C 195 19.08 27.56 -15.02
C GLN C 195 20.40 28.30 -15.13
N ALA C 196 20.45 29.33 -15.99
CA ALA C 196 21.68 30.11 -16.14
C ALA C 196 22.09 30.72 -14.80
N GLU C 197 21.08 31.26 -14.13
CA GLU C 197 21.26 31.89 -12.83
C GLU C 197 21.74 30.85 -11.79
N LEU C 198 21.11 29.66 -11.79
CA LEU C 198 21.52 28.65 -10.83
C LEU C 198 22.98 28.30 -11.08
N LEU C 199 23.34 28.15 -12.35
CA LEU C 199 24.73 27.83 -12.72
C LEU C 199 25.70 28.91 -12.27
N LYS C 200 25.27 30.16 -12.35
CA LYS C 200 26.13 31.27 -11.90
C LYS C 200 26.42 31.11 -10.40
N GLN C 201 25.39 30.84 -9.60
CA GLN C 201 25.58 30.68 -8.15
C GLN C 201 26.50 29.48 -7.82
N MET C 202 26.39 28.41 -8.59
CA MET C 202 27.23 27.24 -8.32
C MET C 202 28.68 27.64 -8.56
N GLU C 203 28.94 28.37 -9.64
CA GLU C 203 30.30 28.79 -9.90
C GLU C 203 30.81 29.72 -8.75
N ALA C 204 29.97 30.68 -8.32
CA ALA C 204 30.37 31.54 -7.18
C ALA C 204 30.63 30.58 -6.02
N GLY C 205 29.65 29.69 -5.79
CA GLY C 205 29.82 28.72 -4.72
C GLY C 205 31.13 27.93 -4.78
N VAL C 206 31.58 27.54 -5.98
CA VAL C 206 32.85 26.80 -6.11
C VAL C 206 34.03 27.67 -5.64
N SER C 207 34.04 28.94 -6.04
CA SER C 207 35.09 29.87 -5.63
C SER C 207 35.27 30.02 -4.11
N ARG C 208 34.16 30.06 -3.40
CA ARG C 208 34.22 30.24 -1.95
C ARG C 208 34.44 28.92 -1.23
N GLY C 209 34.49 27.84 -2.00
CA GLY C 209 34.72 26.55 -1.39
C GLY C 209 33.52 25.93 -0.70
N THR C 210 32.32 26.17 -1.24
CA THR C 210 31.11 25.62 -0.64
C THR C 210 30.50 24.55 -1.55
N VAL C 211 31.08 24.37 -2.74
CA VAL C 211 30.60 23.38 -3.69
C VAL C 211 31.74 22.50 -4.19
N THR C 212 31.62 21.18 -4.04
CA THR C 212 32.64 20.26 -4.54
C THR C 212 32.58 19.98 -6.06
N ALA C 213 33.57 19.21 -6.50
CA ALA C 213 33.69 18.80 -7.88
C ALA C 213 32.56 17.79 -8.05
N GLN C 214 32.46 16.89 -7.07
CA GLN C 214 31.44 15.86 -7.10
C GLN C 214 30.07 16.43 -7.31
N ARG C 215 29.83 17.62 -6.80
CA ARG C 215 28.51 18.24 -6.95
C ARG C 215 28.32 18.88 -8.32
N VAL C 216 29.37 19.47 -8.86
CA VAL C 216 29.23 20.09 -10.19
C VAL C 216 28.96 18.95 -11.16
N ASP C 217 29.69 17.85 -10.99
CA ASP C 217 29.51 16.68 -11.83
C ASP C 217 28.05 16.21 -11.80
N SER C 218 27.44 16.13 -10.61
CA SER C 218 26.06 15.69 -10.51
C SER C 218 25.15 16.67 -11.22
N VAL C 219 25.53 17.93 -11.23
CA VAL C 219 24.72 18.94 -11.90
C VAL C 219 24.88 18.86 -13.43
N ALA C 220 26.08 18.60 -13.91
CA ALA C 220 26.25 18.51 -15.34
C ALA C 220 25.41 17.32 -15.84
N ARG C 221 25.39 16.23 -15.06
CA ARG C 221 24.63 15.06 -15.50
C ARG C 221 23.15 15.35 -15.54
N VAL C 222 22.68 16.30 -14.73
CA VAL C 222 21.25 16.67 -14.77
C VAL C 222 21.05 17.43 -16.08
N LEU C 223 22.03 18.24 -16.45
CA LEU C 223 21.98 19.00 -17.71
C LEU C 223 22.05 18.12 -18.96
N GLY C 224 22.65 16.94 -18.87
CA GLY C 224 22.72 16.07 -20.02
C GLY C 224 21.72 14.93 -20.00
N ASP C 225 20.61 15.15 -19.29
CA ASP C 225 19.58 14.13 -19.17
C ASP C 225 18.31 14.45 -19.98
N ALA C 226 18.28 13.98 -21.22
CA ALA C 226 17.15 14.17 -22.15
C ALA C 226 15.78 13.82 -21.55
N THR C 227 15.79 12.84 -20.66
CA THR C 227 14.62 12.37 -19.96
C THR C 227 13.78 13.46 -19.27
N LEU C 228 14.41 14.55 -18.85
CA LEU C 228 13.75 15.63 -18.13
C LEU C 228 13.11 16.70 -19.03
N GLY C 229 13.79 17.05 -20.11
CA GLY C 229 13.25 18.04 -21.01
C GLY C 229 14.27 18.21 -22.12
N THR C 230 14.47 19.46 -22.54
CA THR C 230 15.44 19.76 -23.56
C THR C 230 16.73 19.83 -22.77
N PRO C 231 17.72 19.04 -23.16
CA PRO C 231 18.98 19.04 -22.47
C PRO C 231 19.86 20.19 -22.93
N ASP C 232 20.98 20.37 -22.25
CA ASP C 232 21.96 21.37 -22.59
C ASP C 232 23.29 20.62 -22.45
N GLU C 233 23.61 19.79 -23.43
CA GLU C 233 24.83 18.98 -23.41
C GLU C 233 26.12 19.77 -23.40
N LYS C 234 26.18 20.82 -24.22
CA LYS C 234 27.38 21.63 -24.33
C LYS C 234 27.83 22.19 -22.98
N THR C 235 26.86 22.73 -22.23
CA THR C 235 27.19 23.26 -20.92
C THR C 235 27.63 22.05 -20.07
N ALA C 236 26.87 20.96 -20.13
CA ALA C 236 27.24 19.75 -19.34
C ALA C 236 28.67 19.34 -19.60
N GLN C 237 29.06 19.37 -20.87
CA GLN C 237 30.42 18.99 -21.28
C GLN C 237 31.49 20.03 -20.82
N ALA C 238 31.21 21.31 -20.96
CA ALA C 238 32.18 22.31 -20.49
C ALA C 238 32.49 22.17 -18.98
N LEU C 239 31.44 21.95 -18.18
CA LEU C 239 31.62 21.77 -16.73
C LEU C 239 32.44 20.51 -16.43
N LEU C 240 32.07 19.39 -17.05
CA LEU C 240 32.76 18.12 -16.81
C LEU C 240 34.23 18.16 -17.21
N GLU C 241 34.57 18.78 -18.34
CA GLU C 241 35.98 18.86 -18.77
C GLU C 241 36.88 19.70 -17.85
N LYS C 242 36.32 20.71 -17.22
CA LYS C 242 37.11 21.54 -16.31
C LYS C 242 37.42 20.81 -15.02
N ILE C 243 36.45 20.05 -14.52
CA ILE C 243 36.66 19.34 -13.25
C ILE C 243 37.21 17.91 -13.31
N ALA C 244 37.09 17.27 -14.48
CA ALA C 244 37.55 15.88 -14.64
C ALA C 244 39.01 15.64 -14.25
N PRO C 245 39.92 16.56 -14.59
CA PRO C 245 41.34 16.42 -14.26
C PRO C 245 41.56 16.28 -12.75
N GLY C 246 40.66 16.89 -11.96
CA GLY C 246 40.77 16.80 -10.51
C GLY C 246 39.78 15.84 -9.91
N TYR C 247 38.75 15.48 -10.69
CA TYR C 247 37.71 14.56 -10.26
C TYR C 247 37.49 13.51 -11.42
N PRO C 248 38.34 12.47 -11.46
CA PRO C 248 38.39 11.33 -12.41
C PRO C 248 37.05 10.81 -12.93
N ALA C 249 36.22 10.33 -12.01
CA ALA C 249 34.89 9.83 -12.36
C ALA C 249 34.19 10.74 -13.37
N SER C 250 34.64 11.98 -13.48
CA SER C 250 34.05 12.89 -14.43
C SER C 250 34.41 12.49 -15.88
N TRP C 251 35.50 11.73 -16.06
CA TRP C 251 35.88 11.24 -17.40
C TRP C 251 34.78 10.28 -17.85
N VAL C 252 34.38 9.40 -16.94
CA VAL C 252 33.33 8.44 -17.24
C VAL C 252 32.03 9.16 -17.62
N SER C 253 31.73 10.25 -16.91
CA SER C 253 30.52 11.02 -17.20
C SER C 253 30.60 11.56 -18.63
N LEU C 254 31.75 12.15 -18.97
CA LEU C 254 32.00 12.69 -20.31
C LEU C 254 31.78 11.59 -21.39
N ALA C 255 32.33 10.38 -21.16
CA ALA C 255 32.16 9.25 -22.10
C ALA C 255 30.70 8.92 -22.30
N GLN C 256 29.95 8.91 -21.22
CA GLN C 256 28.53 8.62 -21.31
C GLN C 256 27.79 9.79 -21.98
N LEU C 257 28.26 11.00 -21.76
CA LEU C 257 27.61 12.19 -22.32
C LEU C 257 27.77 12.26 -23.83
N LEU C 258 28.97 11.89 -24.28
CA LEU C 258 29.31 11.86 -25.69
C LEU C 258 28.45 10.79 -26.38
N TYR C 259 28.29 9.66 -25.72
CA TYR C 259 27.51 8.56 -26.24
C TYR C 259 26.05 8.94 -26.47
N ASP C 260 25.51 9.81 -25.63
CA ASP C 260 24.11 10.24 -25.76
C ASP C 260 24.03 11.46 -26.70
N PHE C 261 25.16 12.09 -26.94
CA PHE C 261 25.18 13.23 -27.81
C PHE C 261 26.46 13.10 -28.65
N PRO C 262 26.38 12.30 -29.74
CA PRO C 262 27.49 12.03 -30.68
C PRO C 262 28.02 13.28 -31.39
N GLU C 263 27.16 14.27 -31.54
CA GLU C 263 27.57 15.50 -32.19
C GLU C 263 28.56 16.31 -31.37
N LEU C 264 28.81 15.93 -30.13
CA LEU C 264 29.75 16.64 -29.27
C LEU C 264 31.18 16.21 -29.49
N GLY C 265 31.36 15.08 -30.16
CA GLY C 265 32.72 14.64 -30.40
C GLY C 265 32.85 13.44 -31.31
N ASP C 266 34.09 13.10 -31.61
CA ASP C 266 34.35 11.96 -32.48
C ASP C 266 34.85 10.81 -31.64
N VAL C 267 35.11 9.69 -32.31
CA VAL C 267 35.58 8.49 -31.65
C VAL C 267 36.92 8.66 -30.94
N GLU C 268 37.74 9.60 -31.37
CA GLU C 268 39.02 9.80 -30.69
C GLU C 268 38.80 10.47 -29.34
N GLN C 269 37.83 11.39 -29.30
CA GLN C 269 37.47 12.10 -28.09
C GLN C 269 36.91 11.07 -27.12
N MET C 270 36.05 10.19 -27.63
CA MET C 270 35.48 9.14 -26.81
C MET C 270 36.59 8.29 -26.20
N MET C 271 37.56 7.86 -27.01
CA MET C 271 38.66 7.04 -26.50
C MET C 271 39.55 7.80 -25.51
N LYS C 272 39.69 9.10 -25.70
CA LYS C 272 40.52 9.87 -24.79
C LYS C 272 39.87 9.89 -23.39
N TYR C 273 38.58 10.20 -23.34
CA TYR C 273 37.84 10.23 -22.09
C TYR C 273 37.97 8.88 -21.40
N LEU C 274 37.66 7.81 -22.13
CA LEU C 274 37.73 6.48 -21.53
C LEU C 274 39.10 6.11 -21.00
N ASP C 275 40.14 6.48 -21.73
CA ASP C 275 41.47 6.17 -21.27
C ASP C 275 41.89 7.05 -20.11
N ASN C 276 41.49 8.32 -20.14
CA ASN C 276 41.78 9.21 -19.03
C ASN C 276 41.15 8.54 -17.81
N GLY C 277 39.90 8.13 -17.95
CA GLY C 277 39.20 7.47 -16.87
C GLY C 277 39.85 6.18 -16.43
N ARG C 278 40.34 5.40 -17.41
CA ARG C 278 40.99 4.13 -17.13
C ARG C 278 42.30 4.34 -16.34
N ALA C 279 43.12 5.28 -16.80
CA ALA C 279 44.37 5.61 -16.15
C ALA C 279 44.15 5.91 -14.66
N ALA C 280 43.08 6.64 -14.37
CA ALA C 280 42.74 7.02 -13.00
C ALA C 280 41.96 5.96 -12.23
N ASP C 281 42.12 4.70 -12.64
CA ASP C 281 41.46 3.59 -11.99
C ASP C 281 39.96 3.79 -11.68
N GLN C 282 39.17 4.18 -12.68
CA GLN C 282 37.74 4.33 -12.49
C GLN C 282 37.23 3.04 -13.09
N PRO C 283 36.64 2.16 -12.29
CA PRO C 283 36.18 0.93 -12.95
C PRO C 283 35.11 1.08 -14.03
N ARG C 284 34.13 1.96 -13.85
CA ARG C 284 33.12 2.10 -14.92
C ARG C 284 33.80 2.40 -16.23
N ALA C 285 35.02 2.89 -16.19
CA ALA C 285 35.71 3.19 -17.43
C ALA C 285 35.99 1.86 -18.14
N GLU C 286 36.36 0.83 -17.40
CA GLU C 286 36.60 -0.47 -18.02
C GLU C 286 35.28 -1.03 -18.54
N LEU C 287 34.21 -0.79 -17.80
CA LEU C 287 32.91 -1.28 -18.24
C LEU C 287 32.47 -0.62 -19.55
N LEU C 288 32.71 0.69 -19.72
CA LEU C 288 32.32 1.38 -20.97
C LEU C 288 33.21 0.98 -22.16
N LEU C 289 34.47 0.64 -21.89
CA LEU C 289 35.40 0.18 -22.91
C LEU C 289 34.87 -1.16 -23.38
N GLY C 290 34.42 -1.96 -22.42
CA GLY C 290 33.87 -3.26 -22.73
C GLY C 290 32.69 -3.04 -23.66
N LYS C 291 31.70 -2.27 -23.19
CA LYS C 291 30.53 -2.03 -24.00
C LYS C 291 30.91 -1.50 -25.40
N LEU C 292 31.99 -0.73 -25.48
CA LEU C 292 32.34 -0.19 -26.79
C LEU C 292 32.67 -1.31 -27.78
N TYR C 293 33.53 -2.23 -27.39
CA TYR C 293 33.91 -3.30 -28.26
C TYR C 293 32.84 -4.37 -28.43
N TYR C 294 31.94 -4.44 -27.45
CA TYR C 294 30.85 -5.40 -27.45
C TYR C 294 29.73 -4.95 -28.39
N GLU C 295 29.47 -3.65 -28.42
CA GLU C 295 28.40 -3.04 -29.23
C GLU C 295 28.79 -2.80 -30.67
N GLY C 296 29.99 -2.28 -30.84
CA GLY C 296 30.49 -1.98 -32.16
C GLY C 296 29.85 -0.76 -32.83
N LYS C 297 29.20 0.09 -32.04
CA LYS C 297 28.56 1.28 -32.59
C LYS C 297 29.54 2.43 -32.92
N TRP C 298 30.56 2.60 -32.08
CA TRP C 298 31.54 3.69 -32.23
C TRP C 298 32.84 3.21 -32.85
N VAL C 299 33.13 1.93 -32.66
CA VAL C 299 34.34 1.29 -33.16
C VAL C 299 33.98 -0.13 -33.61
N PRO C 300 34.85 -0.77 -34.43
CA PRO C 300 34.58 -2.14 -34.90
C PRO C 300 34.45 -3.13 -33.74
N ALA C 301 33.33 -3.82 -33.67
CA ALA C 301 33.16 -4.75 -32.59
C ALA C 301 34.36 -5.70 -32.56
N ASP C 302 34.83 -6.01 -31.36
CA ASP C 302 35.98 -6.89 -31.17
C ASP C 302 35.71 -7.59 -29.83
N ALA C 303 35.08 -8.75 -29.89
CA ALA C 303 34.71 -9.49 -28.67
C ALA C 303 35.83 -9.89 -27.72
N LYS C 304 37.04 -10.04 -28.25
CA LYS C 304 38.18 -10.46 -27.43
C LYS C 304 38.50 -9.31 -26.49
N ALA C 305 38.67 -8.14 -27.09
CA ALA C 305 38.98 -6.91 -26.37
C ALA C 305 37.84 -6.53 -25.41
N ALA C 306 36.62 -6.86 -25.81
CA ALA C 306 35.46 -6.57 -25.00
C ALA C 306 35.63 -7.37 -23.71
N GLU C 307 35.95 -8.65 -23.86
CA GLU C 307 36.14 -9.50 -22.70
C GLU C 307 37.27 -8.99 -21.79
N ALA C 308 38.39 -8.62 -22.38
CA ALA C 308 39.52 -8.13 -21.59
C ALA C 308 39.13 -6.94 -20.72
N HIS C 309 38.32 -6.03 -21.26
CA HIS C 309 37.93 -4.87 -20.50
C HIS C 309 36.88 -5.16 -19.46
N PHE C 310 35.89 -5.95 -19.80
CA PHE C 310 34.87 -6.26 -18.79
C PHE C 310 35.49 -6.89 -17.55
N GLU C 311 36.40 -7.85 -17.75
CA GLU C 311 37.06 -8.56 -16.64
C GLU C 311 37.59 -7.66 -15.53
N LYS C 312 38.20 -6.55 -15.90
CA LYS C 312 38.75 -5.58 -14.96
C LYS C 312 37.69 -4.82 -14.17
N ALA C 313 36.44 -4.94 -14.60
CA ALA C 313 35.35 -4.24 -13.95
C ALA C 313 34.56 -5.19 -13.08
N VAL C 314 34.76 -6.49 -13.33
CA VAL C 314 34.10 -7.54 -12.57
C VAL C 314 34.47 -7.29 -11.12
N GLY C 315 33.47 -7.23 -10.24
CA GLY C 315 33.74 -6.95 -8.85
C GLY C 315 33.45 -5.52 -8.44
N ARG C 316 33.37 -4.59 -9.38
CA ARG C 316 33.07 -3.21 -9.03
C ARG C 316 31.87 -2.71 -9.84
N GLU C 317 31.41 -3.54 -10.75
CA GLU C 317 30.27 -3.22 -11.61
C GLU C 317 29.43 -4.46 -11.86
N VAL C 318 28.22 -4.50 -11.32
CA VAL C 318 27.34 -5.65 -11.50
C VAL C 318 27.21 -6.08 -12.97
N ALA C 319 27.08 -5.10 -13.86
CA ALA C 319 26.85 -5.38 -15.28
C ALA C 319 27.97 -6.09 -16.00
N ALA C 320 29.20 -5.91 -15.57
CA ALA C 320 30.28 -6.62 -16.25
C ALA C 320 30.03 -8.15 -16.29
N ASP C 321 29.50 -8.73 -15.21
CA ASP C 321 29.26 -10.18 -15.25
C ASP C 321 28.14 -10.49 -16.22
N TYR C 322 27.25 -9.55 -16.41
CA TYR C 322 26.14 -9.78 -17.32
C TYR C 322 26.59 -9.80 -18.79
N TYR C 323 27.52 -8.91 -19.14
CA TYR C 323 28.06 -8.79 -20.48
C TYR C 323 29.05 -9.91 -20.79
N LEU C 324 29.82 -10.30 -19.79
CA LEU C 324 30.75 -11.41 -19.97
C LEU C 324 29.86 -12.63 -20.19
N GLY C 325 28.70 -12.61 -19.56
CA GLY C 325 27.79 -13.72 -19.69
C GLY C 325 27.32 -13.86 -21.13
N GLN C 326 26.69 -12.79 -21.62
CA GLN C 326 26.14 -12.72 -22.97
C GLN C 326 27.18 -13.11 -24.03
N ILE C 327 28.41 -12.64 -23.86
CA ILE C 327 29.44 -12.98 -24.81
C ILE C 327 29.56 -14.51 -24.85
N TYR C 328 29.59 -15.14 -23.67
CA TYR C 328 29.71 -16.60 -23.59
C TYR C 328 28.47 -17.34 -24.07
N ARG C 329 27.30 -16.84 -23.73
CA ARG C 329 26.06 -17.51 -24.14
C ARG C 329 25.83 -17.51 -25.67
N ARG C 330 26.10 -16.39 -26.33
CA ARG C 330 25.91 -16.28 -27.77
C ARG C 330 27.14 -16.61 -28.58
N GLY C 331 28.22 -16.93 -27.88
CA GLY C 331 29.45 -17.27 -28.54
C GLY C 331 30.01 -16.23 -29.47
N TYR C 332 30.35 -15.05 -28.96
CA TYR C 332 30.91 -14.00 -29.81
C TYR C 332 32.42 -14.14 -29.94
N LEU C 333 33.00 -15.02 -29.13
CA LEU C 333 34.43 -15.24 -29.18
C LEU C 333 34.81 -16.33 -30.18
N GLY C 334 33.82 -17.12 -30.63
CA GLY C 334 34.07 -18.22 -31.55
C GLY C 334 33.23 -19.44 -31.20
N LYS C 335 33.19 -19.76 -29.91
CA LYS C 335 32.40 -20.88 -29.40
C LYS C 335 31.51 -20.38 -28.26
N VAL C 336 30.58 -21.21 -27.85
CA VAL C 336 29.67 -20.90 -26.75
C VAL C 336 30.23 -21.62 -25.52
N TYR C 337 30.55 -20.88 -24.45
CA TYR C 337 31.08 -21.50 -23.23
C TYR C 337 29.95 -21.53 -22.22
N PRO C 338 28.96 -22.41 -22.41
CA PRO C 338 27.81 -22.51 -21.50
C PRO C 338 28.20 -22.54 -20.02
N GLN C 339 29.42 -22.98 -19.73
CA GLN C 339 29.91 -23.03 -18.38
C GLN C 339 29.87 -21.61 -17.83
N LYS C 340 30.80 -20.78 -18.32
CA LYS C 340 30.89 -19.39 -17.89
C LYS C 340 29.58 -18.64 -18.11
N ALA C 341 28.95 -18.85 -19.25
CA ALA C 341 27.70 -18.16 -19.54
C ALA C 341 26.80 -18.21 -18.33
N LEU C 342 26.79 -19.38 -17.67
CA LEU C 342 25.93 -19.56 -16.50
C LEU C 342 26.53 -18.94 -15.25
N ASP C 343 27.78 -19.27 -14.96
CA ASP C 343 28.45 -18.71 -13.80
C ASP C 343 28.29 -17.21 -13.72
N HIS C 344 28.78 -16.51 -14.74
CA HIS C 344 28.70 -15.06 -14.76
C HIS C 344 27.28 -14.54 -14.73
N LEU C 345 26.41 -15.09 -15.55
CA LEU C 345 25.03 -14.63 -15.57
C LEU C 345 24.33 -14.82 -14.22
N LEU C 346 24.74 -15.87 -13.49
CA LEU C 346 24.14 -16.17 -12.20
C LEU C 346 24.58 -15.12 -11.20
N THR C 347 25.89 -14.84 -11.16
CA THR C 347 26.42 -13.80 -10.27
C THR C 347 25.65 -12.51 -10.48
N ALA C 348 25.64 -12.01 -11.71
CA ALA C 348 24.93 -10.78 -12.04
C ALA C 348 23.48 -10.83 -11.59
N ALA C 349 22.83 -11.98 -11.72
CA ALA C 349 21.43 -12.10 -11.32
C ALA C 349 21.33 -11.95 -9.81
N ARG C 350 22.25 -12.61 -9.12
CA ARG C 350 22.27 -12.57 -7.68
C ARG C 350 22.69 -11.21 -7.12
N ASN C 351 23.22 -10.33 -7.96
CA ASN C 351 23.61 -9.00 -7.51
C ASN C 351 22.62 -7.92 -7.96
N GLY C 352 21.45 -8.33 -8.41
CA GLY C 352 20.48 -7.33 -8.80
C GLY C 352 20.29 -6.99 -10.27
N GLN C 353 21.13 -7.55 -11.15
CA GLN C 353 21.02 -7.30 -12.58
C GLN C 353 19.62 -7.80 -12.93
N ASN C 354 18.76 -6.93 -13.45
CA ASN C 354 17.37 -7.30 -13.76
C ASN C 354 17.11 -8.14 -15.00
N SER C 355 18.14 -8.34 -15.83
CA SER C 355 17.93 -9.11 -17.05
C SER C 355 18.88 -10.29 -17.21
N ALA C 356 19.58 -10.69 -16.15
CA ALA C 356 20.48 -11.82 -16.24
C ALA C 356 19.64 -13.09 -16.16
N ASP C 357 18.55 -13.03 -15.39
CA ASP C 357 17.66 -14.19 -15.25
C ASP C 357 17.13 -14.56 -16.63
N PHE C 358 16.52 -13.58 -17.30
CA PHE C 358 15.99 -13.79 -18.63
C PHE C 358 17.07 -14.34 -19.56
N ALA C 359 18.29 -13.85 -19.48
CA ALA C 359 19.36 -14.36 -20.33
C ALA C 359 19.80 -15.75 -19.86
N ILE C 360 19.27 -16.20 -18.74
CA ILE C 360 19.63 -17.54 -18.31
C ILE C 360 18.59 -18.49 -18.89
N ALA C 361 17.33 -18.07 -18.86
CA ALA C 361 16.25 -18.86 -19.45
C ALA C 361 16.62 -19.16 -20.91
N GLN C 362 17.05 -18.14 -21.65
CA GLN C 362 17.45 -18.31 -23.06
C GLN C 362 18.64 -19.24 -23.19
N LEU C 363 19.57 -19.19 -22.23
CA LEU C 363 20.74 -20.06 -22.27
C LEU C 363 20.31 -21.52 -22.41
N PHE C 364 19.10 -21.82 -21.95
CA PHE C 364 18.60 -23.17 -22.02
C PHE C 364 17.58 -23.26 -23.17
N SER C 365 16.45 -22.57 -22.98
CA SER C 365 15.38 -22.52 -23.97
C SER C 365 15.78 -22.45 -25.45
N GLN C 366 16.66 -21.52 -25.83
CA GLN C 366 17.04 -21.38 -27.25
C GLN C 366 18.06 -22.41 -27.77
N GLY C 367 18.85 -23.00 -26.87
CA GLY C 367 19.82 -23.99 -27.31
C GLY C 367 21.13 -23.48 -27.90
N LYS C 368 21.22 -23.58 -29.22
CA LYS C 368 22.39 -23.14 -29.96
C LYS C 368 23.76 -23.26 -29.25
N GLY C 369 24.08 -24.45 -28.75
CA GLY C 369 25.37 -24.63 -28.11
C GLY C 369 25.27 -25.08 -26.66
N THR C 370 24.07 -25.00 -26.11
CA THR C 370 23.84 -25.35 -24.74
C THR C 370 22.69 -26.35 -24.67
N LYS C 371 22.90 -27.47 -23.99
CA LYS C 371 21.86 -28.48 -23.85
C LYS C 371 20.65 -27.76 -23.28
N PRO C 372 19.51 -27.87 -23.95
CA PRO C 372 18.25 -27.23 -23.54
C PRO C 372 17.46 -27.66 -22.30
N ASP C 373 17.98 -27.49 -21.09
CA ASP C 373 17.23 -27.87 -19.87
C ASP C 373 15.99 -27.00 -19.73
N PRO C 374 14.80 -27.59 -19.83
CA PRO C 374 13.52 -26.89 -19.73
C PRO C 374 13.01 -26.39 -18.37
N LEU C 375 13.25 -27.14 -17.30
CA LEU C 375 12.77 -26.70 -15.99
C LEU C 375 13.69 -25.55 -15.56
N ASN C 376 15.01 -25.76 -15.74
CA ASN C 376 16.03 -24.72 -15.45
C ASN C 376 15.54 -23.44 -16.17
N ALA C 377 15.24 -23.56 -17.45
CA ALA C 377 14.76 -22.41 -18.23
C ALA C 377 13.43 -21.87 -17.71
N TYR C 378 12.66 -22.74 -17.07
CA TYR C 378 11.36 -22.35 -16.51
C TYR C 378 11.56 -21.63 -15.19
N VAL C 379 12.57 -22.03 -14.42
CA VAL C 379 12.83 -21.39 -13.14
C VAL C 379 13.13 -19.92 -13.45
N PHE C 380 14.27 -19.71 -14.10
CA PHE C 380 14.74 -18.39 -14.48
C PHE C 380 13.71 -17.63 -15.35
N SER C 381 12.93 -18.38 -16.13
CA SER C 381 11.86 -17.80 -16.94
C SER C 381 10.87 -17.15 -15.98
N GLN C 382 10.50 -17.88 -14.93
CA GLN C 382 9.57 -17.38 -13.94
C GLN C 382 10.25 -16.32 -13.10
N LEU C 383 11.55 -16.49 -12.85
CA LEU C 383 12.30 -15.52 -12.08
C LEU C 383 12.28 -14.21 -12.84
N ALA C 384 12.75 -14.27 -14.09
CA ALA C 384 12.79 -13.08 -14.95
C ALA C 384 11.45 -12.37 -15.00
N LYS C 385 10.36 -13.13 -14.95
CA LYS C 385 9.03 -12.55 -14.99
C LYS C 385 8.96 -11.41 -13.97
N ALA C 386 9.79 -11.49 -12.93
CA ALA C 386 9.82 -10.48 -11.88
C ALA C 386 9.96 -9.09 -12.47
N GLN C 387 10.70 -8.99 -13.56
CA GLN C 387 10.92 -7.70 -14.23
C GLN C 387 9.58 -7.04 -14.52
N ASP C 388 8.56 -7.86 -14.81
CA ASP C 388 7.20 -7.38 -15.10
C ASP C 388 7.04 -6.71 -16.45
N THR C 389 7.96 -6.95 -17.38
CA THR C 389 7.89 -6.36 -18.70
C THR C 389 7.18 -7.30 -19.66
N PRO C 390 6.52 -6.72 -20.69
CA PRO C 390 5.80 -7.52 -21.69
C PRO C 390 6.62 -8.68 -22.25
N GLU C 391 7.89 -8.44 -22.57
CA GLU C 391 8.75 -9.49 -23.11
C GLU C 391 8.97 -10.62 -22.11
N ALA C 392 9.41 -10.27 -20.91
CA ALA C 392 9.65 -11.26 -19.88
C ALA C 392 8.31 -11.94 -19.58
N ASN C 393 7.38 -11.16 -19.06
CA ASN C 393 6.06 -11.65 -18.72
C ASN C 393 5.56 -12.58 -19.83
N ASP C 394 5.97 -12.31 -21.06
CA ASP C 394 5.53 -13.08 -22.21
C ASP C 394 6.25 -14.43 -22.44
N LEU C 395 7.57 -14.45 -22.32
CA LEU C 395 8.36 -15.72 -22.54
C LEU C 395 8.11 -16.85 -21.50
N ALA C 396 7.76 -16.45 -20.28
CA ALA C 396 7.49 -17.43 -19.24
C ALA C 396 6.26 -18.23 -19.65
N THR C 397 5.36 -17.58 -20.40
CA THR C 397 4.14 -18.24 -20.87
C THR C 397 4.53 -19.42 -21.76
N GLN C 398 5.19 -19.12 -22.88
CA GLN C 398 5.63 -20.12 -23.87
C GLN C 398 6.39 -21.24 -23.17
N LEU C 399 7.34 -20.80 -22.34
CA LEU C 399 8.24 -21.68 -21.58
C LEU C 399 7.46 -22.61 -20.61
N GLU C 400 6.24 -22.21 -20.23
CA GLU C 400 5.40 -23.00 -19.34
C GLU C 400 4.92 -24.28 -20.02
N ALA C 401 4.51 -24.13 -21.28
CA ALA C 401 4.02 -25.25 -22.06
C ALA C 401 5.16 -26.21 -22.38
N ALA C 409 5.50 -27.31 -10.94
CA ALA C 409 5.54 -27.35 -9.48
C ALA C 409 6.95 -27.63 -8.99
N GLU C 410 7.58 -28.68 -9.54
CA GLU C 410 8.95 -29.01 -9.17
C GLU C 410 9.74 -27.72 -9.31
N GLY C 411 9.45 -26.99 -10.38
CA GLY C 411 10.13 -25.73 -10.64
C GLY C 411 9.80 -24.66 -9.62
N GLN C 412 8.51 -24.46 -9.35
CA GLN C 412 8.10 -23.44 -8.39
C GLN C 412 8.90 -23.61 -7.12
N ARG C 413 9.30 -24.85 -6.87
CA ARG C 413 10.09 -25.20 -5.71
C ARG C 413 11.49 -24.66 -5.92
N LEU C 414 12.12 -25.10 -7.01
CA LEU C 414 13.47 -24.67 -7.36
C LEU C 414 13.56 -23.14 -7.39
N VAL C 415 12.40 -22.50 -7.60
CA VAL C 415 12.34 -21.05 -7.64
C VAL C 415 12.52 -20.43 -6.26
N GLN C 416 11.62 -20.76 -5.34
CA GLN C 416 11.71 -20.21 -3.99
C GLN C 416 13.11 -20.41 -3.43
N GLN C 417 13.69 -21.58 -3.67
CA GLN C 417 15.04 -21.82 -3.19
C GLN C 417 15.92 -20.66 -3.64
N GLU C 418 16.14 -20.52 -4.94
CA GLU C 418 16.97 -19.42 -5.44
C GLU C 418 16.41 -18.09 -4.95
N LEU C 419 15.15 -17.84 -5.25
CA LEU C 419 14.50 -16.59 -4.85
C LEU C 419 14.80 -16.22 -3.41
N ALA C 420 14.35 -17.06 -2.48
CA ALA C 420 14.58 -16.82 -1.07
C ALA C 420 16.09 -16.87 -0.73
N ALA C 421 16.86 -17.57 -1.55
CA ALA C 421 18.30 -17.66 -1.33
C ALA C 421 19.00 -16.39 -1.75
N ARG C 422 18.27 -15.46 -2.37
CA ARG C 422 18.88 -14.22 -2.81
C ARG C 422 18.86 -13.13 -1.78
N GLY C 423 17.76 -13.03 -1.05
CA GLY C 423 17.66 -12.00 -0.03
C GLY C 423 18.13 -12.48 1.33
N THR C 424 19.01 -13.48 1.34
CA THR C 424 19.54 -14.04 2.58
C THR C 424 20.28 -13.01 3.42
N SER C 428 29.02 -12.06 0.61
CA SER C 428 29.52 -12.13 -0.76
C SER C 428 30.71 -13.08 -0.88
N THR C 429 30.90 -13.62 -2.09
CA THR C 429 32.04 -14.49 -2.33
C THR C 429 33.11 -13.59 -2.91
N LEU C 430 34.37 -13.87 -2.62
CA LEU C 430 35.46 -13.04 -3.10
C LEU C 430 35.66 -13.03 -4.62
N GLN C 431 35.57 -11.85 -5.20
CA GLN C 431 35.81 -11.72 -6.63
C GLN C 431 37.17 -11.05 -6.67
N LEU C 432 38.20 -11.86 -6.93
CA LEU C 432 39.56 -11.36 -6.98
C LEU C 432 40.08 -11.22 -8.39
N HIS C 433 41.23 -10.58 -8.52
CA HIS C 433 41.84 -10.40 -9.83
C HIS C 433 43.28 -10.88 -9.84
N ALA C 434 43.77 -11.13 -11.04
CA ALA C 434 45.15 -11.56 -11.23
C ALA C 434 45.59 -10.84 -12.49
N LEU C 435 46.63 -10.04 -12.37
CA LEU C 435 47.08 -9.29 -13.53
C LEU C 435 48.47 -9.68 -13.98
N GLN C 436 48.69 -9.44 -15.27
CA GLN C 436 49.95 -9.71 -15.97
C GLN C 436 50.99 -8.68 -15.51
N GLU C 437 52.20 -9.16 -15.19
CA GLU C 437 53.28 -8.27 -14.72
C GLU C 437 53.97 -7.67 -15.96
N GLU C 438 53.21 -6.86 -16.72
CA GLU C 438 53.76 -6.26 -17.94
C GLU C 438 55.07 -5.58 -17.50
N ALA D 22 36.05 -37.01 8.86
CA ALA D 22 34.73 -37.31 8.24
C ALA D 22 34.91 -37.47 6.73
N GLN D 23 34.89 -36.35 6.01
CA GLN D 23 35.06 -36.36 4.57
C GLN D 23 36.29 -37.19 4.25
N GLN D 24 37.38 -36.89 4.95
CA GLN D 24 38.62 -37.64 4.73
C GLN D 24 38.43 -39.15 4.85
N ASN D 25 37.47 -39.58 5.66
CA ASN D 25 37.19 -41.00 5.87
C ASN D 25 36.16 -41.59 4.87
N TYR D 26 35.04 -40.91 4.65
CA TYR D 26 34.04 -41.40 3.70
C TYR D 26 34.72 -41.67 2.38
N GLN D 27 35.21 -40.60 1.78
CA GLN D 27 35.89 -40.70 0.50
C GLN D 27 36.95 -41.78 0.53
N GLN D 28 37.53 -42.05 1.69
CA GLN D 28 38.55 -43.10 1.75
C GLN D 28 37.88 -44.47 1.67
N LEU D 29 36.66 -44.55 2.23
CA LEU D 29 35.88 -45.78 2.22
C LEU D 29 35.24 -45.98 0.85
N ALA D 30 34.51 -44.96 0.37
CA ALA D 30 33.83 -45.04 -0.92
C ALA D 30 34.81 -45.42 -2.01
N GLU D 31 36.03 -44.93 -1.90
CA GLU D 31 37.04 -45.24 -2.89
C GLU D 31 37.58 -46.63 -2.68
N LEU D 32 37.41 -47.18 -1.48
CA LEU D 32 37.92 -48.52 -1.21
C LEU D 32 36.92 -49.60 -1.64
N GLY D 33 35.65 -49.23 -1.80
CA GLY D 33 34.67 -50.20 -2.20
C GLY D 33 33.34 -50.09 -1.48
N TYR D 34 33.37 -49.66 -0.22
CA TYR D 34 32.15 -49.54 0.58
C TYR D 34 31.05 -48.92 -0.24
N SER D 35 29.89 -49.53 -0.20
CA SER D 35 28.74 -49.03 -0.94
C SER D 35 28.08 -47.93 -0.17
N GLU D 36 26.92 -47.53 -0.68
CA GLU D 36 26.11 -46.49 -0.06
C GLU D 36 25.54 -47.08 1.23
N ALA D 37 24.52 -47.92 1.05
CA ALA D 37 23.84 -48.57 2.13
C ALA D 37 24.79 -49.07 3.22
N GLN D 38 26.03 -49.36 2.85
CA GLN D 38 27.02 -49.88 3.82
C GLN D 38 27.79 -48.86 4.66
N VAL D 39 27.59 -47.58 4.42
CA VAL D 39 28.26 -46.58 5.24
C VAL D 39 27.21 -45.83 6.01
N GLY D 40 26.16 -45.43 5.31
CA GLY D 40 25.07 -44.69 5.90
C GLY D 40 24.35 -44.05 4.73
N LEU D 41 23.08 -44.45 4.58
CA LEU D 41 22.17 -43.97 3.53
C LEU D 41 21.37 -45.11 2.85
N GLN D 129 34.09 -48.61 20.71
CA GLN D 129 35.17 -49.63 20.64
C GLN D 129 34.77 -50.70 21.65
N GLN D 130 33.96 -50.25 22.62
CA GLN D 130 33.41 -51.09 23.70
C GLN D 130 31.90 -51.03 23.43
N GLN D 131 31.49 -49.94 22.78
CA GLN D 131 30.09 -49.74 22.44
C GLN D 131 29.77 -50.70 21.32
N ILE D 132 30.84 -51.21 20.70
CA ILE D 132 30.75 -52.14 19.58
C ILE D 132 30.88 -53.58 20.04
N SER D 133 31.77 -53.82 21.00
CA SER D 133 31.95 -55.18 21.49
C SER D 133 30.65 -55.57 22.18
N GLN D 134 29.88 -54.54 22.59
CA GLN D 134 28.60 -54.74 23.25
C GLN D 134 27.56 -55.20 22.22
N TRP D 135 27.74 -54.76 20.99
CA TRP D 135 26.81 -55.12 19.92
C TRP D 135 27.10 -56.49 19.36
N GLN D 136 28.37 -56.78 19.13
CA GLN D 136 28.75 -58.08 18.59
C GLN D 136 28.61 -59.15 19.67
N ALA D 137 28.32 -58.71 20.88
CA ALA D 137 28.11 -59.62 22.00
C ALA D 137 26.62 -59.91 22.03
N ALA D 138 25.83 -58.87 21.73
CA ALA D 138 24.37 -58.97 21.72
C ALA D 138 23.94 -59.76 20.49
N GLY D 139 24.93 -60.08 19.65
CA GLY D 139 24.66 -60.85 18.46
C GLY D 139 24.06 -60.16 17.26
N TYR D 140 24.34 -58.87 17.08
CA TYR D 140 23.80 -58.17 15.92
C TYR D 140 24.69 -58.47 14.71
N PRO D 141 24.08 -58.72 13.55
CA PRO D 141 24.77 -59.02 12.29
C PRO D 141 25.77 -57.97 11.82
N GLU D 142 25.32 -56.71 11.83
CA GLU D 142 26.14 -55.58 11.39
C GLU D 142 27.33 -55.30 12.30
N ALA D 143 27.25 -55.80 13.53
CA ALA D 143 28.29 -55.62 14.54
C ALA D 143 29.71 -55.80 14.02
N GLY D 144 29.98 -56.96 13.43
CA GLY D 144 31.31 -57.23 12.90
C GLY D 144 31.79 -56.19 11.91
N LEU D 145 30.88 -55.62 11.15
CA LEU D 145 31.23 -54.58 10.17
C LEU D 145 31.70 -53.33 10.92
N ALA D 146 30.88 -52.87 11.87
CA ALA D 146 31.21 -51.69 12.67
C ALA D 146 32.54 -51.88 13.38
N GLN D 147 32.91 -53.13 13.62
CA GLN D 147 34.18 -53.45 14.27
C GLN D 147 35.35 -53.27 13.29
N VAL D 148 35.15 -53.76 12.06
CA VAL D 148 36.18 -53.63 11.03
C VAL D 148 36.23 -52.16 10.63
N LEU D 149 35.07 -51.51 10.56
CA LEU D 149 34.99 -50.09 10.22
C LEU D 149 35.90 -49.30 11.15
N LEU D 150 35.96 -49.74 12.41
CA LEU D 150 36.75 -49.09 13.44
C LEU D 150 38.25 -49.22 13.15
N TYR D 151 38.73 -50.46 13.09
CA TYR D 151 40.16 -50.77 12.81
C TYR D 151 40.71 -49.91 11.64
N ARG D 152 39.75 -49.37 10.88
CA ARG D 152 40.05 -48.50 9.71
C ARG D 152 40.15 -47.05 10.22
N THR D 153 39.04 -46.58 10.82
CA THR D 153 38.94 -45.24 11.35
C THR D 153 39.91 -44.96 12.50
N GLN D 154 40.42 -46.01 13.14
CA GLN D 154 41.38 -45.80 14.21
C GLN D 154 42.72 -45.83 13.52
N GLY D 155 43.10 -46.99 13.01
CA GLY D 155 44.37 -47.12 12.31
C GLY D 155 45.14 -48.34 12.75
N THR D 156 44.53 -49.10 13.65
CA THR D 156 45.14 -50.31 14.19
C THR D 156 44.93 -51.55 13.34
N TYR D 157 44.38 -51.36 12.14
CA TYR D 157 44.09 -52.45 11.21
C TYR D 157 45.21 -53.51 11.11
N ASP D 158 46.46 -53.05 10.99
CA ASP D 158 47.61 -53.94 10.84
C ASP D 158 47.88 -54.84 12.05
N GLN D 159 47.15 -54.59 13.14
CA GLN D 159 47.30 -55.39 14.35
C GLN D 159 46.20 -56.46 14.38
N HIS D 160 44.99 -56.05 14.01
CA HIS D 160 43.81 -56.92 14.01
C HIS D 160 43.54 -57.71 12.73
N LEU D 161 44.57 -57.98 11.96
CA LEU D 161 44.39 -58.72 10.71
C LEU D 161 43.71 -60.06 10.93
N ASP D 162 43.89 -60.64 12.11
CA ASP D 162 43.30 -61.92 12.43
C ASP D 162 41.91 -61.78 13.06
N ASP D 163 41.58 -60.57 13.50
CA ASP D 163 40.28 -60.26 14.09
C ASP D 163 39.33 -60.14 12.91
N VAL D 164 39.75 -59.34 11.93
CA VAL D 164 38.97 -59.11 10.71
C VAL D 164 38.81 -60.38 9.90
N GLU D 165 39.90 -61.12 9.73
CA GLU D 165 39.84 -62.37 8.99
C GLU D 165 38.69 -63.22 9.50
N ARG D 166 38.50 -63.20 10.81
CA ARG D 166 37.44 -63.97 11.46
C ARG D 166 36.08 -63.26 11.39
N ILE D 167 36.09 -61.95 11.55
CA ILE D 167 34.84 -61.17 11.50
C ILE D 167 34.22 -61.26 10.11
N CYS D 168 35.07 -61.18 9.09
CA CYS D 168 34.59 -61.24 7.73
C CYS D 168 34.41 -62.63 7.13
N LYS D 169 35.17 -63.61 7.61
CA LYS D 169 34.98 -64.96 7.10
C LYS D 169 33.53 -65.34 7.36
N ALA D 170 33.03 -64.87 8.50
CA ALA D 170 31.66 -65.15 8.91
C ALA D 170 30.57 -64.27 8.27
N ALA D 171 30.90 -63.03 7.93
CA ALA D 171 29.90 -62.14 7.34
C ALA D 171 29.99 -62.09 5.83
N LEU D 172 30.98 -62.78 5.30
CA LEU D 172 31.23 -62.83 3.87
C LEU D 172 29.98 -62.98 3.00
N ASN D 173 29.06 -63.85 3.43
CA ASN D 173 27.85 -64.12 2.65
C ASN D 173 26.72 -63.09 2.70
N THR D 174 26.70 -62.24 3.72
CA THR D 174 25.65 -61.24 3.83
C THR D 174 26.14 -59.82 3.61
N THR D 175 27.45 -59.62 3.58
CA THR D 175 28.02 -58.30 3.38
C THR D 175 29.15 -58.37 2.35
N ASP D 176 28.86 -57.96 1.11
CA ASP D 176 29.82 -58.05 0.01
C ASP D 176 31.14 -57.28 0.14
N ILE D 177 31.21 -56.32 1.05
CA ILE D 177 32.45 -55.58 1.20
C ILE D 177 33.55 -56.43 1.83
N CYS D 178 33.13 -57.41 2.62
CA CYS D 178 34.06 -58.29 3.28
C CYS D 178 35.02 -58.98 2.30
N TYR D 179 34.65 -59.00 1.03
CA TYR D 179 35.54 -59.62 0.05
C TYR D 179 36.78 -58.71 -0.08
N VAL D 180 36.60 -57.43 0.14
CA VAL D 180 37.72 -56.52 0.05
C VAL D 180 38.71 -56.79 1.18
N GLU D 181 38.19 -56.83 2.41
CA GLU D 181 38.99 -57.05 3.62
C GLU D 181 39.77 -58.37 3.66
N LEU D 182 39.12 -59.48 3.40
CA LEU D 182 39.79 -60.79 3.42
C LEU D 182 40.89 -60.84 2.36
N ALA D 183 40.69 -60.06 1.30
CA ALA D 183 41.69 -60.02 0.24
C ALA D 183 42.89 -59.28 0.78
N THR D 184 42.60 -58.16 1.44
CA THR D 184 43.57 -57.27 2.07
C THR D 184 44.44 -57.95 3.10
N VAL D 185 43.75 -58.53 4.08
CA VAL D 185 44.36 -59.25 5.16
C VAL D 185 45.28 -60.27 4.48
N TYR D 186 44.71 -61.15 3.66
CA TYR D 186 45.52 -62.17 2.98
C TYR D 186 46.73 -61.61 2.21
N GLN D 187 46.61 -60.38 1.72
CA GLN D 187 47.70 -59.74 0.96
C GLN D 187 48.72 -59.15 1.94
N LYS D 188 48.22 -58.64 3.06
CA LYS D 188 49.07 -58.02 4.12
C LYS D 188 49.66 -59.08 5.13
N GLN D 191 49.91 -64.71 2.04
CA GLN D 191 49.11 -65.94 2.00
C GLN D 191 48.29 -66.08 0.72
N PRO D 192 48.96 -66.41 -0.41
CA PRO D 192 48.35 -66.58 -1.73
C PRO D 192 47.44 -67.81 -1.84
N GLU D 193 47.80 -68.89 -1.15
CA GLU D 193 46.98 -70.10 -1.18
C GLU D 193 45.62 -69.80 -0.58
N GLN D 194 45.53 -68.68 0.12
CA GLN D 194 44.27 -68.27 0.75
C GLN D 194 43.57 -67.19 -0.07
N GLN D 195 44.31 -66.57 -1.00
CA GLN D 195 43.76 -65.54 -1.90
C GLN D 195 43.12 -66.28 -3.05
N ALA D 196 43.88 -67.15 -3.70
CA ALA D 196 43.38 -67.93 -4.83
C ALA D 196 42.08 -68.60 -4.43
N GLU D 197 41.97 -68.91 -3.14
CA GLU D 197 40.79 -69.56 -2.59
C GLU D 197 39.65 -68.54 -2.52
N LEU D 198 39.94 -67.41 -1.89
CA LEU D 198 38.95 -66.34 -1.79
C LEU D 198 38.56 -65.88 -3.20
N LEU D 199 39.51 -66.00 -4.14
CA LEU D 199 39.23 -65.62 -5.50
C LEU D 199 38.29 -66.64 -6.13
N LYS D 200 38.40 -67.89 -5.67
CA LYS D 200 37.51 -68.97 -6.13
C LYS D 200 36.09 -68.69 -5.60
N GLN D 201 35.99 -68.19 -4.36
CA GLN D 201 34.70 -67.87 -3.75
C GLN D 201 33.97 -66.70 -4.42
N MET D 202 34.71 -65.64 -4.72
CA MET D 202 34.18 -64.44 -5.37
C MET D 202 33.65 -64.85 -6.76
N GLU D 203 34.46 -65.60 -7.50
CA GLU D 203 34.06 -66.05 -8.81
C GLU D 203 32.78 -66.87 -8.67
N ALA D 204 32.69 -67.68 -7.62
CA ALA D 204 31.50 -68.50 -7.39
C ALA D 204 30.32 -67.58 -7.15
N GLY D 205 30.55 -66.55 -6.36
CA GLY D 205 29.49 -65.62 -6.10
C GLY D 205 29.07 -65.00 -7.41
N VAL D 206 30.05 -64.68 -8.25
CA VAL D 206 29.75 -64.08 -9.54
C VAL D 206 28.77 -64.94 -10.31
N SER D 207 29.01 -66.25 -10.36
CA SER D 207 28.10 -67.16 -11.08
C SER D 207 26.68 -67.13 -10.53
N ARG D 208 26.58 -67.11 -9.20
CA ARG D 208 25.28 -67.14 -8.56
C ARG D 208 24.60 -65.80 -8.49
N GLY D 209 25.25 -64.78 -9.02
CA GLY D 209 24.64 -63.47 -9.01
C GLY D 209 24.70 -62.87 -7.61
N THR D 210 25.76 -63.24 -6.89
CA THR D 210 26.03 -62.81 -5.52
C THR D 210 27.00 -61.63 -5.44
N VAL D 211 27.87 -61.51 -6.44
CA VAL D 211 28.88 -60.48 -6.45
C VAL D 211 28.78 -59.64 -7.70
N THR D 212 28.91 -58.32 -7.56
CA THR D 212 28.80 -57.48 -8.73
C THR D 212 30.17 -57.19 -9.32
N ALA D 213 30.16 -56.51 -10.45
CA ALA D 213 31.39 -56.14 -11.11
C ALA D 213 32.06 -55.04 -10.25
N GLN D 214 31.25 -54.15 -9.68
CA GLN D 214 31.77 -53.08 -8.83
C GLN D 214 32.61 -53.67 -7.70
N ARG D 215 32.16 -54.79 -7.15
CA ARG D 215 32.87 -55.45 -6.07
C ARG D 215 34.13 -56.20 -6.52
N VAL D 216 34.10 -56.76 -7.73
CA VAL D 216 35.28 -57.49 -8.23
C VAL D 216 36.38 -56.48 -8.51
N ASP D 217 35.99 -55.31 -9.01
CA ASP D 217 36.92 -54.25 -9.31
C ASP D 217 37.54 -53.75 -8.02
N SER D 218 36.70 -53.53 -7.01
CA SER D 218 37.19 -53.05 -5.72
C SER D 218 38.22 -54.03 -5.17
N VAL D 219 38.07 -55.32 -5.45
CA VAL D 219 39.04 -56.26 -4.92
C VAL D 219 40.29 -56.32 -5.79
N ALA D 220 40.13 -56.31 -7.09
CA ALA D 220 41.27 -56.33 -8.00
C ALA D 220 42.21 -55.18 -7.67
N ARG D 221 41.64 -54.11 -7.13
CA ARG D 221 42.44 -52.95 -6.79
C ARG D 221 43.28 -53.27 -5.56
N VAL D 222 42.63 -53.92 -4.58
CA VAL D 222 43.33 -54.31 -3.36
C VAL D 222 44.54 -55.13 -3.74
N LEU D 223 44.33 -56.12 -4.60
CA LEU D 223 45.42 -56.97 -5.03
C LEU D 223 46.48 -56.19 -5.78
N GLY D 224 46.10 -55.00 -6.27
CA GLY D 224 47.02 -54.18 -7.02
C GLY D 224 47.53 -52.95 -6.31
N ASP D 225 47.44 -52.94 -4.98
CA ASP D 225 47.93 -51.81 -4.20
C ASP D 225 49.33 -52.10 -3.63
N ALA D 226 50.27 -51.19 -3.85
CA ALA D 226 51.63 -51.39 -3.35
C ALA D 226 51.71 -51.10 -1.86
N THR D 227 50.74 -50.33 -1.35
CA THR D 227 50.70 -49.97 0.06
C THR D 227 50.33 -51.10 1.05
N LEU D 228 50.57 -52.35 0.65
CA LEU D 228 50.29 -53.59 1.45
C LEU D 228 51.56 -54.45 1.34
N GLY D 229 51.37 -55.66 0.81
CA GLY D 229 52.46 -56.60 0.67
C GLY D 229 52.39 -57.16 -0.71
N THR D 230 53.35 -58.02 -1.03
CA THR D 230 53.49 -58.65 -2.35
C THR D 230 52.19 -58.68 -3.21
N PRO D 231 52.15 -57.84 -4.28
CA PRO D 231 51.04 -57.71 -5.23
C PRO D 231 50.93 -58.77 -6.34
N ASP D 232 49.70 -59.06 -6.76
CA ASP D 232 49.48 -60.01 -7.84
C ASP D 232 48.95 -59.23 -9.07
N GLU D 233 49.77 -58.27 -9.48
CA GLU D 233 49.52 -57.41 -10.62
C GLU D 233 48.93 -58.19 -11.77
N LYS D 234 49.53 -59.35 -12.04
CA LYS D 234 49.10 -60.23 -13.12
C LYS D 234 47.65 -60.64 -12.97
N THR D 235 47.18 -60.86 -11.73
CA THR D 235 45.79 -61.27 -11.54
C THR D 235 44.85 -60.08 -11.54
N ALA D 236 45.30 -58.96 -10.98
CA ALA D 236 44.48 -57.76 -10.95
C ALA D 236 44.06 -57.36 -12.37
N GLN D 237 45.03 -57.38 -13.28
CA GLN D 237 44.77 -57.03 -14.67
C GLN D 237 43.76 -58.00 -15.30
N ALA D 238 43.91 -59.28 -14.99
CA ALA D 238 43.02 -60.30 -15.52
C ALA D 238 41.57 -60.08 -15.10
N LEU D 239 41.34 -59.81 -13.80
CA LEU D 239 39.99 -59.56 -13.30
C LEU D 239 39.39 -58.32 -13.95
N LEU D 240 40.19 -57.26 -14.04
CA LEU D 240 39.74 -56.01 -14.63
C LEU D 240 39.44 -56.09 -16.11
N GLU D 241 40.28 -56.82 -16.86
CA GLU D 241 40.06 -56.95 -18.30
C GLU D 241 38.78 -57.74 -18.63
N LYS D 242 38.40 -58.65 -17.74
CA LYS D 242 37.19 -59.46 -17.96
C LYS D 242 35.91 -58.68 -17.69
N ILE D 243 35.94 -57.81 -16.68
CA ILE D 243 34.74 -57.04 -16.35
C ILE D 243 34.67 -55.67 -16.99
N ALA D 244 35.78 -55.15 -17.47
CA ALA D 244 35.75 -53.81 -18.04
C ALA D 244 34.75 -53.57 -19.16
N PRO D 245 34.49 -54.56 -20.01
CA PRO D 245 33.54 -54.31 -21.09
C PRO D 245 32.12 -54.12 -20.56
N GLY D 246 31.82 -54.78 -19.44
CA GLY D 246 30.51 -54.63 -18.84
C GLY D 246 30.47 -53.68 -17.66
N TYR D 247 31.64 -53.19 -17.22
CA TYR D 247 31.81 -52.24 -16.10
C TYR D 247 32.97 -51.32 -16.54
N PRO D 248 32.66 -50.28 -17.32
CA PRO D 248 33.65 -49.34 -17.85
C PRO D 248 34.60 -48.59 -16.91
N ALA D 249 34.19 -48.35 -15.67
CA ALA D 249 35.07 -47.67 -14.74
C ALA D 249 36.38 -48.46 -14.61
N SER D 250 36.32 -49.75 -14.91
CA SER D 250 37.51 -50.59 -14.78
C SER D 250 38.58 -50.29 -15.80
N TRP D 251 38.24 -49.61 -16.88
CA TRP D 251 39.24 -49.27 -17.89
C TRP D 251 40.17 -48.28 -17.21
N VAL D 252 39.55 -47.35 -16.47
CA VAL D 252 40.28 -46.34 -15.74
C VAL D 252 41.12 -47.06 -14.70
N SER D 253 40.54 -48.01 -13.98
CA SER D 253 41.30 -48.75 -12.98
C SER D 253 42.53 -49.41 -13.62
N LEU D 254 42.37 -49.99 -14.83
CA LEU D 254 43.50 -50.62 -15.52
C LEU D 254 44.58 -49.58 -15.87
N ALA D 255 44.17 -48.41 -16.32
CA ALA D 255 45.10 -47.35 -16.67
C ALA D 255 45.98 -47.02 -15.45
N GLN D 256 45.31 -46.84 -14.32
CA GLN D 256 45.99 -46.53 -13.08
C GLN D 256 46.89 -47.71 -12.67
N LEU D 257 46.48 -48.93 -13.01
CA LEU D 257 47.25 -50.13 -12.69
C LEU D 257 48.49 -50.25 -13.57
N LEU D 258 48.37 -49.84 -14.83
CA LEU D 258 49.51 -49.88 -15.74
C LEU D 258 50.52 -48.85 -15.24
N TYR D 259 50.01 -47.71 -14.78
CA TYR D 259 50.85 -46.64 -14.28
C TYR D 259 51.64 -47.09 -13.06
N ASP D 260 50.95 -47.73 -12.11
CA ASP D 260 51.60 -48.19 -10.88
C ASP D 260 52.55 -49.37 -11.10
N PHE D 261 52.45 -50.02 -12.26
CA PHE D 261 53.32 -51.13 -12.60
C PHE D 261 53.70 -51.08 -14.06
N PRO D 262 54.54 -50.10 -14.43
CA PRO D 262 54.97 -49.95 -15.82
C PRO D 262 55.23 -51.32 -16.42
N GLU D 263 55.82 -52.20 -15.62
CA GLU D 263 56.16 -53.53 -16.07
C GLU D 263 55.08 -54.24 -16.87
N LEU D 264 53.89 -54.39 -16.30
CA LEU D 264 52.83 -55.10 -17.02
C LEU D 264 52.13 -54.30 -18.09
N GLY D 265 52.89 -53.83 -19.09
CA GLY D 265 52.29 -53.08 -20.17
C GLY D 265 53.17 -52.03 -20.80
N ASP D 266 52.78 -51.60 -22.00
CA ASP D 266 53.54 -50.58 -22.71
C ASP D 266 52.61 -49.40 -23.00
N VAL D 267 53.11 -48.37 -23.66
CA VAL D 267 52.29 -47.19 -23.91
C VAL D 267 51.09 -47.44 -24.82
N GLU D 268 51.21 -48.38 -25.75
CA GLU D 268 50.09 -48.65 -26.63
C GLU D 268 48.94 -49.23 -25.80
N GLN D 269 49.28 -49.99 -24.78
CA GLN D 269 48.31 -50.62 -23.91
C GLN D 269 47.63 -49.54 -23.09
N MET D 270 48.43 -48.61 -22.56
CA MET D 270 47.93 -47.49 -21.76
C MET D 270 46.92 -46.64 -22.56
N MET D 271 47.25 -46.31 -23.80
CA MET D 271 46.35 -45.49 -24.59
C MET D 271 45.06 -46.24 -24.82
N LYS D 272 45.22 -47.54 -25.04
CA LYS D 272 44.10 -48.41 -25.28
C LYS D 272 43.12 -48.43 -24.09
N TYR D 273 43.64 -48.56 -22.88
CA TYR D 273 42.77 -48.57 -21.74
C TYR D 273 42.10 -47.22 -21.64
N LEU D 274 42.86 -46.15 -21.81
CA LEU D 274 42.28 -44.82 -21.69
C LEU D 274 41.22 -44.49 -22.72
N ASP D 275 41.41 -44.92 -23.96
CA ASP D 275 40.41 -44.64 -24.99
C ASP D 275 39.12 -45.43 -24.74
N ASN D 276 39.23 -46.63 -24.18
CA ASN D 276 38.03 -47.42 -23.87
C ASN D 276 37.23 -46.70 -22.78
N GLY D 277 37.93 -46.16 -21.78
CA GLY D 277 37.26 -45.45 -20.70
C GLY D 277 36.61 -44.19 -21.24
N ARG D 278 37.37 -43.48 -22.06
CA ARG D 278 36.85 -42.26 -22.64
C ARG D 278 35.61 -42.53 -23.50
N ALA D 279 35.62 -43.61 -24.27
CA ALA D 279 34.51 -43.94 -25.14
C ALA D 279 33.29 -44.32 -24.34
N ALA D 280 33.52 -44.94 -23.19
CA ALA D 280 32.42 -45.35 -22.32
C ALA D 280 31.99 -44.15 -21.47
N ASP D 281 32.50 -42.98 -21.82
CA ASP D 281 32.16 -41.76 -21.11
C ASP D 281 32.59 -41.68 -19.63
N GLN D 282 33.79 -42.17 -19.34
CA GLN D 282 34.35 -42.10 -18.00
C GLN D 282 35.15 -40.79 -17.91
N PRO D 283 34.65 -39.81 -17.15
CA PRO D 283 35.38 -38.55 -17.04
C PRO D 283 36.82 -38.73 -16.53
N ARG D 284 37.03 -39.59 -15.56
CA ARG D 284 38.41 -39.77 -15.09
C ARG D 284 39.36 -40.17 -16.22
N ALA D 285 38.82 -40.85 -17.24
CA ALA D 285 39.62 -41.26 -18.38
C ALA D 285 40.22 -40.03 -19.04
N GLU D 286 39.42 -38.99 -19.17
CA GLU D 286 39.91 -37.77 -19.76
C GLU D 286 40.92 -37.12 -18.81
N LEU D 287 40.66 -37.19 -17.50
CA LEU D 287 41.57 -36.61 -16.52
C LEU D 287 42.92 -37.29 -16.61
N LEU D 288 42.93 -38.63 -16.61
CA LEU D 288 44.18 -39.35 -16.72
C LEU D 288 44.89 -39.10 -18.05
N LEU D 289 44.12 -38.88 -19.11
CA LEU D 289 44.70 -38.64 -20.41
C LEU D 289 45.38 -37.28 -20.39
N GLY D 290 44.75 -36.28 -19.79
CA GLY D 290 45.38 -34.98 -19.76
C GLY D 290 46.67 -35.09 -18.99
N LYS D 291 46.57 -35.80 -17.88
CA LYS D 291 47.72 -36.01 -17.04
C LYS D 291 48.85 -36.74 -17.77
N LEU D 292 48.54 -37.65 -18.68
CA LEU D 292 49.63 -38.30 -19.41
C LEU D 292 50.43 -37.18 -20.15
N TYR D 293 49.76 -36.21 -20.77
CA TYR D 293 50.47 -35.14 -21.50
C TYR D 293 51.06 -34.04 -20.62
N TYR D 294 50.50 -33.92 -19.44
CA TYR D 294 50.91 -32.97 -18.43
C TYR D 294 52.25 -33.41 -17.83
N GLU D 295 52.35 -34.66 -17.40
CA GLU D 295 53.58 -35.17 -16.77
C GLU D 295 54.69 -35.51 -17.79
N GLY D 296 54.31 -36.02 -18.96
CA GLY D 296 55.27 -36.37 -19.99
C GLY D 296 56.13 -37.56 -19.60
N LYS D 297 55.59 -38.41 -18.74
CA LYS D 297 56.30 -39.62 -18.27
C LYS D 297 56.16 -40.80 -19.23
N TRP D 298 54.95 -41.00 -19.77
CA TRP D 298 54.67 -42.11 -20.70
C TRP D 298 54.73 -41.67 -22.16
N VAL D 299 54.51 -40.38 -22.39
CA VAL D 299 54.54 -39.83 -23.73
C VAL D 299 55.19 -38.47 -23.67
N PRO D 300 55.68 -37.97 -24.79
CA PRO D 300 56.31 -36.65 -24.74
C PRO D 300 55.28 -35.63 -24.30
N ALA D 301 55.60 -34.86 -23.27
CA ALA D 301 54.71 -33.82 -22.75
C ALA D 301 54.16 -32.95 -23.89
N ASP D 302 52.96 -32.41 -23.68
CA ASP D 302 52.31 -31.56 -24.67
C ASP D 302 51.18 -30.77 -23.98
N ALA D 303 51.51 -29.57 -23.55
CA ALA D 303 50.58 -28.68 -22.88
C ALA D 303 49.25 -28.50 -23.63
N LYS D 304 49.27 -28.26 -24.95
CA LYS D 304 48.02 -28.09 -25.71
C LYS D 304 47.11 -29.29 -25.55
N ALA D 305 47.67 -30.47 -25.79
CA ALA D 305 46.90 -31.69 -25.66
C ALA D 305 46.40 -31.86 -24.22
N ALA D 306 47.25 -31.61 -23.25
CA ALA D 306 46.85 -31.76 -21.86
C ALA D 306 45.66 -30.88 -21.61
N GLU D 307 45.74 -29.63 -22.07
CA GLU D 307 44.67 -28.68 -21.90
C GLU D 307 43.37 -29.24 -22.49
N ALA D 308 43.45 -29.82 -23.67
CA ALA D 308 42.27 -30.39 -24.33
C ALA D 308 41.57 -31.38 -23.45
N HIS D 309 42.30 -32.42 -23.04
CA HIS D 309 41.72 -33.46 -22.20
C HIS D 309 41.14 -32.98 -20.88
N PHE D 310 41.83 -32.07 -20.21
CA PHE D 310 41.35 -31.55 -18.93
C PHE D 310 40.05 -30.81 -19.15
N GLU D 311 39.99 -30.00 -20.20
CA GLU D 311 38.78 -29.24 -20.48
C GLU D 311 37.60 -30.19 -20.57
N LYS D 312 37.77 -31.31 -21.27
CA LYS D 312 36.70 -32.30 -21.41
C LYS D 312 36.28 -32.96 -20.12
N ALA D 313 37.01 -32.73 -19.03
CA ALA D 313 36.63 -33.32 -17.75
C ALA D 313 36.22 -32.21 -16.77
N VAL D 314 36.27 -30.97 -17.24
CA VAL D 314 35.91 -29.87 -16.35
C VAL D 314 34.43 -29.96 -15.98
N GLY D 315 34.16 -29.88 -14.68
CA GLY D 315 32.80 -29.97 -14.22
C GLY D 315 32.42 -31.40 -13.87
N ARG D 316 33.28 -32.35 -14.17
CA ARG D 316 32.95 -33.74 -13.85
C ARG D 316 34.01 -34.25 -12.87
N GLU D 317 35.23 -33.77 -13.02
CA GLU D 317 36.31 -34.20 -12.14
C GLU D 317 36.90 -32.96 -11.52
N VAL D 318 36.80 -32.84 -10.20
CA VAL D 318 37.29 -31.68 -9.48
C VAL D 318 38.73 -31.30 -9.82
N ALA D 319 39.61 -32.29 -9.87
CA ALA D 319 41.00 -32.03 -10.16
C ALA D 319 41.29 -31.46 -11.53
N ALA D 320 40.32 -31.52 -12.44
CA ALA D 320 40.56 -30.99 -13.77
C ALA D 320 40.84 -29.50 -13.67
N ASP D 321 40.00 -28.79 -12.90
CA ASP D 321 40.20 -27.36 -12.75
C ASP D 321 41.56 -27.00 -12.18
N TYR D 322 42.07 -27.87 -11.32
CA TYR D 322 43.35 -27.64 -10.70
C TYR D 322 44.51 -27.72 -11.70
N TYR D 323 44.62 -28.83 -12.42
CA TYR D 323 45.69 -28.97 -13.40
C TYR D 323 45.63 -27.88 -14.46
N LEU D 324 44.44 -27.53 -14.90
CA LEU D 324 44.35 -26.48 -15.90
C LEU D 324 44.93 -25.23 -15.28
N GLY D 325 44.69 -25.04 -13.99
CA GLY D 325 45.19 -23.88 -13.27
C GLY D 325 46.70 -23.85 -13.14
N GLN D 326 47.31 -25.00 -12.99
CA GLN D 326 48.77 -25.12 -12.89
C GLN D 326 49.32 -24.81 -14.30
N ILE D 327 48.69 -25.37 -15.31
CA ILE D 327 49.12 -25.09 -16.67
C ILE D 327 49.14 -23.57 -16.93
N TYR D 328 48.04 -22.91 -16.65
CA TYR D 328 47.95 -21.46 -16.88
C TYR D 328 48.83 -20.66 -15.94
N ARG D 329 49.00 -21.14 -14.72
CA ARG D 329 49.84 -20.43 -13.76
C ARG D 329 51.31 -20.48 -14.17
N ARG D 330 51.81 -21.69 -14.44
CA ARG D 330 53.21 -21.93 -14.80
C ARG D 330 53.59 -21.52 -16.21
N GLY D 331 52.60 -21.17 -17.02
CA GLY D 331 52.85 -20.78 -18.40
C GLY D 331 53.25 -21.90 -19.35
N TYR D 332 52.92 -23.14 -19.02
CA TYR D 332 53.26 -24.30 -19.84
C TYR D 332 52.82 -24.24 -21.31
N LEU D 333 51.74 -23.51 -21.62
CA LEU D 333 51.28 -23.42 -23.02
C LEU D 333 52.05 -22.40 -23.84
N GLY D 334 52.98 -21.67 -23.22
CA GLY D 334 53.74 -20.65 -23.94
C GLY D 334 53.67 -19.30 -23.23
N LYS D 335 52.50 -18.93 -22.75
CA LYS D 335 52.29 -17.68 -22.04
C LYS D 335 51.67 -18.06 -20.71
N VAL D 336 51.65 -17.09 -19.80
CA VAL D 336 51.06 -17.28 -18.49
C VAL D 336 49.73 -16.58 -18.62
N TYR D 337 48.65 -17.24 -18.19
CA TYR D 337 47.33 -16.64 -18.26
C TYR D 337 46.88 -16.46 -16.83
N PRO D 338 47.14 -15.30 -16.23
CA PRO D 338 46.79 -14.97 -14.85
C PRO D 338 45.34 -15.12 -14.43
N GLN D 339 44.41 -14.48 -15.13
CA GLN D 339 43.03 -14.61 -14.68
C GLN D 339 42.51 -16.05 -14.87
N LYS D 340 42.89 -16.70 -15.98
CA LYS D 340 42.48 -18.08 -16.24
C LYS D 340 42.96 -18.95 -15.06
N ALA D 341 44.23 -18.81 -14.71
CA ALA D 341 44.81 -19.57 -13.61
C ALA D 341 44.03 -19.36 -12.31
N LEU D 342 43.74 -18.11 -11.98
CA LEU D 342 43.01 -17.83 -10.75
C LEU D 342 41.62 -18.43 -10.76
N ASP D 343 40.86 -18.18 -11.84
CA ASP D 343 39.49 -18.72 -11.93
C ASP D 343 39.44 -20.22 -11.66
N HIS D 344 40.23 -20.98 -12.42
CA HIS D 344 40.27 -22.41 -12.28
C HIS D 344 40.79 -22.85 -10.91
N LEU D 345 41.79 -22.17 -10.40
CA LEU D 345 42.29 -22.55 -9.10
C LEU D 345 41.25 -22.28 -8.03
N LEU D 346 40.51 -21.17 -8.17
CA LEU D 346 39.51 -20.81 -7.18
C LEU D 346 38.34 -21.80 -7.17
N THR D 347 37.84 -22.12 -8.37
CA THR D 347 36.76 -23.10 -8.53
C THR D 347 37.16 -24.39 -7.81
N ALA D 348 38.35 -24.90 -8.18
CA ALA D 348 38.88 -26.12 -7.60
C ALA D 348 38.97 -26.01 -6.10
N ALA D 349 39.47 -24.88 -5.62
CA ALA D 349 39.60 -24.71 -4.17
C ALA D 349 38.23 -24.74 -3.53
N ARG D 350 37.26 -24.11 -4.18
CA ARG D 350 35.90 -24.06 -3.67
C ARG D 350 35.18 -25.39 -3.82
N ASN D 351 35.73 -26.31 -4.60
CA ASN D 351 35.09 -27.61 -4.75
C ASN D 351 35.74 -28.63 -3.83
N GLY D 352 36.54 -28.16 -2.87
CA GLY D 352 37.19 -29.05 -1.93
C GLY D 352 38.62 -29.51 -2.25
N GLN D 353 39.15 -29.12 -3.39
CA GLN D 353 40.52 -29.51 -3.79
C GLN D 353 41.54 -29.04 -2.74
N ASN D 354 42.09 -29.99 -2.00
CA ASN D 354 43.03 -29.67 -0.93
C ASN D 354 44.30 -28.88 -1.20
N SER D 355 44.71 -28.69 -2.45
CA SER D 355 45.96 -27.97 -2.64
C SER D 355 45.89 -26.76 -3.56
N ALA D 356 44.67 -26.37 -3.95
CA ALA D 356 44.51 -25.22 -4.83
C ALA D 356 44.85 -23.89 -4.14
N ASP D 357 44.51 -23.77 -2.85
CA ASP D 357 44.79 -22.54 -2.10
C ASP D 357 46.29 -22.26 -2.09
N PHE D 358 47.08 -23.32 -1.99
CA PHE D 358 48.51 -23.18 -2.03
C PHE D 358 48.92 -22.69 -3.42
N ALA D 359 48.33 -23.26 -4.46
CA ALA D 359 48.67 -22.84 -5.82
C ALA D 359 48.27 -21.38 -6.06
N ILE D 360 47.22 -20.93 -5.38
CA ILE D 360 46.80 -19.54 -5.55
C ILE D 360 47.71 -18.63 -4.74
N ALA D 361 48.17 -19.07 -3.58
CA ALA D 361 49.10 -18.23 -2.81
C ALA D 361 50.38 -18.02 -3.65
N GLN D 362 50.79 -19.05 -4.38
CA GLN D 362 52.00 -18.94 -5.22
C GLN D 362 51.76 -18.00 -6.39
N LEU D 363 50.57 -18.07 -6.96
CA LEU D 363 50.21 -17.25 -8.09
C LEU D 363 50.34 -15.78 -7.75
N PHE D 364 50.10 -15.43 -6.49
CA PHE D 364 50.16 -14.04 -6.08
C PHE D 364 51.46 -13.59 -5.44
N SER D 365 52.45 -14.48 -5.39
CA SER D 365 53.71 -14.13 -4.76
C SER D 365 55.01 -14.47 -5.50
N GLN D 366 54.94 -15.09 -6.67
CA GLN D 366 56.18 -15.42 -7.35
C GLN D 366 56.45 -14.73 -8.67
N GLY D 367 55.60 -13.79 -9.04
CA GLY D 367 55.82 -13.13 -10.31
C GLY D 367 55.76 -14.14 -11.46
N LYS D 368 56.87 -14.30 -12.17
CA LYS D 368 56.94 -15.23 -13.30
C LYS D 368 55.71 -15.05 -14.20
N GLY D 369 55.35 -13.80 -14.47
CA GLY D 369 54.20 -13.51 -15.32
C GLY D 369 53.01 -12.87 -14.65
N THR D 370 52.80 -13.20 -13.39
CA THR D 370 51.69 -12.65 -12.63
C THR D 370 52.20 -11.62 -11.63
N LYS D 371 51.55 -10.46 -11.61
CA LYS D 371 51.90 -9.39 -10.69
C LYS D 371 51.74 -9.87 -9.25
N PRO D 372 52.77 -9.69 -8.42
CA PRO D 372 52.61 -10.13 -7.03
C PRO D 372 51.59 -9.26 -6.31
N ASP D 373 51.00 -9.79 -5.25
CA ASP D 373 49.98 -9.10 -4.46
C ASP D 373 50.07 -9.70 -3.06
N PRO D 374 50.83 -9.03 -2.18
CA PRO D 374 51.00 -9.50 -0.80
C PRO D 374 49.71 -9.92 -0.11
N LEU D 375 48.69 -9.08 -0.20
CA LEU D 375 47.42 -9.34 0.47
C LEU D 375 46.74 -10.65 0.08
N ASN D 376 46.33 -10.74 -1.20
CA ASN D 376 45.67 -11.94 -1.70
C ASN D 376 46.54 -13.12 -1.34
N ALA D 377 47.83 -12.94 -1.62
CA ALA D 377 48.85 -13.95 -1.37
C ALA D 377 48.79 -14.47 0.05
N TYR D 378 48.75 -13.53 0.99
CA TYR D 378 48.69 -13.89 2.40
C TYR D 378 47.38 -14.59 2.72
N VAL D 379 46.28 -14.15 2.10
CA VAL D 379 44.97 -14.75 2.36
C VAL D 379 44.92 -16.24 1.99
N PHE D 380 45.24 -16.54 0.73
CA PHE D 380 45.22 -17.93 0.27
C PHE D 380 46.29 -18.75 0.91
N SER D 381 47.34 -18.04 1.31
CA SER D 381 48.48 -18.60 1.99
C SER D 381 47.99 -19.12 3.34
N GLN D 382 47.06 -18.36 3.93
CA GLN D 382 46.46 -18.70 5.23
C GLN D 382 45.46 -19.84 5.08
N LEU D 383 44.63 -19.78 4.05
CA LEU D 383 43.65 -20.82 3.81
C LEU D 383 44.39 -22.14 3.58
N ALA D 384 45.51 -22.06 2.88
CA ALA D 384 46.31 -23.26 2.58
C ALA D 384 46.75 -24.03 3.83
N LYS D 385 46.73 -23.38 4.97
CA LYS D 385 47.16 -24.02 6.20
C LYS D 385 46.39 -25.28 6.55
N ALA D 386 45.13 -25.37 6.13
CA ALA D 386 44.35 -26.56 6.42
C ALA D 386 44.80 -27.75 5.55
N THR D 389 50.86 -30.26 7.37
CA THR D 389 51.62 -29.96 6.16
C THR D 389 52.65 -28.86 6.37
N PRO D 390 53.93 -29.23 6.48
CA PRO D 390 55.02 -28.27 6.68
C PRO D 390 55.16 -27.18 5.62
N GLU D 391 55.31 -27.57 4.36
CA GLU D 391 55.46 -26.63 3.26
C GLU D 391 54.35 -25.55 3.26
N ALA D 392 53.16 -25.92 3.70
CA ALA D 392 52.03 -25.00 3.76
C ALA D 392 52.22 -23.99 4.89
N ASN D 393 52.66 -24.49 6.05
CA ASN D 393 52.93 -23.64 7.21
C ASN D 393 54.08 -22.68 6.95
N ASP D 394 55.21 -23.21 6.47
CA ASP D 394 56.39 -22.42 6.16
C ASP D 394 56.06 -21.28 5.19
N LEU D 395 55.42 -21.61 4.07
CA LEU D 395 55.04 -20.61 3.07
C LEU D 395 54.09 -19.57 3.68
N ALA D 396 53.26 -20.03 4.62
CA ALA D 396 52.32 -19.15 5.30
C ALA D 396 53.10 -18.11 6.09
N THR D 397 54.02 -18.58 6.92
CA THR D 397 54.82 -17.69 7.73
C THR D 397 55.50 -16.64 6.83
N GLN D 398 56.27 -17.12 5.86
CA GLN D 398 56.99 -16.27 4.93
C GLN D 398 56.19 -15.07 4.40
N LEU D 399 54.95 -15.33 3.99
CA LEU D 399 54.07 -14.31 3.43
C LEU D 399 53.35 -13.48 4.48
N GLU D 400 53.45 -13.91 5.73
CA GLU D 400 52.81 -13.21 6.84
C GLU D 400 53.71 -12.06 7.30
N ALA D 401 55.01 -12.36 7.40
CA ALA D 401 56.03 -11.42 7.84
C ALA D 401 56.01 -10.06 7.15
N PRO D 402 56.05 -10.03 5.81
CA PRO D 402 56.03 -8.77 5.07
C PRO D 402 54.93 -7.82 5.52
N LEU D 403 53.77 -8.39 5.88
CA LEU D 403 52.61 -7.61 6.27
C LEU D 403 52.61 -6.98 7.67
N THR D 404 52.03 -5.78 7.74
CA THR D 404 51.91 -5.04 8.98
C THR D 404 50.69 -5.62 9.68
N PRO D 405 50.54 -5.39 11.00
CA PRO D 405 49.37 -5.94 11.70
C PRO D 405 48.04 -5.40 11.18
N ALA D 406 48.09 -4.25 10.51
CA ALA D 406 46.88 -3.65 9.95
C ALA D 406 46.48 -4.50 8.74
N GLN D 407 47.38 -4.62 7.77
CA GLN D 407 47.14 -5.43 6.58
C GLN D 407 46.72 -6.84 6.99
N ARG D 408 47.46 -7.37 7.96
CA ARG D 408 47.23 -8.72 8.48
C ARG D 408 45.81 -8.96 8.98
N ALA D 409 45.21 -7.93 9.59
CA ALA D 409 43.84 -8.04 10.12
C ALA D 409 42.82 -7.85 9.01
N GLU D 410 43.25 -7.16 7.96
CA GLU D 410 42.44 -6.88 6.78
C GLU D 410 42.36 -8.10 5.84
N GLY D 411 43.32 -9.00 5.92
CA GLY D 411 43.29 -10.18 5.07
C GLY D 411 42.68 -11.34 5.80
N GLN D 412 42.92 -11.36 7.11
CA GLN D 412 42.41 -12.43 8.00
C GLN D 412 40.87 -12.38 8.12
N ARG D 413 40.26 -11.30 7.61
CA ARG D 413 38.81 -11.24 7.64
C ARG D 413 38.39 -11.72 6.25
N LEU D 414 39.16 -11.34 5.24
CA LEU D 414 38.88 -11.78 3.87
C LEU D 414 38.89 -13.31 3.92
N VAL D 415 39.85 -13.85 4.66
CA VAL D 415 39.97 -15.29 4.85
C VAL D 415 38.63 -15.80 5.38
N GLN D 416 38.15 -15.17 6.43
CA GLN D 416 36.89 -15.60 6.99
C GLN D 416 35.74 -15.48 5.99
N GLN D 417 35.70 -14.38 5.25
CA GLN D 417 34.64 -14.21 4.27
C GLN D 417 34.65 -15.34 3.25
N GLU D 418 35.83 -15.77 2.83
CA GLU D 418 35.92 -16.86 1.87
C GLU D 418 35.48 -18.15 2.54
N LEU D 419 35.89 -18.36 3.79
CA LEU D 419 35.47 -19.58 4.49
C LEU D 419 33.97 -19.60 4.69
N ALA D 420 33.40 -18.44 4.99
CA ALA D 420 31.95 -18.34 5.20
C ALA D 420 31.23 -18.63 3.89
N ALA D 421 31.83 -18.25 2.78
CA ALA D 421 31.18 -18.49 1.50
C ALA D 421 31.24 -19.96 1.12
N ARG D 422 32.33 -20.63 1.50
CA ARG D 422 32.48 -22.04 1.17
C ARG D 422 31.45 -22.91 1.90
N GLY D 423 31.28 -22.72 3.21
CA GLY D 423 30.31 -23.49 3.96
C GLY D 423 29.02 -23.82 3.20
N THR D 424 28.55 -22.88 2.38
CA THR D 424 27.37 -23.08 1.56
C THR D 424 27.64 -24.11 0.45
N GLN D 427 23.47 -25.84 -6.92
CA GLN D 427 24.33 -26.27 -8.02
C GLN D 427 23.56 -26.51 -9.33
N SER D 428 23.69 -25.57 -10.26
CA SER D 428 23.07 -25.64 -11.60
C SER D 428 24.25 -25.99 -12.47
N THR D 429 24.04 -26.70 -13.55
CA THR D 429 25.22 -27.02 -14.32
C THR D 429 25.30 -26.60 -15.78
N LEU D 430 26.54 -26.28 -16.16
CA LEU D 430 26.96 -25.89 -17.52
C LEU D 430 26.34 -26.76 -18.63
CL CL E . -37.01 -14.34 21.45
C1 GOL F . 4.67 32.35 0.33
O1 GOL F . 4.77 33.71 0.69
C2 GOL F . 3.50 32.15 -0.64
O2 GOL F . 3.72 32.93 -1.83
C3 GOL F . 3.41 30.67 -1.02
O3 GOL F . 2.32 30.45 -1.93
CL CL G . -19.35 42.61 -10.60
C1 GOL H . 30.35 7.19 -34.23
O1 GOL H . 31.10 8.28 -34.77
C2 GOL H . 29.17 7.73 -33.45
O2 GOL H . 28.36 8.49 -34.33
C3 GOL H . 28.34 6.58 -32.87
O3 GOL H . 27.23 7.11 -32.13
CL CL I . 14.67 13.08 -11.67
C1 GOL J . 0.36 11.87 1.93
O1 GOL J . 0.35 12.09 0.52
C2 GOL J . 1.68 11.22 2.35
O2 GOL J . 2.77 12.04 1.96
C3 GOL J . 1.69 11.01 3.86
O3 GOL J . 2.95 10.41 4.24
C1 GOL K . 56.87 -46.02 -20.04
O1 GOL K . 57.06 -47.21 -20.79
C2 GOL K . 56.83 -46.38 -18.56
O2 GOL K . 58.07 -47.00 -18.20
C3 GOL K . 56.62 -45.14 -17.71
O3 GOL K . 56.60 -45.53 -16.35
#